data_8HJV
#
_entry.id   8HJV
#
loop_
_entity.id
_entity.type
_entity.pdbx_description
1 polymer 'Beta subunit of light-harvesting 1'
2 polymer 'Alpha subunit of light-harvesting 1'
3 polymer 'Reaction center protein L chain'
4 polymer 'Reaction center protein M chain'
5 polymer 'SUBUNIT Y'
6 polymer 'MULTIHEME_CYTC DOMAIN-CONTAINING PROTEIN'
7 polymer 'SUBUNIT Z'
8 non-polymer 'BACTERIOCHLOROPHYLL A'
9 non-polymer beta,psi-caroten-4-one
10 non-polymer 'BACTERIOPHEOPHYTIN A'
11 non-polymer '2-methyl-3-[(2E,6E,10E,14E,18E,22E,26E,30E,34E,38E)-3,7,11,15,19,23,27,31,35,39,43-undecamethyltetratetraconta-2,6,10,1 4,18,22,26,30,34,38,42-undecaen-1-yl]naphthalene-1,4-dione'
12 non-polymer 'FE (III) ION'
13 non-polymer '(1R)-2-{[{[(2S)-2,3-DIHYDROXYPROPYL]OXY}(HYDROXY)PHOSPHORYL]OXY}-1-[(PALMITOYLOXY)METHYL]ETHYL (11E)-OCTADEC-11-ENOATE'
14 non-polymer 'PROTOPORPHYRIN IX CONTAINING FE'
#
loop_
_entity_poly.entity_id
_entity_poly.type
_entity_poly.pdbx_seq_one_letter_code
_entity_poly.pdbx_strand_id
1 'polypeptide(L)' MTDKPQNDLVPDQWKPLFNNAQWLVHDIVVKTIYGGLIIAVIAHVLCWAWTPWIR 0,2,4,6,8,B,E,G,I,K,O,Q,S,U,W
2 'polypeptide(L)' MKDRPFEFRTSVVVSTLLGLVMALLIHFVVLSSGAFNWLRAP 1,3,5,7,9,A,D,F,H,J,N,P,R,T,V
3 'polypeptide(L)'
;MSAVPRALPLPSGETLPAEAISSTGSQAASAEVIPFSIIEEFYKRPGKTLAARFFGVDPFDFWIGRFYVGLFGAISIIGI
ILGVAFYLYEGVVNEGTLNILAMRIEPPPVSQGLNVDPAQPGFFWFLTMVAATIAFVGWLLRQIDISLKLDMGMEVPIAF
GAVVSSWITLQWLRPIAMGAWGHGFPLGITHHLDWVSNIGYQYYNFFYNPFHAIGITLLFASTLFLHMHGSAVLSEAKRN
ISDQNIHVFWRNILGYSIGEIGIHRVAFWTGAASVLFSNLCIFLSGTFVKDWNAFWGFWDKMPIWNGVGQGALVA
;
L
4 'polypeptide(L)'
;PIDLHDEEYRDGLEGTIAKPPGHVGWMQRLLGEGQVGPIYVGLWGVISFITFFASAFIILVDYGRQVGWNPIIYLREFWN
LAVYPPPTEYGLSWNVPWDKGGAWLAATFFLHISVLTWWARLYTRAKATGVGTQLAWGFASALSLYFVIYLFHPLALGNW
SAAPGHGFRAILDWTNYVSIHWGNFYYNPFHMLSIFFLLGSTLLLAMHGATIVATSKWKSEMEFTEMMAEGPGTQRAQLF
WRWVMGWNANSYNIHIWAWWFAAFTAITGAIGLFLSGTLVPDWYAWGETAKIVAPWPNPDWAQYVFR
;
M
5 'polypeptide(L)' MNWIVATFMLMFVLVAFLPLVVSLAYTWVTNPETQSTEE Y
6 'polypeptide(L)'
;MIQQPPTLFPEITNTVRGRFYIVAGIISVVMAVASIAIFWWIFYTITPAPAPPLQNPIYVNYTQEPTDYISAESLAAMNA
YIQANPQPQAVQVLKGMTTAQISAYMVAQVSGGLKVDCSYCHNIANFAQQDGYPNAAKKVTARKMMLMSADLNQNYTAKL
PASVGGYQITCATCHNGKAAGLEPYPIEIMNTLPNDWRLPLELDYPGGLVVTGRKDVSNHEVEQNQFAMYHMNVSMGQGC
TFCHNARYFPSYEIAQKNHSIIMLQMTKHIQETYVAPGGRIADGIMAGKSPSCWLCHQGANIPPGAAKPGQVPAVLSSTP
;
C
7 'polypeptide(L)' MDFLILLQAEPSPWPVWSGYALCFVPLAAVILGFIIAARFTDKQATSAYLRLDPAKANEPEQG Z
#
# COMPACT_ATOMS: atom_id res chain seq x y z
N ASN A 7 -58.18 6.00 10.01
CA ASN A 7 -59.45 6.62 10.34
C ASN A 7 -60.37 5.66 11.07
N ASP A 8 -61.59 5.44 10.55
CA ASP A 8 -62.65 4.89 11.39
C ASP A 8 -63.21 3.57 10.88
N LEU A 9 -62.53 2.89 9.97
CA LEU A 9 -63.01 1.59 9.54
C LEU A 9 -62.53 0.45 10.43
N VAL A 10 -61.48 0.67 11.22
CA VAL A 10 -60.93 -0.37 12.06
C VAL A 10 -61.76 -0.45 13.34
N PRO A 11 -61.90 -1.63 13.95
CA PRO A 11 -62.67 -1.73 15.18
C PRO A 11 -62.02 -0.95 16.32
N ASP A 12 -62.81 -0.67 17.35
CA ASP A 12 -62.33 0.15 18.46
C ASP A 12 -61.16 -0.43 19.23
N GLN A 13 -61.16 -1.74 19.42
CA GLN A 13 -60.08 -2.35 20.19
C GLN A 13 -58.72 -2.06 19.57
N TRP A 14 -58.64 -2.07 18.24
CA TRP A 14 -57.40 -1.83 17.53
C TRP A 14 -57.31 -0.43 16.93
N LYS A 15 -58.16 0.48 17.39
CA LYS A 15 -58.15 1.84 16.84
C LYS A 15 -56.85 2.59 17.08
N PRO A 16 -56.23 2.55 18.26
CA PRO A 16 -55.00 3.33 18.46
C PRO A 16 -53.84 2.86 17.61
N LEU A 17 -53.87 1.63 17.13
CA LEU A 17 -52.72 1.08 16.42
C LEU A 17 -52.83 1.29 14.92
N PHE A 18 -53.93 0.86 14.32
CA PHE A 18 -54.04 0.78 12.87
C PHE A 18 -54.72 2.02 12.32
N ASN A 19 -54.13 2.59 11.27
CA ASN A 19 -54.81 3.56 10.43
C ASN A 19 -55.90 2.88 9.62
N ASN A 20 -56.56 3.66 8.77
CA ASN A 20 -57.57 3.07 7.90
C ASN A 20 -56.91 2.27 6.78
N ALA A 21 -55.95 2.89 6.08
CA ALA A 21 -55.31 2.20 4.97
C ALA A 21 -54.51 0.99 5.42
N GLN A 22 -53.91 1.07 6.60
CA GLN A 22 -53.10 -0.03 7.11
C GLN A 22 -53.91 -1.27 7.41
N TRP A 23 -55.23 -1.15 7.45
CA TRP A 23 -56.08 -2.28 7.82
C TRP A 23 -56.27 -3.24 6.64
N LEU A 24 -56.54 -2.70 5.45
CA LEU A 24 -56.80 -3.56 4.30
C LEU A 24 -55.57 -4.35 3.90
N VAL A 25 -54.40 -3.70 3.89
CA VAL A 25 -53.16 -4.42 3.60
C VAL A 25 -52.93 -5.53 4.62
N HIS A 26 -53.41 -5.29 5.97
CA HIS A 26 -53.31 -6.35 6.96
C HIS A 26 -54.20 -7.53 6.61
N ASP A 27 -55.29 -7.20 6.08
CA ASP A 27 -56.20 -8.28 5.70
C ASP A 27 -55.54 -9.11 4.60
N ILE A 28 -54.99 -8.45 3.59
CA ILE A 28 -54.31 -9.17 2.50
C ILE A 28 -53.21 -10.05 3.06
N VAL A 29 -52.44 -9.51 4.01
CA VAL A 29 -51.32 -10.26 4.57
C VAL A 29 -51.81 -11.51 5.28
N VAL A 30 -52.88 -11.38 6.07
CA VAL A 30 -53.39 -12.54 6.80
C VAL A 30 -53.89 -13.61 5.82
N LYS A 31 -54.62 -13.19 4.78
CA LYS A 31 -55.13 -14.17 3.82
C LYS A 31 -53.98 -14.90 3.14
N THR A 32 -52.96 -14.16 2.69
CA THR A 32 -51.81 -14.78 2.04
C THR A 32 -51.10 -15.74 2.97
N ILE A 33 -50.96 -15.38 4.25
CA ILE A 33 -50.26 -16.25 5.19
C ILE A 33 -51.04 -17.55 5.39
N TYR A 34 -52.37 -17.46 5.49
CA TYR A 34 -53.15 -18.68 5.66
C TYR A 34 -53.02 -19.59 4.45
N GLY A 35 -53.13 -19.02 3.25
CA GLY A 35 -52.98 -19.85 2.05
C GLY A 35 -51.61 -20.50 1.98
N GLY A 36 -50.56 -19.72 2.27
CA GLY A 36 -49.22 -20.27 2.26
C GLY A 36 -49.04 -21.39 3.26
N LEU A 37 -49.63 -21.26 4.45
CA LEU A 37 -49.50 -22.33 5.43
C LEU A 37 -50.20 -23.60 4.97
N ILE A 38 -51.38 -23.47 4.35
CA ILE A 38 -52.07 -24.67 3.85
C ILE A 38 -51.21 -25.36 2.81
N ILE A 39 -50.65 -24.60 1.86
CA ILE A 39 -49.83 -25.21 0.82
C ILE A 39 -48.57 -25.84 1.42
N ALA A 40 -47.99 -25.19 2.44
CA ALA A 40 -46.79 -25.73 3.07
C ALA A 40 -47.08 -27.07 3.73
N VAL A 41 -48.23 -27.17 4.41
CA VAL A 41 -48.59 -28.42 5.06
C VAL A 41 -48.78 -29.53 4.04
N ILE A 42 -49.46 -29.22 2.94
CA ILE A 42 -49.66 -30.22 1.89
C ILE A 42 -48.31 -30.70 1.34
N ALA A 43 -47.43 -29.75 1.05
CA ALA A 43 -46.12 -30.10 0.49
C ALA A 43 -45.31 -30.94 1.47
N HIS A 44 -45.44 -30.69 2.75
CA HIS A 44 -44.70 -31.50 3.69
C HIS A 44 -45.25 -32.90 3.75
N VAL A 45 -46.57 -33.05 3.78
CA VAL A 45 -47.13 -34.40 3.76
C VAL A 45 -46.66 -35.15 2.53
N LEU A 46 -46.55 -34.46 1.40
CA LEU A 46 -46.09 -35.14 0.19
C LEU A 46 -44.61 -35.52 0.29
N CYS A 47 -43.74 -34.70 0.79
CA CYS A 47 -42.37 -35.12 0.76
C CYS A 47 -42.09 -36.22 1.74
N TRP A 48 -42.94 -36.37 2.74
CA TRP A 48 -42.77 -37.45 3.67
C TRP A 48 -43.23 -38.68 2.94
N ALA A 49 -44.46 -38.68 2.44
CA ALA A 49 -44.90 -39.91 1.81
C ALA A 49 -43.87 -40.42 0.80
N TRP A 50 -43.16 -39.51 0.15
CA TRP A 50 -42.12 -39.89 -0.80
C TRP A 50 -40.99 -40.66 -0.12
N THR A 51 -40.22 -39.97 0.74
CA THR A 51 -39.13 -40.55 1.50
C THR A 51 -39.07 -39.80 2.83
N PRO A 52 -39.22 -40.49 3.96
CA PRO A 52 -39.15 -39.81 5.24
C PRO A 52 -37.75 -39.30 5.55
N TRP A 53 -37.66 -38.23 6.32
CA TRP A 53 -36.35 -37.63 6.60
C TRP A 53 -35.83 -37.91 7.98
N ILE A 54 -36.71 -38.30 8.92
CA ILE A 54 -36.20 -38.64 10.25
C ILE A 54 -35.70 -40.08 10.28
N ARG A 55 -36.50 -41.06 9.70
CA ARG A 55 -36.11 -42.47 9.60
C ARG A 55 -35.76 -43.06 10.96
N GLU B 7 1.56 17.57 33.46
CA GLU B 7 0.29 17.09 33.99
C GLU B 7 0.54 15.89 34.88
N PHE B 8 -0.04 15.92 36.08
CA PHE B 8 0.19 14.84 37.03
C PHE B 8 -0.40 13.53 36.54
N ARG B 9 -1.56 13.59 35.89
CA ARG B 9 -2.23 12.36 35.52
C ARG B 9 -1.47 11.61 34.43
N THR B 10 -0.78 12.32 33.54
CA THR B 10 0.07 11.63 32.58
C THR B 10 1.13 10.80 33.30
N SER B 11 1.72 11.37 34.35
CA SER B 11 2.72 10.64 35.11
C SER B 11 2.14 9.38 35.73
N VAL B 12 0.97 9.48 36.37
CA VAL B 12 0.45 8.28 37.01
C VAL B 12 0.02 7.24 35.98
N VAL B 13 -0.50 7.68 34.83
CA VAL B 13 -0.89 6.73 33.79
C VAL B 13 0.34 5.96 33.30
N VAL B 14 1.39 6.68 32.91
CA VAL B 14 2.56 6.00 32.38
C VAL B 14 3.21 5.14 33.46
N SER B 15 3.13 5.57 34.72
CA SER B 15 3.73 4.80 35.81
C SER B 15 3.01 3.48 35.99
N THR B 16 1.71 3.48 36.08
CA THR B 16 1.09 2.22 36.30
C THR B 16 1.36 1.35 35.08
N LEU B 17 1.14 1.87 33.87
CA LEU B 17 1.32 1.01 32.70
C LEU B 17 2.69 0.35 32.70
N LEU B 18 3.75 1.15 32.92
CA LEU B 18 5.09 0.58 32.91
C LEU B 18 5.25 -0.45 34.02
N GLY B 19 4.73 -0.16 35.21
CA GLY B 19 4.87 -1.11 36.30
C GLY B 19 4.16 -2.43 36.02
N LEU B 20 2.95 -2.35 35.47
CA LEU B 20 2.21 -3.57 35.18
C LEU B 20 2.92 -4.40 34.11
N VAL B 21 3.33 -3.75 33.02
CA VAL B 21 4.05 -4.47 31.97
C VAL B 21 5.30 -5.12 32.54
N MET B 22 6.02 -4.42 33.41
CA MET B 22 7.27 -4.95 33.91
C MET B 22 7.05 -6.15 34.83
N ALA B 23 6.05 -6.06 35.71
CA ALA B 23 5.70 -7.21 36.55
C ALA B 23 5.33 -8.41 35.68
N LEU B 24 4.50 -8.19 34.65
CA LEU B 24 4.08 -9.30 33.80
C LEU B 24 5.26 -9.93 33.07
N LEU B 25 6.15 -9.11 32.52
CA LEU B 25 7.29 -9.64 31.80
C LEU B 25 8.20 -10.45 32.70
N ILE B 26 8.47 -9.94 33.92
CA ILE B 26 9.35 -10.68 34.82
C ILE B 26 8.70 -11.99 35.24
N HIS B 27 7.32 -11.93 35.57
CA HIS B 27 6.64 -13.15 35.97
C HIS B 27 6.72 -14.20 34.88
N PHE B 28 6.60 -13.81 33.50
CA PHE B 28 6.67 -14.73 32.37
C PHE B 28 8.06 -15.33 32.22
N VAL B 29 9.07 -14.47 32.29
CA VAL B 29 10.45 -14.95 32.13
C VAL B 29 10.80 -15.95 33.22
N VAL B 30 10.46 -15.64 34.47
CA VAL B 30 10.78 -16.55 35.57
C VAL B 30 10.04 -17.87 35.42
N LEU B 31 8.77 -17.82 35.02
CA LEU B 31 8.03 -19.07 34.84
C LEU B 31 8.64 -19.92 33.74
N SER B 32 8.97 -19.30 32.61
CA SER B 32 9.44 -20.05 31.46
C SER B 32 10.90 -20.50 31.59
N SER B 33 11.65 -19.94 32.53
CA SER B 33 13.02 -20.39 32.73
C SER B 33 13.11 -21.81 33.26
N GLY B 34 12.09 -22.25 33.98
CA GLY B 34 12.07 -23.61 34.49
C GLY B 34 13.12 -23.90 35.53
N ALA B 35 13.38 -22.95 36.43
CA ALA B 35 14.42 -23.11 37.44
C ALA B 35 13.89 -23.05 38.86
N PHE B 36 12.59 -23.17 39.06
CA PHE B 36 12.02 -22.94 40.38
C PHE B 36 11.10 -24.03 40.89
N ASN B 37 10.76 -25.04 40.07
CA ASN B 37 9.85 -26.11 40.48
C ASN B 37 8.52 -25.51 40.96
N TRP B 38 7.84 -24.85 40.03
CA TRP B 38 6.59 -24.17 40.31
C TRP B 38 5.60 -24.54 39.23
N LEU B 39 4.47 -25.12 39.62
CA LEU B 39 3.47 -25.67 38.71
C LEU B 39 4.08 -26.79 37.85
N ARG B 40 4.45 -27.87 38.55
CA ARG B 40 4.95 -29.10 37.94
C ARG B 40 6.21 -28.84 37.11
N ALA B 41 7.26 -28.47 37.83
CA ALA B 41 8.57 -28.30 37.19
C ALA B 41 9.69 -28.70 38.15
N ASN C 7 -7.54 26.40 46.15
CA ASN C 7 -6.41 25.49 46.13
C ASN C 7 -5.39 25.87 47.20
N ASP C 8 -5.87 25.93 48.44
CA ASP C 8 -5.06 26.41 49.55
C ASP C 8 -4.82 25.36 50.63
N LEU C 9 -5.08 24.08 50.35
CA LEU C 9 -4.78 23.06 51.34
C LEU C 9 -3.34 22.57 51.28
N VAL C 10 -2.65 22.79 50.16
CA VAL C 10 -1.29 22.30 49.98
C VAL C 10 -0.34 23.28 50.67
N PRO C 11 0.78 22.82 51.20
CA PRO C 11 1.72 23.74 51.85
C PRO C 11 2.32 24.72 50.85
N ASP C 12 2.94 25.77 51.39
CA ASP C 12 3.40 26.88 50.56
C ASP C 12 4.51 26.46 49.62
N GLN C 13 5.42 25.60 50.09
CA GLN C 13 6.56 25.24 49.25
C GLN C 13 6.12 24.56 47.97
N TRP C 14 5.05 23.77 48.02
CA TRP C 14 4.54 23.07 46.85
C TRP C 14 3.29 23.72 46.29
N LYS C 15 3.01 24.97 46.65
CA LYS C 15 1.81 25.63 46.17
C LYS C 15 1.80 25.85 44.66
N PRO C 16 2.86 26.32 44.00
CA PRO C 16 2.76 26.50 42.55
C PRO C 16 2.40 25.22 41.81
N LEU C 17 2.86 24.07 42.30
CA LEU C 17 2.77 22.85 41.52
C LEU C 17 1.41 22.18 41.67
N PHE C 18 0.99 21.92 42.90
CA PHE C 18 -0.17 21.08 43.16
C PHE C 18 -1.43 21.92 43.34
N ASN C 19 -2.50 21.51 42.67
CA ASN C 19 -3.82 22.00 42.99
C ASN C 19 -4.28 21.43 44.32
N ASN C 20 -5.51 21.77 44.69
CA ASN C 20 -6.05 21.20 45.91
C ASN C 20 -6.43 19.74 45.73
N ALA C 21 -7.18 19.43 44.66
CA ALA C 21 -7.61 18.05 44.45
C ALA C 21 -6.43 17.14 44.15
N GLN C 22 -5.41 17.62 43.43
CA GLN C 22 -4.28 16.76 43.12
C GLN C 22 -3.61 16.23 44.40
N TRP C 23 -3.69 17.01 45.48
CA TRP C 23 -2.91 16.69 46.66
C TRP C 23 -3.37 15.39 47.31
N LEU C 24 -4.68 15.18 47.45
CA LEU C 24 -5.17 14.00 48.13
C LEU C 24 -4.86 12.73 47.34
N VAL C 25 -5.04 12.78 46.02
CA VAL C 25 -4.69 11.63 45.20
C VAL C 25 -3.20 11.32 45.33
N HIS C 26 -2.39 12.36 45.47
CA HIS C 26 -0.95 12.17 45.67
C HIS C 26 -0.69 11.50 47.01
N ASP C 27 -1.46 11.81 48.02
CA ASP C 27 -1.31 11.13 49.31
C ASP C 27 -1.63 9.65 49.12
N ILE C 28 -2.74 9.34 48.45
CA ILE C 28 -3.12 7.95 48.21
C ILE C 28 -1.99 7.22 47.49
N VAL C 29 -1.39 7.87 46.49
CA VAL C 29 -0.34 7.23 45.71
C VAL C 29 0.86 6.91 46.59
N VAL C 30 1.26 7.85 47.44
CA VAL C 30 2.42 7.60 48.32
C VAL C 30 2.13 6.45 49.27
N LYS C 31 0.94 6.42 49.87
CA LYS C 31 0.61 5.34 50.80
C LYS C 31 0.66 3.99 50.09
N THR C 32 0.04 3.92 48.91
CA THR C 32 0.04 2.66 48.16
C THR C 32 1.45 2.22 47.81
N ILE C 33 2.30 3.17 47.42
CA ILE C 33 3.67 2.82 47.04
C ILE C 33 4.44 2.27 48.24
N TYR C 34 4.26 2.88 49.41
CA TYR C 34 4.95 2.37 50.59
C TYR C 34 4.49 0.95 50.94
N GLY C 35 3.17 0.73 50.92
CA GLY C 35 2.68 -0.62 51.20
C GLY C 35 3.21 -1.63 50.22
N GLY C 36 3.18 -1.29 48.93
CA GLY C 36 3.69 -2.19 47.92
C GLY C 36 5.16 -2.51 48.11
N LEU C 37 5.97 -1.52 48.49
CA LEU C 37 7.38 -1.77 48.71
C LEU C 37 7.60 -2.71 49.89
N ILE C 38 6.84 -2.54 50.96
CA ILE C 38 6.98 -3.45 52.10
C ILE C 38 6.66 -4.88 51.67
N ILE C 39 5.55 -5.06 50.96
CA ILE C 39 5.18 -6.41 50.54
C ILE C 39 6.22 -6.98 49.58
N ALA C 40 6.77 -6.14 48.70
CA ALA C 40 7.79 -6.62 47.76
C ALA C 40 9.02 -7.10 48.51
N VAL C 41 9.45 -6.37 49.53
CA VAL C 41 10.63 -6.79 50.29
C VAL C 41 10.37 -8.12 50.99
N ILE C 42 9.19 -8.27 51.59
CA ILE C 42 8.87 -9.53 52.25
C ILE C 42 8.90 -10.68 51.25
N ALA C 43 8.28 -10.48 50.09
CA ALA C 43 8.23 -11.54 49.08
C ALA C 43 9.63 -11.89 48.59
N HIS C 44 10.52 -10.93 48.45
CA HIS C 44 11.84 -11.30 48.01
C HIS C 44 12.59 -12.07 49.10
N VAL C 45 12.48 -11.64 50.37
CA VAL C 45 13.12 -12.43 51.42
C VAL C 45 12.62 -13.87 51.37
N LEU C 46 11.33 -14.06 51.11
CA LEU C 46 10.80 -15.42 51.06
C LEU C 46 11.34 -16.18 49.85
N CYS C 47 11.33 -15.57 48.66
CA CYS C 47 11.87 -16.24 47.48
C CYS C 47 13.35 -16.56 47.64
N TRP C 48 14.06 -15.80 48.48
CA TRP C 48 15.46 -16.13 48.72
C TRP C 48 15.62 -17.31 49.66
N ALA C 49 14.87 -17.31 50.76
CA ALA C 49 14.96 -18.42 51.71
C ALA C 49 14.60 -19.74 51.04
N TRP C 50 13.67 -19.71 50.09
CA TRP C 50 13.28 -20.92 49.37
C TRP C 50 14.44 -21.50 48.58
N THR C 51 14.88 -20.80 47.54
CA THR C 51 16.01 -21.19 46.69
C THR C 51 16.68 -19.89 46.24
N PRO C 52 17.96 -19.70 46.53
CA PRO C 52 18.64 -18.48 46.10
C PRO C 52 18.83 -18.45 44.59
N TRP C 53 18.82 -17.24 44.03
CA TRP C 53 18.95 -17.12 42.59
C TRP C 53 20.37 -16.84 42.13
N ILE C 54 21.18 -16.18 42.95
CA ILE C 54 22.53 -15.84 42.51
C ILE C 54 23.45 -17.06 42.61
N ARG C 55 23.39 -17.82 43.77
CA ARG C 55 24.16 -19.05 43.98
C ARG C 55 25.65 -18.83 43.77
N ARG D 4 -12.25 17.90 38.46
CA ARG D 4 -12.05 16.54 38.96
C ARG D 4 -10.65 16.06 38.58
N PRO D 5 -9.78 15.71 39.59
CA PRO D 5 -8.47 15.27 39.10
C PRO D 5 -8.53 13.93 38.41
N PHE D 6 -9.48 13.08 38.80
CA PHE D 6 -9.83 11.87 38.08
C PHE D 6 -11.32 11.66 38.20
N GLU D 7 -12.00 11.71 37.06
CA GLU D 7 -13.36 11.21 36.94
C GLU D 7 -13.47 9.84 37.56
N PHE D 8 -14.45 9.66 38.44
CA PHE D 8 -14.61 8.39 39.14
C PHE D 8 -14.92 7.26 38.17
N ARG D 9 -15.75 7.53 37.17
CA ARG D 9 -16.20 6.45 36.29
C ARG D 9 -15.06 5.89 35.45
N THR D 10 -14.09 6.73 35.07
CA THR D 10 -12.92 6.20 34.38
C THR D 10 -12.21 5.18 35.24
N SER D 11 -12.08 5.45 36.53
CA SER D 11 -11.43 4.52 37.44
C SER D 11 -12.19 3.19 37.49
N VAL D 12 -13.51 3.24 37.64
CA VAL D 12 -14.23 1.97 37.75
C VAL D 12 -14.20 1.21 36.43
N VAL D 13 -14.25 1.91 35.30
CA VAL D 13 -14.17 1.24 34.01
C VAL D 13 -12.85 0.51 33.85
N VAL D 14 -11.74 1.23 34.07
CA VAL D 14 -10.44 0.59 33.89
C VAL D 14 -10.24 -0.52 34.92
N SER D 15 -10.82 -0.36 36.11
CA SER D 15 -10.66 -1.39 37.14
C SER D 15 -11.37 -2.66 36.74
N THR D 16 -12.59 -2.58 36.28
CA THR D 16 -13.31 -3.78 35.97
C THR D 16 -12.75 -4.43 34.70
N LEU D 17 -12.24 -3.65 33.76
CA LEU D 17 -11.61 -4.26 32.59
C LEU D 17 -10.32 -4.99 32.97
N LEU D 18 -9.45 -4.33 33.76
CA LEU D 18 -8.20 -4.98 34.12
C LEU D 18 -8.46 -6.22 34.94
N GLY D 19 -9.40 -6.17 35.89
CA GLY D 19 -9.69 -7.34 36.70
C GLY D 19 -10.20 -8.51 35.88
N LEU D 20 -11.11 -8.23 34.94
CA LEU D 20 -11.65 -9.30 34.13
C LEU D 20 -10.58 -9.93 33.26
N VAL D 21 -9.78 -9.10 32.58
CA VAL D 21 -8.71 -9.63 31.75
C VAL D 21 -7.75 -10.47 32.59
N MET D 22 -7.45 -10.01 33.81
CA MET D 22 -6.47 -10.72 34.62
C MET D 22 -7.01 -12.07 35.08
N ALA D 23 -8.27 -12.11 35.52
CA ALA D 23 -8.89 -13.39 35.88
C ALA D 23 -8.87 -14.34 34.69
N LEU D 24 -9.24 -13.85 33.50
CA LEU D 24 -9.29 -14.72 32.32
C LEU D 24 -7.90 -15.27 31.98
N LEU D 25 -6.88 -14.41 32.01
CA LEU D 25 -5.55 -14.85 31.68
C LEU D 25 -5.04 -15.89 32.67
N ILE D 26 -5.28 -15.68 33.95
CA ILE D 26 -4.79 -16.64 34.93
C ILE D 26 -5.53 -17.97 34.79
N HIS D 27 -6.74 -17.89 34.59
CA HIS D 27 -7.50 -19.11 34.38
C HIS D 27 -6.93 -19.91 33.21
N PHE D 28 -6.68 -19.24 32.08
CA PHE D 28 -6.21 -19.92 30.87
C PHE D 28 -4.83 -20.49 31.02
N VAL D 29 -3.99 -19.78 31.72
CA VAL D 29 -2.65 -20.31 31.99
C VAL D 29 -2.73 -21.54 32.88
N VAL D 30 -3.53 -21.48 33.94
CA VAL D 30 -3.64 -22.62 34.85
C VAL D 30 -4.24 -23.83 34.15
N LEU D 31 -5.26 -23.61 33.32
CA LEU D 31 -5.85 -24.74 32.59
C LEU D 31 -4.85 -25.37 31.64
N SER D 32 -4.12 -24.54 30.90
CA SER D 32 -3.22 -25.07 29.87
C SER D 32 -1.92 -25.64 30.44
N SER D 33 -1.60 -25.35 31.71
CA SER D 33 -0.40 -25.91 32.31
C SER D 33 -0.50 -27.42 32.48
N GLY D 34 -1.71 -27.93 32.66
CA GLY D 34 -1.90 -29.36 32.80
C GLY D 34 -1.33 -29.94 34.07
N ALA D 35 -1.45 -29.22 35.19
CA ALA D 35 -0.88 -29.66 36.44
C ALA D 35 -1.91 -29.87 37.53
N PHE D 36 -3.19 -29.95 37.20
CA PHE D 36 -4.23 -29.96 38.23
C PHE D 36 -5.26 -31.08 38.08
N ASN D 37 -5.23 -31.86 36.99
CA ASN D 37 -6.21 -32.91 36.77
C ASN D 37 -7.62 -32.35 36.84
N TRP D 38 -7.92 -31.47 35.89
CA TRP D 38 -9.19 -30.77 35.81
C TRP D 38 -9.67 -30.84 34.38
N LEU D 39 -10.86 -31.41 34.17
CA LEU D 39 -11.42 -31.69 32.85
C LEU D 39 -10.49 -32.63 32.07
N ARG D 40 -10.40 -33.86 32.59
CA ARG D 40 -9.69 -34.96 31.95
C ARG D 40 -8.21 -34.62 31.75
N ALA D 41 -7.52 -34.48 32.87
CA ALA D 41 -6.08 -34.27 32.85
C ALA D 41 -5.40 -34.95 34.04
N ASN E 7 -26.15 17.32 47.44
CA ASN E 7 -24.73 17.23 47.69
C ASN E 7 -24.42 16.93 49.15
N ASP E 8 -23.27 17.43 49.60
CA ASP E 8 -22.86 17.63 50.99
C ASP E 8 -23.02 16.37 51.85
N LEU E 9 -23.20 15.20 51.25
CA LEU E 9 -23.27 13.98 52.06
C LEU E 9 -21.90 13.40 52.36
N VAL E 10 -20.88 13.76 51.60
CA VAL E 10 -19.55 13.21 51.79
C VAL E 10 -18.86 13.96 52.92
N PRO E 11 -17.99 13.31 53.69
CA PRO E 11 -17.30 14.02 54.78
C PRO E 11 -16.39 15.12 54.24
N ASP E 12 -15.97 15.99 55.16
CA ASP E 12 -15.24 17.20 54.76
C ASP E 12 -13.88 16.85 54.18
N GLN E 13 -13.19 15.85 54.72
CA GLN E 13 -11.84 15.56 54.26
C GLN E 13 -11.83 15.14 52.79
N TRP E 14 -12.88 14.46 52.33
CA TRP E 14 -12.98 14.04 50.95
C TRP E 14 -13.96 14.89 50.14
N LYS E 15 -14.32 16.06 50.64
CA LYS E 15 -15.27 16.90 49.94
C LYS E 15 -14.78 17.39 48.58
N PRO E 16 -13.54 17.85 48.42
CA PRO E 16 -13.12 18.35 47.10
C PRO E 16 -13.09 17.28 46.03
N LEU E 17 -13.02 16.00 46.40
CA LEU E 17 -12.86 14.95 45.40
C LEU E 17 -14.20 14.38 44.96
N PHE E 18 -15.02 13.94 45.91
CA PHE E 18 -16.22 13.17 45.60
C PHE E 18 -17.44 14.06 45.52
N ASN E 19 -18.24 13.87 44.47
CA ASN E 19 -19.58 14.40 44.43
C ASN E 19 -20.47 13.64 45.40
N ASN E 20 -21.74 14.02 45.42
CA ASN E 20 -22.70 13.29 46.24
C ASN E 20 -22.97 11.91 45.65
N ALA E 21 -23.35 11.85 44.38
CA ALA E 21 -23.70 10.59 43.76
C ALA E 21 -22.51 9.64 43.68
N GLN E 22 -21.31 10.17 43.45
CA GLN E 22 -20.12 9.33 43.36
C GLN E 22 -19.82 8.60 44.66
N TRP E 23 -20.39 9.05 45.77
CA TRP E 23 -20.05 8.45 47.07
C TRP E 23 -20.72 7.10 47.25
N LEU E 24 -22.00 6.98 46.92
CA LEU E 24 -22.72 5.74 47.15
C LEU E 24 -22.19 4.61 46.26
N VAL E 25 -21.88 4.94 45.01
CA VAL E 25 -21.26 3.96 44.11
C VAL E 25 -20.00 3.46 44.77
N HIS E 26 -19.12 4.37 45.18
CA HIS E 26 -17.93 3.97 45.88
C HIS E 26 -18.27 2.97 46.95
N ASP E 27 -19.23 3.29 47.82
CA ASP E 27 -19.54 2.38 48.92
C ASP E 27 -19.81 1.00 48.35
N ILE E 28 -20.63 0.91 47.30
CA ILE E 28 -20.92 -0.38 46.67
C ILE E 28 -19.64 -1.06 46.23
N VAL E 29 -18.72 -0.28 45.63
CA VAL E 29 -17.48 -0.85 45.12
C VAL E 29 -16.66 -1.44 46.26
N VAL E 30 -16.54 -0.71 47.37
CA VAL E 30 -15.76 -1.20 48.50
C VAL E 30 -16.36 -2.48 49.06
N LYS E 31 -17.69 -2.51 49.22
CA LYS E 31 -18.32 -3.71 49.76
C LYS E 31 -18.07 -4.91 48.85
N THR E 32 -18.26 -4.72 47.54
CA THR E 32 -18.03 -5.81 46.60
C THR E 32 -16.58 -6.29 46.65
N ILE E 33 -15.63 -5.37 46.75
CA ILE E 33 -14.23 -5.76 46.78
C ILE E 33 -13.93 -6.58 48.02
N TYR E 34 -14.47 -6.19 49.17
CA TYR E 34 -14.24 -6.96 50.39
C TYR E 34 -14.81 -8.36 50.27
N GLY E 35 -16.04 -8.47 49.78
CA GLY E 35 -16.62 -9.80 49.61
C GLY E 35 -15.82 -10.66 48.66
N GLY E 36 -15.40 -10.09 47.54
CA GLY E 36 -14.59 -10.83 46.59
C GLY E 36 -13.28 -11.30 47.18
N LEU E 37 -12.64 -10.46 47.99
CA LEU E 37 -11.38 -10.87 48.60
C LEU E 37 -11.59 -12.03 49.57
N ILE E 38 -12.67 -11.99 50.36
CA ILE E 38 -12.93 -13.10 51.27
C ILE E 38 -13.12 -14.40 50.50
N ILE E 39 -13.92 -14.35 49.43
CA ILE E 39 -14.16 -15.56 48.64
C ILE E 39 -12.86 -16.04 47.98
N ALA E 40 -12.03 -15.10 47.52
CA ALA E 40 -10.77 -15.48 46.89
C ALA E 40 -9.86 -16.19 47.88
N VAL E 41 -9.79 -15.70 49.12
CA VAL E 41 -8.95 -16.34 50.12
C VAL E 41 -9.45 -17.75 50.42
N ILE E 42 -10.76 -17.91 50.55
CA ILE E 42 -11.30 -19.24 50.80
C ILE E 42 -10.96 -20.20 49.66
N ALA E 43 -11.16 -19.73 48.42
CA ALA E 43 -10.88 -20.58 47.27
C ALA E 43 -9.41 -20.94 47.19
N HIS E 44 -8.54 -20.03 47.56
CA HIS E 44 -7.15 -20.38 47.53
C HIS E 44 -6.83 -21.44 48.58
N VAL E 45 -7.32 -21.28 49.82
CA VAL E 45 -7.08 -22.29 50.84
C VAL E 45 -7.56 -23.65 50.35
N LEU E 46 -8.69 -23.68 49.64
CA LEU E 46 -9.19 -24.95 49.15
C LEU E 46 -8.30 -25.53 48.05
N CYS E 47 -7.88 -24.70 47.08
CA CYS E 47 -7.00 -25.19 46.03
C CYS E 47 -5.67 -25.67 46.59
N TRP E 48 -5.27 -25.14 47.75
CA TRP E 48 -4.03 -25.61 48.36
C TRP E 48 -4.23 -26.96 49.04
N ALA E 49 -5.30 -27.10 49.83
CA ALA E 49 -5.55 -28.36 50.50
C ALA E 49 -5.69 -29.51 49.51
N TRP E 50 -6.24 -29.22 48.33
CA TRP E 50 -6.40 -30.24 47.30
C TRP E 50 -5.04 -30.76 46.83
N THR E 51 -4.27 -29.92 46.15
CA THR E 51 -2.92 -30.24 45.65
C THR E 51 -2.12 -28.96 45.71
N PRO E 52 -1.01 -28.92 46.45
CA PRO E 52 -0.20 -27.70 46.51
C PRO E 52 0.48 -27.42 45.19
N TRP E 53 0.69 -26.14 44.91
CA TRP E 53 1.30 -25.77 43.66
C TRP E 53 2.77 -25.42 43.71
N ILE E 54 3.29 -25.08 44.89
CA ILE E 54 4.72 -24.79 44.99
C ILE E 54 5.52 -26.08 45.14
N ARG E 55 5.07 -27.03 46.04
CA ARG E 55 5.70 -28.34 46.24
C ARG E 55 7.17 -28.22 46.58
N ARG F 4 -27.08 9.54 38.18
CA ARG F 4 -26.39 10.73 37.70
C ARG F 4 -24.93 10.49 37.29
N PRO F 5 -24.13 9.81 38.12
CA PRO F 5 -22.77 9.49 37.66
C PRO F 5 -22.78 8.42 36.59
N PHE F 6 -23.79 7.55 36.60
CA PHE F 6 -23.92 6.47 35.64
C PHE F 6 -25.34 6.39 35.14
N GLU F 7 -25.47 6.22 33.84
CA GLU F 7 -26.72 5.84 33.22
C GLU F 7 -27.01 4.37 33.50
N PHE F 8 -28.23 4.10 33.98
CA PHE F 8 -28.58 2.74 34.35
C PHE F 8 -28.59 1.81 33.14
N ARG F 9 -29.07 2.32 31.99
CA ARG F 9 -29.23 1.45 30.84
C ARG F 9 -27.88 1.00 30.28
N THR F 10 -26.84 1.83 30.38
CA THR F 10 -25.52 1.36 29.99
C THR F 10 -25.11 0.15 30.81
N SER F 11 -25.38 0.19 32.12
CA SER F 11 -25.06 -0.94 32.98
C SER F 11 -25.78 -2.20 32.54
N VAL F 12 -27.09 -2.10 32.29
CA VAL F 12 -27.81 -3.33 31.93
C VAL F 12 -27.37 -3.83 30.57
N VAL F 13 -27.06 -2.94 29.63
CA VAL F 13 -26.60 -3.37 28.31
C VAL F 13 -25.29 -4.13 28.43
N VAL F 14 -24.30 -3.53 29.10
CA VAL F 14 -23.01 -4.21 29.21
C VAL F 14 -23.15 -5.49 30.02
N SER F 15 -24.05 -5.53 31.00
CA SER F 15 -24.24 -6.73 31.81
C SER F 15 -24.78 -7.87 30.97
N THR F 16 -25.82 -7.62 30.20
CA THR F 16 -26.41 -8.67 29.42
C THR F 16 -25.56 -9.10 28.22
N LEU F 17 -24.69 -8.24 27.73
CA LEU F 17 -23.73 -8.65 26.72
C LEU F 17 -22.62 -9.52 27.32
N LEU F 18 -22.04 -9.08 28.44
CA LEU F 18 -20.97 -9.85 29.04
C LEU F 18 -21.46 -11.21 29.49
N GLY F 19 -22.65 -11.27 30.09
CA GLY F 19 -23.18 -12.54 30.55
C GLY F 19 -23.41 -13.51 29.41
N LEU F 20 -23.98 -13.02 28.30
CA LEU F 20 -24.25 -13.89 27.16
C LEU F 20 -22.96 -14.41 26.56
N VAL F 21 -22.00 -13.52 26.33
CA VAL F 21 -20.72 -13.95 25.79
C VAL F 21 -20.07 -14.98 26.70
N MET F 22 -20.15 -14.78 28.01
CA MET F 22 -19.47 -15.68 28.93
C MET F 22 -20.13 -17.06 28.94
N ALA F 23 -21.46 -17.10 28.95
CA ALA F 23 -22.16 -18.38 28.85
C ALA F 23 -21.79 -19.11 27.57
N LEU F 24 -21.77 -18.39 26.45
CA LEU F 24 -21.44 -19.03 25.17
C LEU F 24 -20.02 -19.58 25.16
N LEU F 25 -19.07 -18.80 25.66
CA LEU F 25 -17.69 -19.25 25.67
C LEU F 25 -17.52 -20.49 26.54
N ILE F 26 -18.13 -20.49 27.73
CA ILE F 26 -17.98 -21.66 28.59
C ILE F 26 -18.64 -22.88 27.98
N HIS F 27 -19.88 -22.68 27.43
CA HIS F 27 -20.53 -23.80 26.77
C HIS F 27 -19.63 -24.39 25.69
N PHE F 28 -18.94 -23.53 24.78
CA PHE F 28 -18.08 -23.99 23.70
C PHE F 28 -16.89 -24.76 24.23
N VAL F 29 -16.23 -24.19 25.24
CA VAL F 29 -15.04 -24.84 25.79
C VAL F 29 -15.39 -26.21 26.37
N VAL F 30 -16.49 -26.30 27.12
CA VAL F 30 -16.86 -27.57 27.72
C VAL F 30 -17.22 -28.58 26.64
N LEU F 31 -17.93 -28.17 25.60
CA LEU F 31 -18.27 -29.10 24.53
C LEU F 31 -17.03 -29.61 23.83
N SER F 32 -16.09 -28.71 23.51
CA SER F 32 -14.93 -29.10 22.72
C SER F 32 -13.88 -29.83 23.55
N SER F 33 -13.96 -29.79 24.87
CA SER F 33 -13.00 -30.53 25.69
C SER F 33 -13.16 -32.03 25.54
N GLY F 34 -14.36 -32.50 25.23
CA GLY F 34 -14.58 -33.92 25.03
C GLY F 34 -14.43 -34.75 26.28
N ALA F 35 -14.89 -34.25 27.43
CA ALA F 35 -14.74 -34.95 28.69
C ALA F 35 -16.06 -35.28 29.36
N PHE F 36 -17.17 -35.22 28.64
CA PHE F 36 -18.47 -35.35 29.28
C PHE F 36 -19.40 -36.37 28.62
N ASN F 37 -19.05 -36.93 27.47
CA ASN F 37 -19.90 -37.87 26.76
C ASN F 37 -21.28 -37.24 26.50
N TRP F 38 -21.26 -36.19 25.70
CA TRP F 38 -22.44 -35.41 25.38
C TRP F 38 -22.47 -35.18 23.87
N LEU F 39 -23.53 -35.64 23.22
CA LEU F 39 -23.65 -35.64 21.76
C LEU F 39 -22.54 -36.48 21.12
N ARG F 40 -22.61 -37.78 21.40
CA ARG F 40 -21.73 -38.79 20.81
C ARG F 40 -20.27 -38.51 21.14
N ALA F 41 -19.96 -38.62 22.43
CA ALA F 41 -18.58 -38.49 22.88
C ALA F 41 -18.31 -39.41 24.06
N ASN G 7 -40.90 10.61 40.19
CA ASN G 7 -39.53 10.90 40.57
C ASN G 7 -39.36 10.78 42.09
N ASP G 8 -40.36 10.16 42.73
CA ASP G 8 -40.43 10.07 44.19
C ASP G 8 -40.85 8.69 44.70
N LEU G 9 -40.81 7.67 43.87
CA LEU G 9 -41.13 6.33 44.36
C LEU G 9 -39.93 5.62 44.96
N VAL G 10 -38.72 6.05 44.64
CA VAL G 10 -37.52 5.39 45.13
C VAL G 10 -37.23 5.89 46.54
N PRO G 11 -36.65 5.07 47.41
CA PRO G 11 -36.35 5.52 48.78
C PRO G 11 -35.32 6.64 48.78
N ASP G 12 -35.27 7.36 49.90
CA ASP G 12 -34.37 8.52 49.99
C ASP G 12 -32.90 8.22 49.84
N GLN G 13 -32.47 7.09 50.39
CA GLN G 13 -31.06 6.76 50.32
C GLN G 13 -30.56 6.69 48.89
N TRP G 14 -31.38 6.15 47.99
CA TRP G 14 -31.04 6.00 46.58
C TRP G 14 -31.71 7.03 45.69
N LYS G 15 -32.21 8.11 46.27
CA LYS G 15 -32.90 9.12 45.47
C LYS G 15 -31.99 9.81 44.46
N PRO G 16 -30.76 10.22 44.78
CA PRO G 16 -29.97 10.93 43.77
C PRO G 16 -29.62 10.07 42.57
N LEU G 17 -29.61 8.75 42.72
CA LEU G 17 -29.14 7.89 41.64
C LEU G 17 -30.28 7.49 40.70
N PHE G 18 -31.35 6.93 41.24
CA PHE G 18 -32.38 6.30 40.43
C PHE G 18 -33.52 7.26 40.14
N ASN G 19 -33.94 7.31 38.88
CA ASN G 19 -35.19 7.92 38.51
C ASN G 19 -36.35 7.05 39.00
N ASN G 20 -37.57 7.47 38.66
CA ASN G 20 -38.73 6.66 39.01
C ASN G 20 -38.82 5.44 38.11
N ALA G 21 -38.74 5.65 36.79
CA ALA G 21 -38.87 4.53 35.86
C ALA G 21 -37.71 3.55 35.99
N GLN G 22 -36.51 4.05 36.27
CA GLN G 22 -35.34 3.19 36.39
C GLN G 22 -35.44 2.22 37.56
N TRP G 23 -36.38 2.46 38.48
CA TRP G 23 -36.47 1.62 39.68
C TRP G 23 -37.15 0.29 39.38
N LEU G 24 -38.26 0.33 38.64
CA LEU G 24 -39.01 -0.90 38.38
C LEU G 24 -38.21 -1.87 37.51
N VAL G 25 -37.47 -1.34 36.53
CA VAL G 25 -36.60 -2.19 35.75
C VAL G 25 -35.60 -2.82 36.72
N HIS G 26 -35.13 -2.08 37.73
CA HIS G 26 -34.13 -2.65 38.61
C HIS G 26 -34.70 -3.81 39.41
N ASP G 27 -35.90 -3.62 39.64
CA ASP G 27 -36.54 -4.70 40.38
C ASP G 27 -36.60 -5.94 39.51
N ILE G 28 -37.05 -5.79 38.26
CA ILE G 28 -37.12 -6.92 37.34
C ILE G 28 -35.76 -7.58 37.20
N VAL G 29 -34.71 -6.77 37.09
CA VAL G 29 -33.36 -7.31 36.90
C VAL G 29 -32.94 -8.13 38.10
N VAL G 30 -33.20 -7.62 39.31
CA VAL G 30 -32.81 -8.36 40.52
C VAL G 30 -33.56 -9.68 40.60
N LYS G 31 -34.87 -9.67 40.32
CA LYS G 31 -35.63 -10.91 40.39
C LYS G 31 -35.11 -11.93 39.39
N THR G 32 -34.85 -11.49 38.16
CA THR G 32 -34.33 -12.40 37.14
C THR G 32 -32.98 -12.97 37.55
N ILE G 33 -32.12 -12.14 38.13
CA ILE G 33 -30.79 -12.61 38.51
C ILE G 33 -30.89 -13.66 39.61
N TYR G 34 -31.78 -13.45 40.58
CA TYR G 34 -31.95 -14.44 41.64
C TYR G 34 -32.44 -15.77 41.08
N GLY G 35 -33.46 -15.72 40.22
CA GLY G 35 -33.95 -16.96 39.62
C GLY G 35 -32.88 -17.67 38.83
N GLY G 36 -32.12 -16.92 38.03
CA GLY G 36 -31.06 -17.52 37.26
C GLY G 36 -29.99 -18.17 38.13
N LEU G 37 -29.65 -17.53 39.24
CA LEU G 37 -28.66 -18.12 40.13
C LEU G 37 -29.16 -19.42 40.74
N ILE G 38 -30.43 -19.46 41.15
CA ILE G 38 -30.97 -20.71 41.70
C ILE G 38 -30.89 -21.83 40.67
N ILE G 39 -31.30 -21.54 39.43
CA ILE G 39 -31.27 -22.57 38.40
C ILE G 39 -29.84 -22.99 38.10
N ALA G 40 -28.90 -22.03 38.11
CA ALA G 40 -27.51 -22.36 37.85
C ALA G 40 -26.96 -23.30 38.92
N VAL G 41 -27.29 -23.04 40.19
CA VAL G 41 -26.81 -23.91 41.27
C VAL G 41 -27.37 -25.31 41.11
N ILE G 42 -28.66 -25.42 40.79
CA ILE G 42 -29.25 -26.74 40.60
C ILE G 42 -28.56 -27.48 39.46
N ALA G 43 -28.35 -26.79 38.34
CA ALA G 43 -27.70 -27.44 37.19
C ALA G 43 -26.28 -27.86 37.52
N HIS G 44 -25.53 -27.11 38.30
CA HIS G 44 -24.20 -27.62 38.59
C HIS G 44 -24.30 -28.82 39.52
N VAL G 45 -25.14 -28.78 40.55
CA VAL G 45 -25.24 -29.98 41.37
C VAL G 45 -25.54 -31.19 40.51
N LEU G 46 -26.38 -31.03 39.49
CA LEU G 46 -26.70 -32.17 38.63
C LEU G 46 -25.50 -32.58 37.78
N CYS G 47 -24.79 -31.61 37.17
CA CYS G 47 -23.62 -31.95 36.37
C CYS G 47 -22.54 -32.59 37.23
N TRP G 48 -22.53 -32.32 38.54
CA TRP G 48 -21.55 -32.97 39.40
C TRP G 48 -21.95 -34.41 39.71
N ALA G 49 -23.21 -34.61 40.08
CA ALA G 49 -23.66 -35.97 40.39
C ALA G 49 -23.47 -36.90 39.19
N TRP G 50 -23.62 -36.38 37.98
CA TRP G 50 -23.43 -37.18 36.79
C TRP G 50 -21.99 -37.69 36.66
N THR G 51 -21.04 -36.77 36.45
CA THR G 51 -19.61 -37.08 36.35
C THR G 51 -18.87 -35.87 36.90
N PRO G 52 -18.07 -36.04 37.94
CA PRO G 52 -17.33 -34.90 38.49
C PRO G 52 -16.24 -34.42 37.53
N TRP G 53 -15.96 -33.12 37.58
CA TRP G 53 -14.96 -32.58 36.67
C TRP G 53 -13.59 -32.50 37.28
N ILE G 54 -13.50 -32.23 38.59
CA ILE G 54 -12.18 -32.04 39.19
C ILE G 54 -11.46 -33.38 39.33
N ARG G 55 -12.19 -34.45 39.84
CA ARG G 55 -11.64 -35.81 39.97
C ARG G 55 -10.34 -35.84 40.78
N ARG H 4 -40.57 6.08 28.63
CA ARG H 4 -39.77 7.09 27.92
C ARG H 4 -38.28 6.73 27.86
N PRO H 5 -37.65 6.37 28.98
CA PRO H 5 -36.22 6.02 28.92
C PRO H 5 -35.94 4.79 28.06
N PHE H 6 -36.70 3.72 28.23
CA PHE H 6 -36.48 2.45 27.54
C PHE H 6 -37.55 2.27 26.49
N GLU H 7 -37.15 2.39 25.23
CA GLU H 7 -38.07 2.22 24.12
C GLU H 7 -38.47 0.76 23.98
N PHE H 8 -39.77 0.52 23.90
CA PHE H 8 -40.26 -0.86 23.82
C PHE H 8 -39.80 -1.55 22.55
N ARG H 9 -39.79 -0.82 21.43
CA ARG H 9 -39.49 -1.46 20.16
C ARG H 9 -38.04 -1.92 20.09
N THR H 10 -37.12 -1.21 20.74
CA THR H 10 -35.75 -1.71 20.79
C THR H 10 -35.70 -3.08 21.47
N SER H 11 -36.46 -3.24 22.54
CA SER H 11 -36.51 -4.53 23.23
C SER H 11 -37.02 -5.63 22.31
N VAL H 12 -38.12 -5.37 21.60
CA VAL H 12 -38.66 -6.46 20.77
C VAL H 12 -37.73 -6.75 19.60
N VAL H 13 -37.06 -5.73 19.05
CA VAL H 13 -36.13 -5.96 17.95
C VAL H 13 -34.98 -6.85 18.41
N VAL H 14 -34.32 -6.46 19.51
CA VAL H 14 -33.19 -7.26 19.98
C VAL H 14 -33.64 -8.64 20.40
N SER H 15 -34.86 -8.76 20.93
CA SER H 15 -35.36 -10.07 21.36
C SER H 15 -35.54 -11.00 20.18
N THR H 16 -36.18 -10.50 19.13
CA THR H 16 -36.45 -11.33 17.96
C THR H 16 -35.22 -11.63 17.12
N LEU H 17 -34.19 -10.81 17.21
CA LEU H 17 -32.92 -11.12 16.59
C LEU H 17 -32.15 -12.17 17.39
N LEU H 18 -32.04 -11.97 18.70
CA LEU H 18 -31.29 -12.93 19.51
C LEU H 18 -31.94 -14.30 19.46
N GLY H 19 -33.27 -14.35 19.54
CA GLY H 19 -33.95 -15.65 19.50
C GLY H 19 -33.73 -16.38 18.20
N LEU H 20 -33.81 -15.66 17.08
CA LEU H 20 -33.63 -16.28 15.78
C LEU H 20 -32.21 -16.80 15.63
N VAL H 21 -31.22 -15.97 15.96
CA VAL H 21 -29.83 -16.40 15.88
C VAL H 21 -29.60 -17.63 16.74
N MET H 22 -30.19 -17.66 17.93
CA MET H 22 -29.94 -18.76 18.85
C MET H 22 -30.56 -20.06 18.33
N ALA H 23 -31.80 -19.98 17.83
CA ALA H 23 -32.41 -21.16 17.23
C ALA H 23 -31.57 -21.68 16.07
N LEU H 24 -31.10 -20.78 15.21
CA LEU H 24 -30.31 -21.21 14.05
C LEU H 24 -29.01 -21.87 14.48
N LEU H 25 -28.31 -21.28 15.45
CA LEU H 25 -27.05 -21.85 15.90
C LEU H 25 -27.24 -23.22 16.52
N ILE H 26 -28.29 -23.38 17.34
CA ILE H 26 -28.50 -24.69 17.96
C ILE H 26 -28.86 -25.73 16.91
N HIS H 27 -29.77 -25.30 15.95
CA HIS H 27 -30.12 -26.24 14.88
C HIS H 27 -28.89 -26.69 14.12
N PHE H 28 -27.89 -25.79 13.79
CA PHE H 28 -26.70 -26.14 13.02
C PHE H 28 -25.75 -27.03 13.82
N VAL H 29 -25.59 -26.74 15.11
CA VAL H 29 -24.73 -27.58 15.94
C VAL H 29 -25.28 -28.99 16.06
N VAL H 30 -26.59 -29.11 16.30
CA VAL H 30 -27.18 -30.43 16.45
C VAL H 30 -27.10 -31.22 15.14
N LEU H 31 -27.34 -30.55 14.02
CA LEU H 31 -27.25 -31.25 12.74
C LEU H 31 -25.82 -31.73 12.48
N SER H 32 -24.84 -30.88 12.73
CA SER H 32 -23.46 -31.22 12.39
C SER H 32 -22.82 -32.18 13.39
N SER H 33 -23.42 -32.36 14.57
CA SER H 33 -22.86 -33.31 15.53
C SER H 33 -22.96 -34.74 15.04
N GLY H 34 -23.95 -35.05 14.21
CA GLY H 34 -24.09 -36.38 13.68
C GLY H 34 -24.46 -37.43 14.70
N ALA H 35 -25.32 -37.10 15.65
CA ALA H 35 -25.68 -38.01 16.72
C ALA H 35 -27.16 -38.35 16.75
N PHE H 36 -27.91 -38.07 15.68
CA PHE H 36 -29.36 -38.20 15.73
C PHE H 36 -29.96 -39.00 14.59
N ASN H 37 -29.18 -39.38 13.58
CA ASN H 37 -29.71 -40.11 12.42
C ASN H 37 -30.86 -39.34 11.78
N TRP H 38 -30.52 -38.16 11.27
CA TRP H 38 -31.48 -37.24 10.67
C TRP H 38 -30.90 -36.76 9.36
N LEU H 39 -31.63 -36.99 8.27
CA LEU H 39 -31.17 -36.72 6.91
C LEU H 39 -29.91 -37.54 6.60
N ARG H 40 -30.10 -38.86 6.57
CA ARG H 40 -29.07 -39.82 6.18
C ARG H 40 -27.84 -39.73 7.08
N ALA H 41 -28.06 -40.09 8.35
CA ALA H 41 -26.97 -40.15 9.31
C ALA H 41 -27.19 -41.29 10.30
N ASN I 7 -52.95 7.84 27.68
CA ASN I 7 -52.37 6.50 27.69
C ASN I 7 -53.03 5.65 28.75
N ASP I 8 -54.35 5.79 28.93
CA ASP I 8 -54.93 5.46 30.22
C ASP I 8 -55.52 4.04 30.26
N LEU I 9 -55.18 3.18 29.32
CA LEU I 9 -55.67 1.80 29.39
C LEU I 9 -54.76 0.91 30.23
N VAL I 10 -53.52 1.31 30.46
CA VAL I 10 -52.58 0.48 31.20
C VAL I 10 -52.83 0.70 32.69
N PRO I 11 -52.61 -0.31 33.54
CA PRO I 11 -52.82 -0.13 34.98
C PRO I 11 -51.86 0.89 35.56
N ASP I 12 -52.19 1.34 36.78
CA ASP I 12 -51.47 2.45 37.39
C ASP I 12 -50.02 2.08 37.69
N GLN I 13 -49.77 0.84 38.13
CA GLN I 13 -48.41 0.50 38.55
C GLN I 13 -47.43 0.51 37.38
N TRP I 14 -47.91 0.27 36.15
CA TRP I 14 -47.07 0.35 34.97
C TRP I 14 -47.37 1.57 34.11
N LYS I 15 -48.05 2.57 34.69
CA LYS I 15 -48.51 3.75 33.90
C LYS I 15 -47.36 4.51 33.24
N PRO I 16 -46.26 4.83 33.94
CA PRO I 16 -45.15 5.60 33.33
C PRO I 16 -44.41 4.85 32.21
N LEU I 17 -44.15 3.56 32.44
CA LEU I 17 -43.38 2.68 31.51
C LEU I 17 -44.09 2.44 30.16
N PHE I 18 -45.41 2.25 30.15
CA PHE I 18 -46.08 1.85 28.92
C PHE I 18 -47.04 2.92 28.44
N ASN I 19 -46.96 3.23 27.15
CA ASN I 19 -48.00 3.99 26.48
C ASN I 19 -49.25 3.13 26.33
N ASN I 20 -50.26 3.64 25.64
CA ASN I 20 -51.46 2.83 25.48
C ASN I 20 -51.40 1.93 24.25
N ALA I 21 -50.67 2.33 23.20
CA ALA I 21 -50.46 1.41 22.09
C ALA I 21 -49.42 0.34 22.43
N GLN I 22 -48.41 0.69 23.22
CA GLN I 22 -47.35 -0.24 23.59
C GLN I 22 -47.86 -1.39 24.46
N TRP I 23 -49.09 -1.28 24.98
CA TRP I 23 -49.61 -2.31 25.87
C TRP I 23 -50.14 -3.51 25.09
N LEU I 24 -50.91 -3.27 24.03
CA LEU I 24 -51.52 -4.38 23.29
C LEU I 24 -50.45 -5.23 22.59
N VAL I 25 -49.46 -4.59 21.99
CA VAL I 25 -48.37 -5.33 21.37
C VAL I 25 -47.65 -6.17 22.42
N HIS I 26 -47.52 -5.66 23.64
CA HIS I 26 -46.89 -6.44 24.70
C HIS I 26 -47.77 -7.61 25.11
N ASP I 27 -49.08 -7.49 25.03
CA ASP I 27 -49.94 -8.64 25.27
C ASP I 27 -49.69 -9.69 24.19
N ILE I 28 -49.65 -9.28 22.93
CA ILE I 28 -49.39 -10.21 21.85
C ILE I 28 -48.07 -10.94 22.08
N VAL I 29 -47.04 -10.20 22.51
CA VAL I 29 -45.72 -10.79 22.71
C VAL I 29 -45.78 -11.84 23.81
N VAL I 30 -46.45 -11.54 24.91
CA VAL I 30 -46.53 -12.51 26.01
C VAL I 30 -47.26 -13.77 25.56
N LYS I 31 -48.38 -13.62 24.84
CA LYS I 31 -49.11 -14.79 24.39
C LYS I 31 -48.26 -15.66 23.47
N THR I 32 -47.58 -15.02 22.51
CA THR I 32 -46.72 -15.76 21.60
C THR I 32 -45.61 -16.49 22.34
N ILE I 33 -45.02 -15.84 23.34
CA ILE I 33 -43.93 -16.47 24.08
C ILE I 33 -44.42 -17.68 24.84
N TYR I 34 -45.61 -17.59 25.45
CA TYR I 34 -46.15 -18.74 26.17
C TYR I 34 -46.40 -19.91 25.22
N GLY I 35 -47.04 -19.63 24.08
CA GLY I 35 -47.27 -20.71 23.12
C GLY I 35 -46.00 -21.34 22.65
N GLY I 36 -44.99 -20.52 22.32
CA GLY I 36 -43.72 -21.05 21.89
C GLY I 36 -43.05 -21.91 22.93
N LEU I 37 -43.14 -21.50 24.20
CA LEU I 37 -42.54 -22.31 25.26
C LEU I 37 -43.23 -23.67 25.38
N ILE I 38 -44.56 -23.70 25.29
CA ILE I 38 -45.26 -24.98 25.36
C ILE I 38 -44.81 -25.89 24.23
N ILE I 39 -44.76 -25.36 23.00
CA ILE I 39 -44.34 -26.19 21.87
C ILE I 39 -42.90 -26.64 22.03
N ALA I 40 -42.04 -25.78 22.56
CA ALA I 40 -40.64 -26.15 22.76
C ALA I 40 -40.51 -27.30 23.75
N VAL I 41 -41.29 -27.26 24.84
CA VAL I 41 -41.24 -28.33 25.83
C VAL I 41 -41.71 -29.65 25.21
N ILE I 42 -42.79 -29.60 24.44
CA ILE I 42 -43.28 -30.82 23.80
C ILE I 42 -42.21 -31.39 22.86
N ALA I 43 -41.60 -30.53 22.05
CA ALA I 43 -40.60 -30.99 21.10
C ALA I 43 -39.38 -31.58 21.82
N HIS I 44 -39.03 -31.04 22.98
CA HIS I 44 -37.89 -31.62 23.66
C HIS I 44 -38.24 -32.96 24.26
N VAL I 45 -39.44 -33.11 24.83
CA VAL I 45 -39.82 -34.43 25.31
C VAL I 45 -39.79 -35.44 24.18
N LEU I 46 -40.20 -35.04 22.98
CA LEU I 46 -40.18 -35.97 21.86
C LEU I 46 -38.76 -36.31 21.44
N CYS I 47 -37.88 -35.39 21.21
CA CYS I 47 -36.60 -35.86 20.75
C CYS I 47 -35.90 -36.74 21.78
N TRP I 48 -36.20 -36.56 23.05
CA TRP I 48 -35.60 -37.38 24.09
C TRP I 48 -36.16 -38.78 24.05
N ALA I 49 -37.47 -38.88 23.96
CA ALA I 49 -38.01 -40.23 23.81
C ALA I 49 -37.39 -40.95 22.62
N TRP I 50 -37.08 -40.20 21.56
CA TRP I 50 -36.47 -40.79 20.38
C TRP I 50 -35.10 -41.37 20.69
N THR I 51 -34.13 -40.50 21.00
CA THR I 51 -32.76 -40.89 21.36
C THR I 51 -32.28 -39.85 22.36
N PRO I 52 -31.90 -40.26 23.57
CA PRO I 52 -31.41 -39.29 24.55
C PRO I 52 -30.05 -38.73 24.15
N TRP I 53 -29.78 -37.48 24.51
CA TRP I 53 -28.51 -36.89 24.17
C TRP I 53 -27.49 -37.06 25.24
N ILE I 54 -27.88 -36.98 26.53
CA ILE I 54 -26.88 -36.99 27.58
C ILE I 54 -26.26 -38.38 27.71
N ARG I 55 -27.11 -39.47 27.71
CA ARG I 55 -26.66 -40.87 27.76
C ARG I 55 -25.75 -41.13 28.96
N ARG J 4 -47.92 4.80 14.40
CA ARG J 4 -47.11 5.83 15.05
C ARG J 4 -46.01 5.24 15.95
N PRO J 5 -46.36 4.28 16.84
CA PRO J 5 -45.28 3.61 17.59
C PRO J 5 -44.56 2.55 16.77
N PHE J 6 -45.31 1.85 15.93
CA PHE J 6 -44.79 0.80 15.06
C PHE J 6 -45.33 1.05 13.66
N GLU J 7 -44.44 1.44 12.75
CA GLU J 7 -44.84 1.58 11.36
C GLU J 7 -45.14 0.21 10.77
N PHE J 8 -46.30 0.08 10.14
CA PHE J 8 -46.72 -1.20 9.60
C PHE J 8 -45.80 -1.66 8.48
N ARG J 9 -45.36 -0.73 7.64
CA ARG J 9 -44.57 -1.12 6.47
C ARG J 9 -43.22 -1.68 6.87
N THR J 10 -42.63 -1.18 7.96
CA THR J 10 -41.39 -1.79 8.43
C THR J 10 -41.60 -3.27 8.75
N SER J 11 -42.73 -3.59 9.40
CA SER J 11 -43.03 -4.97 9.72
C SER J 11 -43.14 -5.82 8.47
N VAL J 12 -43.88 -5.34 7.45
CA VAL J 12 -44.04 -6.18 6.27
C VAL J 12 -42.72 -6.32 5.51
N VAL J 13 -41.90 -5.27 5.49
CA VAL J 13 -40.60 -5.36 4.81
C VAL J 13 -39.72 -6.41 5.49
N VAL J 14 -39.56 -6.30 6.81
CA VAL J 14 -38.69 -7.26 7.49
C VAL J 14 -39.27 -8.66 7.41
N SER J 15 -40.61 -8.78 7.39
CA SER J 15 -41.22 -10.10 7.30
C SER J 15 -40.93 -10.77 5.96
N THR J 16 -41.14 -10.06 4.88
CA THR J 16 -40.88 -10.69 3.63
C THR J 16 -39.41 -10.94 3.37
N LEU J 17 -38.52 -10.10 3.86
CA LEU J 17 -37.09 -10.38 3.72
C LEU J 17 -36.70 -11.62 4.51
N LEU J 18 -37.12 -11.70 5.77
CA LEU J 18 -36.75 -12.86 6.58
C LEU J 18 -37.33 -14.15 6.00
N GLY J 19 -38.57 -14.11 5.54
CA GLY J 19 -39.18 -15.30 4.97
C GLY J 19 -38.46 -15.78 3.73
N LEU J 20 -38.11 -14.84 2.84
CA LEU J 20 -37.42 -15.21 1.61
C LEU J 20 -36.05 -15.80 1.92
N VAL J 21 -35.28 -15.13 2.77
CA VAL J 21 -33.96 -15.65 3.13
C VAL J 21 -34.09 -17.05 3.73
N MET J 22 -35.10 -17.25 4.58
CA MET J 22 -35.23 -18.54 5.26
C MET J 22 -35.60 -19.65 4.29
N ALA J 23 -36.53 -19.38 3.37
CA ALA J 23 -36.86 -20.36 2.34
C ALA J 23 -35.63 -20.71 1.51
N LEU J 24 -34.86 -19.69 1.10
CA LEU J 24 -33.67 -19.95 0.28
C LEU J 24 -32.64 -20.79 1.03
N LEU J 25 -32.39 -20.45 2.29
CA LEU J 25 -31.40 -21.20 3.06
C LEU J 25 -31.82 -22.65 3.24
N ILE J 26 -33.09 -22.89 3.54
CA ILE J 26 -33.53 -24.27 3.74
C ILE J 26 -33.45 -25.05 2.44
N HIS J 27 -33.86 -24.48 1.32
CA HIS J 27 -33.73 -25.19 0.09
C HIS J 27 -32.28 -25.48 -0.26
N PHE J 28 -31.34 -24.55 -0.03
CA PHE J 28 -29.93 -24.83 -0.28
C PHE J 28 -29.43 -25.98 0.56
N VAL J 29 -29.73 -25.95 1.85
CA VAL J 29 -29.26 -26.99 2.75
C VAL J 29 -29.81 -28.35 2.34
N VAL J 30 -31.12 -28.41 2.04
CA VAL J 30 -31.71 -29.69 1.66
C VAL J 30 -31.13 -30.21 0.35
N LEU J 31 -30.90 -29.31 -0.61
CA LEU J 31 -30.31 -29.75 -1.87
C LEU J 31 -28.90 -30.28 -1.66
N SER J 32 -28.10 -29.58 -0.88
CA SER J 32 -26.69 -29.96 -0.73
C SER J 32 -26.49 -31.14 0.21
N SER J 33 -27.51 -31.51 1.00
CA SER J 33 -27.37 -32.67 1.88
C SER J 33 -27.26 -33.97 1.08
N GLY J 34 -27.85 -34.01 -0.10
CA GLY J 34 -27.76 -35.20 -0.93
C GLY J 34 -28.50 -36.39 -0.36
N ALA J 35 -29.67 -36.19 0.22
CA ALA J 35 -30.42 -37.27 0.85
C ALA J 35 -31.78 -37.49 0.24
N PHE J 36 -32.06 -36.93 -0.94
CA PHE J 36 -33.40 -36.95 -1.49
C PHE J 36 -33.51 -37.46 -2.92
N ASN J 37 -32.40 -37.69 -3.61
CA ASN J 37 -32.43 -38.14 -5.00
C ASN J 37 -33.24 -37.16 -5.86
N TRP J 38 -32.73 -35.93 -5.94
CA TRP J 38 -33.37 -34.84 -6.63
C TRP J 38 -32.33 -34.15 -7.50
N LEU J 39 -32.57 -34.11 -8.80
CA LEU J 39 -31.62 -33.62 -9.79
C LEU J 39 -30.33 -34.45 -9.76
N ARG J 40 -30.49 -35.72 -10.14
CA ARG J 40 -29.38 -36.66 -10.31
C ARG J 40 -28.61 -36.85 -9.00
N ALA J 41 -29.31 -37.44 -8.03
CA ALA J 41 -28.68 -37.79 -6.76
C ALA J 41 -29.28 -39.07 -6.19
N ARG K 4 -52.62 6.67 1.97
CA ARG K 4 -51.71 6.13 0.98
C ARG K 4 -50.29 5.99 1.53
N PRO K 5 -50.12 5.10 2.52
CA PRO K 5 -48.79 4.93 3.13
C PRO K 5 -47.83 4.13 2.26
N PHE K 6 -48.35 3.09 1.61
CA PHE K 6 -47.53 2.18 0.82
C PHE K 6 -47.53 2.63 -0.63
N GLU K 7 -46.37 3.08 -1.11
CA GLU K 7 -46.27 3.51 -2.50
C GLU K 7 -46.32 2.32 -3.42
N PHE K 8 -47.20 2.39 -4.42
CA PHE K 8 -47.39 1.28 -5.33
C PHE K 8 -46.12 0.98 -6.13
N ARG K 9 -45.42 2.03 -6.55
CA ARG K 9 -44.28 1.81 -7.42
C ARG K 9 -43.14 1.11 -6.71
N THR K 10 -42.97 1.33 -5.41
CA THR K 10 -41.98 0.55 -4.67
C THR K 10 -42.28 -0.94 -4.76
N SER K 11 -43.56 -1.29 -4.64
CA SER K 11 -43.95 -2.69 -4.73
C SER K 11 -43.60 -3.26 -6.09
N VAL K 12 -43.93 -2.55 -7.17
CA VAL K 12 -43.67 -3.14 -8.48
C VAL K 12 -42.17 -3.21 -8.75
N VAL K 13 -41.40 -2.23 -8.26
CA VAL K 13 -39.94 -2.26 -8.45
C VAL K 13 -39.35 -3.48 -7.75
N VAL K 14 -39.67 -3.66 -6.46
CA VAL K 14 -39.09 -4.79 -5.74
C VAL K 14 -39.59 -6.10 -6.31
N SER K 15 -40.82 -6.13 -6.82
CA SER K 15 -41.37 -7.35 -7.38
C SER K 15 -40.62 -7.76 -8.64
N THR K 16 -40.46 -6.86 -9.60
CA THR K 16 -39.73 -7.19 -10.82
C THR K 16 -38.24 -7.41 -10.63
N LEU K 17 -37.63 -6.86 -9.59
CA LEU K 17 -36.25 -7.21 -9.28
C LEU K 17 -36.14 -8.60 -8.69
N LEU K 18 -36.99 -8.91 -7.69
CA LEU K 18 -36.91 -10.22 -7.07
C LEU K 18 -37.23 -11.32 -8.06
N GLY K 19 -38.25 -11.10 -8.91
CA GLY K 19 -38.60 -12.12 -9.88
C GLY K 19 -37.49 -12.38 -10.87
N LEU K 20 -36.85 -11.32 -11.36
CA LEU K 20 -35.77 -11.49 -12.32
C LEU K 20 -34.60 -12.22 -11.71
N VAL K 21 -34.18 -11.79 -10.51
CA VAL K 21 -33.07 -12.46 -9.83
C VAL K 21 -33.39 -13.93 -9.62
N MET K 22 -34.64 -14.23 -9.24
CA MET K 22 -34.99 -15.61 -8.93
C MET K 22 -34.97 -16.48 -10.17
N ALA K 23 -35.53 -15.97 -11.28
CA ALA K 23 -35.47 -16.71 -12.54
C ALA K 23 -34.02 -16.97 -12.95
N LEU K 24 -33.17 -15.95 -12.85
CA LEU K 24 -31.77 -16.11 -13.23
C LEU K 24 -31.06 -17.16 -12.37
N LEU K 25 -31.27 -17.10 -11.06
CA LEU K 25 -30.61 -18.04 -10.17
C LEU K 25 -31.06 -19.46 -10.45
N ILE K 26 -32.36 -19.68 -10.66
CA ILE K 26 -32.83 -21.03 -10.92
C ILE K 26 -32.30 -21.54 -12.25
N HIS K 27 -32.34 -20.64 -13.30
CA HIS K 27 -31.82 -21.05 -14.59
C HIS K 27 -30.36 -21.48 -14.47
N PHE K 28 -29.45 -20.71 -13.67
CA PHE K 28 -28.03 -21.03 -13.47
C PHE K 28 -27.87 -22.37 -12.78
N VAL K 29 -28.60 -22.56 -11.68
CA VAL K 29 -28.46 -23.79 -10.90
C VAL K 29 -28.83 -25.01 -11.76
N VAL K 30 -29.93 -24.92 -12.50
CA VAL K 30 -30.36 -26.05 -13.32
C VAL K 30 -29.34 -26.32 -14.42
N LEU K 31 -28.80 -25.28 -15.05
CA LEU K 31 -27.80 -25.51 -16.09
C LEU K 31 -26.55 -26.16 -15.51
N SER K 32 -26.07 -25.68 -14.37
CA SER K 32 -24.82 -26.18 -13.82
C SER K 32 -24.95 -27.54 -13.14
N SER K 33 -26.18 -27.98 -12.85
CA SER K 33 -26.35 -29.30 -12.24
C SER K 33 -25.97 -30.42 -13.20
N GLY K 34 -26.10 -30.19 -14.50
CA GLY K 34 -25.72 -31.20 -15.47
C GLY K 34 -26.59 -32.43 -15.46
N ALA K 35 -27.89 -32.25 -15.28
CA ALA K 35 -28.81 -33.39 -15.19
C ALA K 35 -29.87 -33.38 -16.27
N PHE K 36 -29.72 -32.60 -17.33
CA PHE K 36 -30.79 -32.42 -18.29
C PHE K 36 -30.37 -32.62 -19.75
N ASN K 37 -29.09 -32.80 -20.05
CA ASN K 37 -28.61 -32.94 -21.42
C ASN K 37 -29.08 -31.76 -22.28
N TRP K 38 -28.59 -30.59 -21.92
CA TRP K 38 -28.96 -29.33 -22.56
C TRP K 38 -27.67 -28.57 -22.84
N LEU K 39 -27.44 -28.25 -24.12
CA LEU K 39 -26.19 -27.64 -24.58
C LEU K 39 -25.00 -28.55 -24.28
N ARG K 40 -25.01 -29.70 -24.95
CA ARG K 40 -23.91 -30.67 -24.92
C ARG K 40 -23.65 -31.16 -23.49
N ALA K 41 -24.64 -31.88 -22.97
CA ALA K 41 -24.51 -32.51 -21.66
C ALA K 41 -25.24 -33.84 -21.61
N ASN L 7 -60.06 11.75 -10.37
CA ASN L 7 -59.31 10.66 -9.75
C ASN L 7 -60.23 9.72 -9.01
N ASP L 8 -61.37 9.42 -9.61
CA ASP L 8 -62.36 8.58 -8.93
C ASP L 8 -62.68 7.33 -9.71
N LEU L 9 -61.75 6.88 -10.53
CA LEU L 9 -62.03 5.72 -11.38
C LEU L 9 -61.95 4.40 -10.62
N VAL L 10 -61.28 4.39 -9.48
CA VAL L 10 -61.11 3.15 -8.71
C VAL L 10 -62.37 2.91 -7.88
N PRO L 11 -62.74 1.66 -7.63
CA PRO L 11 -63.93 1.39 -6.83
C PRO L 11 -63.77 1.89 -5.40
N ASP L 12 -64.89 2.05 -4.71
CA ASP L 12 -64.86 2.63 -3.37
C ASP L 12 -64.10 1.80 -2.33
N GLN L 13 -64.19 0.47 -2.45
CA GLN L 13 -63.51 -0.36 -1.47
C GLN L 13 -62.01 -0.08 -1.44
N TRP L 14 -61.41 0.16 -2.61
CA TRP L 14 -59.99 0.42 -2.73
C TRP L 14 -59.68 1.89 -2.96
N LYS L 15 -60.63 2.78 -2.68
CA LYS L 15 -60.39 4.20 -2.91
C LYS L 15 -59.28 4.78 -2.03
N PRO L 16 -59.19 4.48 -0.73
CA PRO L 16 -58.11 5.11 0.05
C PRO L 16 -56.72 4.74 -0.42
N LEU L 17 -56.56 3.57 -1.05
CA LEU L 17 -55.23 3.08 -1.37
C LEU L 17 -54.74 3.57 -2.72
N PHE L 18 -55.52 3.35 -3.77
CA PHE L 18 -55.08 3.56 -5.13
C PHE L 18 -55.47 4.94 -5.64
N ASN L 19 -54.52 5.62 -6.25
CA ASN L 19 -54.81 6.79 -7.06
C ASN L 19 -55.50 6.37 -8.35
N ASN L 20 -55.78 7.33 -9.22
CA ASN L 20 -56.37 6.98 -10.49
C ASN L 20 -55.33 6.39 -11.44
N ALA L 21 -54.17 7.03 -11.55
CA ALA L 21 -53.16 6.51 -12.46
C ALA L 21 -52.60 5.18 -11.98
N GLN L 22 -52.48 4.99 -10.67
CA GLN L 22 -51.94 3.74 -10.13
C GLN L 22 -52.86 2.54 -10.39
N TRP L 23 -54.08 2.77 -10.86
CA TRP L 23 -55.00 1.66 -11.09
C TRP L 23 -54.72 0.95 -12.41
N LEU L 24 -54.50 1.72 -13.49
CA LEU L 24 -54.30 1.12 -14.79
C LEU L 24 -53.01 0.32 -14.85
N VAL L 25 -52.00 0.82 -14.21
CA VAL L 25 -50.79 0.05 -14.15
C VAL L 25 -51.11 -1.23 -13.37
N HIS L 26 -51.78 -1.14 -12.23
CA HIS L 26 -52.10 -2.38 -11.53
C HIS L 26 -52.79 -3.38 -12.43
N ASP L 27 -53.63 -2.90 -13.36
CA ASP L 27 -54.32 -3.80 -14.27
C ASP L 27 -53.29 -4.47 -15.17
N ILE L 28 -52.39 -3.68 -15.75
CA ILE L 28 -51.35 -4.24 -16.62
C ILE L 28 -50.55 -5.30 -15.87
N VAL L 29 -50.21 -5.02 -14.62
CA VAL L 29 -49.39 -5.95 -13.84
C VAL L 29 -50.14 -7.27 -13.63
N VAL L 30 -51.42 -7.20 -13.29
CA VAL L 30 -52.19 -8.42 -13.08
C VAL L 30 -52.28 -9.24 -14.36
N LYS L 31 -52.55 -8.58 -15.49
CA LYS L 31 -52.64 -9.31 -16.74
C LYS L 31 -51.33 -10.01 -17.08
N THR L 32 -50.22 -9.28 -16.94
CA THR L 32 -48.91 -9.86 -17.23
C THR L 32 -48.62 -11.05 -16.31
N ILE L 33 -48.97 -10.93 -15.03
CA ILE L 33 -48.71 -12.02 -14.10
C ILE L 33 -49.51 -13.26 -14.47
N TYR L 34 -50.77 -13.08 -14.86
CA TYR L 34 -51.57 -14.24 -15.26
C TYR L 34 -50.97 -14.93 -16.49
N GLY L 35 -50.61 -14.13 -17.51
CA GLY L 35 -50.00 -14.73 -18.68
C GLY L 35 -48.73 -15.47 -18.37
N GLY L 36 -47.87 -14.86 -17.54
CA GLY L 36 -46.63 -15.50 -17.16
C GLY L 36 -46.85 -16.80 -16.43
N LEU L 37 -47.86 -16.84 -15.54
CA LEU L 37 -48.14 -18.08 -14.82
C LEU L 37 -48.60 -19.18 -15.77
N ILE L 38 -49.45 -18.84 -16.74
CA ILE L 38 -49.89 -19.85 -17.70
C ILE L 38 -48.70 -20.43 -18.46
N ILE L 39 -47.82 -19.54 -18.94
CA ILE L 39 -46.66 -20.02 -19.69
C ILE L 39 -45.74 -20.85 -18.79
N ALA L 40 -45.59 -20.45 -17.54
CA ALA L 40 -44.74 -21.20 -16.63
C ALA L 40 -45.28 -22.61 -16.40
N VAL L 41 -46.60 -22.74 -16.25
CA VAL L 41 -47.19 -24.06 -16.04
C VAL L 41 -46.97 -24.94 -17.27
N ILE L 42 -47.17 -24.37 -18.47
CA ILE L 42 -46.96 -25.14 -19.69
C ILE L 42 -45.50 -25.61 -19.76
N ALA L 43 -44.56 -24.70 -19.50
CA ALA L 43 -43.15 -25.06 -19.57
C ALA L 43 -42.78 -26.13 -18.55
N HIS L 44 -43.32 -26.08 -17.39
CA HIS L 44 -43.03 -27.10 -16.39
C HIS L 44 -43.56 -28.45 -16.82
N VAL L 45 -44.86 -28.51 -17.37
CA VAL L 45 -45.38 -29.78 -17.89
C VAL L 45 -44.46 -30.34 -18.97
N LEU L 46 -43.92 -29.47 -19.81
CA LEU L 46 -43.03 -29.94 -20.86
C LEU L 46 -41.72 -30.46 -20.29
N CYS L 47 -41.05 -29.82 -19.38
CA CYS L 47 -39.80 -30.41 -18.95
C CYS L 47 -39.96 -31.59 -18.01
N TRP L 48 -41.18 -32.02 -17.76
CA TRP L 48 -41.40 -33.18 -16.93
C TRP L 48 -41.68 -34.27 -17.89
N ALA L 49 -42.43 -33.96 -18.94
CA ALA L 49 -42.60 -35.01 -19.93
C ALA L 49 -41.26 -35.41 -20.54
N TRP L 50 -40.34 -34.46 -20.67
CA TRP L 50 -39.03 -34.75 -21.22
C TRP L 50 -38.26 -35.72 -20.33
N THR L 51 -37.88 -35.28 -19.13
CA THR L 51 -37.17 -36.08 -18.13
C THR L 51 -37.62 -35.60 -16.78
N PRO L 52 -38.20 -36.46 -15.95
CA PRO L 52 -38.65 -36.03 -14.62
C PRO L 52 -37.47 -35.71 -13.71
N TRP L 53 -37.63 -34.71 -12.88
CA TRP L 53 -36.58 -34.32 -11.94
C TRP L 53 -36.64 -34.99 -10.54
N ILE L 54 -37.81 -35.44 -10.07
CA ILE L 54 -37.86 -36.06 -8.75
C ILE L 54 -37.42 -37.52 -8.82
N ARG L 55 -37.94 -38.31 -9.85
CA ARG L 55 -37.55 -39.71 -10.07
C ARG L 55 -37.76 -40.57 -8.83
N ARG M 4 -46.15 13.27 -11.83
CA ARG M 4 -45.98 12.05 -12.59
C ARG M 4 -45.43 10.93 -11.71
N PRO M 5 -46.25 9.92 -11.44
CA PRO M 5 -45.77 8.80 -10.61
C PRO M 5 -44.68 7.98 -11.27
N PHE M 6 -44.75 7.77 -12.58
CA PHE M 6 -43.80 6.97 -13.33
C PHE M 6 -43.19 7.81 -14.44
N GLU M 7 -41.87 7.98 -14.42
CA GLU M 7 -41.23 8.65 -15.55
C GLU M 7 -41.00 7.66 -16.67
N PHE M 8 -41.43 8.03 -17.87
CA PHE M 8 -41.32 7.13 -19.01
C PHE M 8 -39.87 6.84 -19.36
N ARG M 9 -39.00 7.85 -19.26
CA ARG M 9 -37.63 7.66 -19.70
C ARG M 9 -36.87 6.70 -18.80
N THR M 10 -37.19 6.66 -17.50
CA THR M 10 -36.58 5.65 -16.66
C THR M 10 -36.90 4.24 -17.16
N SER M 11 -38.15 4.03 -17.58
CA SER M 11 -38.54 2.74 -18.11
C SER M 11 -37.74 2.38 -19.36
N VAL M 12 -37.62 3.32 -20.30
CA VAL M 12 -36.90 2.96 -21.52
C VAL M 12 -35.42 2.75 -21.25
N VAL M 13 -34.83 3.52 -20.32
CA VAL M 13 -33.43 3.34 -19.98
C VAL M 13 -33.19 1.96 -19.41
N VAL M 14 -33.96 1.59 -18.39
CA VAL M 14 -33.76 0.29 -17.77
C VAL M 14 -34.06 -0.84 -18.75
N SER M 15 -35.02 -0.61 -19.65
CA SER M 15 -35.37 -1.65 -20.62
C SER M 15 -34.22 -1.89 -21.58
N THR M 16 -33.67 -0.84 -22.13
CA THR M 16 -32.60 -1.01 -23.09
C THR M 16 -31.31 -1.53 -22.46
N LEU M 17 -31.06 -1.21 -21.20
CA LEU M 17 -29.91 -1.78 -20.50
C LEU M 17 -30.11 -3.25 -20.23
N LEU M 18 -31.26 -3.63 -19.69
CA LEU M 18 -31.49 -5.03 -19.38
C LEU M 18 -31.47 -5.88 -20.64
N GLY M 19 -32.09 -5.39 -21.72
CA GLY M 19 -32.09 -6.16 -22.96
C GLY M 19 -30.70 -6.38 -23.52
N LEU M 20 -29.89 -5.32 -23.51
CA LEU M 20 -28.54 -5.45 -24.04
C LEU M 20 -27.71 -6.41 -23.21
N VAL M 21 -27.75 -6.26 -21.89
CA VAL M 21 -27.00 -7.17 -21.03
C VAL M 21 -27.45 -8.61 -21.26
N MET M 22 -28.76 -8.82 -21.42
CA MET M 22 -29.27 -10.19 -21.56
C MET M 22 -28.83 -10.81 -22.89
N ALA M 23 -28.91 -10.04 -23.98
CA ALA M 23 -28.42 -10.53 -25.26
C ALA M 23 -26.94 -10.89 -25.17
N LEU M 24 -26.14 -10.02 -24.56
CA LEU M 24 -24.70 -10.27 -24.45
C LEU M 24 -24.41 -11.53 -23.64
N LEU M 25 -25.09 -11.69 -22.51
CA LEU M 25 -24.86 -12.86 -21.68
C LEU M 25 -25.23 -14.15 -22.40
N ILE M 26 -26.37 -14.15 -23.09
CA ILE M 26 -26.77 -15.37 -23.79
C ILE M 26 -25.80 -15.68 -24.92
N HIS M 27 -25.41 -14.67 -25.66
CA HIS M 27 -24.45 -14.90 -26.73
C HIS M 27 -23.17 -15.52 -26.19
N PHE M 28 -22.61 -14.98 -25.01
CA PHE M 28 -21.38 -15.48 -24.43
C PHE M 28 -21.53 -16.93 -23.99
N VAL M 29 -22.64 -17.24 -23.31
CA VAL M 29 -22.86 -18.60 -22.83
C VAL M 29 -22.93 -19.58 -24.01
N VAL M 30 -23.68 -19.22 -25.05
CA VAL M 30 -23.81 -20.11 -26.19
C VAL M 30 -22.49 -20.31 -26.89
N LEU M 31 -21.70 -19.24 -27.04
CA LEU M 31 -20.39 -19.39 -27.68
C LEU M 31 -19.48 -20.29 -26.86
N SER M 32 -19.44 -20.09 -25.55
CA SER M 32 -18.50 -20.83 -24.72
C SER M 32 -18.94 -22.26 -24.44
N SER M 33 -20.20 -22.60 -24.70
CA SER M 33 -20.65 -23.97 -24.49
C SER M 33 -19.99 -24.94 -25.47
N GLY M 34 -19.61 -24.46 -26.65
CA GLY M 34 -18.95 -25.31 -27.62
C GLY M 34 -19.83 -26.40 -28.19
N ALA M 35 -21.09 -26.12 -28.45
CA ALA M 35 -22.02 -27.12 -28.94
C ALA M 35 -22.61 -26.78 -30.30
N PHE M 36 -22.03 -25.83 -31.03
CA PHE M 36 -22.65 -25.35 -32.25
C PHE M 36 -21.74 -25.33 -33.47
N ASN M 37 -20.45 -25.60 -33.32
CA ASN M 37 -19.51 -25.55 -34.45
C ASN M 37 -19.57 -24.19 -35.13
N TRP M 38 -19.18 -23.17 -34.37
CA TRP M 38 -19.23 -21.78 -34.81
C TRP M 38 -17.90 -21.14 -34.45
N LEU M 39 -17.20 -20.62 -35.46
CA LEU M 39 -15.85 -20.10 -35.30
C LEU M 39 -14.89 -21.18 -34.81
N ARG M 40 -14.71 -22.18 -35.67
CA ARG M 40 -13.74 -23.27 -35.46
C ARG M 40 -14.05 -24.04 -34.18
N ALA M 41 -15.20 -24.71 -34.21
CA ALA M 41 -15.58 -25.59 -33.11
C ALA M 41 -16.35 -26.81 -33.61
N ASN N 7 -50.24 18.10 -25.84
CA ASN N 7 -50.67 17.81 -24.48
C ASN N 7 -51.97 17.05 -24.56
N ASP N 8 -52.55 17.10 -25.76
CA ASP N 8 -53.89 16.59 -26.05
C ASP N 8 -53.94 15.65 -27.24
N LEU N 9 -52.79 15.12 -27.69
CA LEU N 9 -52.82 14.15 -28.77
C LEU N 9 -53.04 12.72 -28.29
N VAL N 10 -52.79 12.46 -27.01
CA VAL N 10 -52.92 11.11 -26.47
C VAL N 10 -54.39 10.86 -26.16
N PRO N 11 -54.87 9.62 -26.26
CA PRO N 11 -56.28 9.34 -25.95
C PRO N 11 -56.58 9.59 -24.48
N ASP N 12 -57.87 9.73 -24.18
CA ASP N 12 -58.28 10.05 -22.81
C ASP N 12 -57.92 9.02 -21.76
N GLN N 13 -57.99 7.76 -22.13
CA GLN N 13 -57.71 6.70 -21.15
C GLN N 13 -56.30 6.82 -20.61
N TRP N 14 -55.34 7.21 -21.45
CA TRP N 14 -53.95 7.34 -21.07
C TRP N 14 -53.53 8.80 -20.91
N LYS N 15 -54.49 9.71 -20.78
CA LYS N 15 -54.14 11.13 -20.65
C LYS N 15 -53.35 11.45 -19.38
N PRO N 16 -53.70 10.93 -18.20
CA PRO N 16 -52.94 11.32 -17.01
C PRO N 16 -51.48 10.90 -17.07
N LEU N 17 -51.17 9.85 -17.83
CA LEU N 17 -49.82 9.28 -17.78
C LEU N 17 -48.90 9.94 -18.79
N PHE N 18 -49.30 9.97 -20.06
CA PHE N 18 -48.41 10.35 -21.15
C PHE N 18 -48.57 11.83 -21.49
N ASN N 19 -47.44 12.51 -21.62
CA ASN N 19 -47.41 13.82 -22.26
C ASN N 19 -47.65 13.67 -23.75
N ASN N 20 -47.58 14.79 -24.47
CA ASN N 20 -47.73 14.71 -25.92
C ASN N 20 -46.46 14.18 -26.56
N ALA N 21 -45.31 14.73 -26.19
CA ALA N 21 -44.07 14.27 -26.79
C ALA N 21 -43.75 12.82 -26.42
N GLN N 22 -44.09 12.41 -25.20
CA GLN N 22 -43.82 11.04 -24.76
C GLN N 22 -44.59 10.00 -25.55
N TRP N 23 -45.60 10.42 -26.30
CA TRP N 23 -46.44 9.45 -27.02
C TRP N 23 -45.76 8.95 -28.29
N LEU N 24 -45.17 9.86 -29.07
CA LEU N 24 -44.57 9.45 -30.34
C LEU N 24 -43.36 8.55 -30.12
N VAL N 25 -42.62 8.85 -29.07
CA VAL N 25 -41.51 8.01 -28.74
C VAL N 25 -42.08 6.64 -28.35
N HIS N 26 -43.08 6.58 -27.47
CA HIS N 26 -43.66 5.28 -27.15
C HIS N 26 -44.05 4.53 -28.42
N ASP N 27 -44.55 5.21 -29.52
CA ASP N 27 -44.95 4.53 -30.76
C ASP N 27 -43.70 3.94 -31.41
N ILE N 28 -42.62 4.71 -31.49
CA ILE N 28 -41.38 4.21 -32.07
C ILE N 28 -40.91 2.97 -31.33
N VAL N 29 -40.99 3.01 -29.99
CA VAL N 29 -40.52 1.88 -29.18
C VAL N 29 -41.33 0.64 -29.48
N VAL N 30 -42.65 0.77 -29.55
CA VAL N 30 -43.49 -0.39 -29.82
C VAL N 30 -43.18 -0.99 -31.20
N LYS N 31 -43.03 -0.12 -32.21
CA LYS N 31 -42.73 -0.63 -33.55
C LYS N 31 -41.41 -1.38 -33.56
N THR N 32 -40.38 -0.79 -32.94
CA THR N 32 -39.07 -1.45 -32.90
C THR N 32 -39.15 -2.78 -32.17
N ILE N 33 -39.90 -2.85 -31.07
CA ILE N 33 -40.00 -4.09 -30.32
C ILE N 33 -40.67 -5.17 -31.14
N TYR N 34 -41.73 -4.82 -31.89
CA TYR N 34 -42.39 -5.81 -32.73
C TYR N 34 -41.45 -6.34 -33.80
N GLY N 35 -40.74 -5.43 -34.48
CA GLY N 35 -39.80 -5.88 -35.50
C GLY N 35 -38.73 -6.78 -34.93
N GLY N 36 -38.17 -6.40 -33.79
CA GLY N 36 -37.16 -7.21 -33.15
C GLY N 36 -37.66 -8.59 -32.78
N LEU N 37 -38.90 -8.67 -32.29
CA LEU N 37 -39.44 -9.98 -31.93
C LEU N 37 -39.62 -10.86 -33.16
N ILE N 38 -40.08 -10.29 -34.28
CA ILE N 38 -40.21 -11.09 -35.49
C ILE N 38 -38.85 -11.64 -35.93
N ILE N 39 -37.83 -10.77 -35.93
CA ILE N 39 -36.51 -11.24 -36.35
C ILE N 39 -35.97 -12.28 -35.38
N ALA N 40 -36.23 -12.11 -34.08
CA ALA N 40 -35.75 -13.08 -33.10
C ALA N 40 -36.39 -14.44 -33.32
N VAL N 41 -37.69 -14.47 -33.63
CA VAL N 41 -38.36 -15.75 -33.87
C VAL N 41 -37.79 -16.42 -35.10
N ILE N 42 -37.56 -15.65 -36.17
CA ILE N 42 -36.97 -16.25 -37.38
C ILE N 42 -35.59 -16.83 -37.07
N ALA N 43 -34.77 -16.06 -36.36
CA ALA N 43 -33.42 -16.54 -36.05
C ALA N 43 -33.46 -17.79 -35.18
N HIS N 44 -34.36 -17.85 -34.33
CA HIS N 44 -34.45 -19.05 -33.51
C HIS N 44 -34.86 -20.26 -34.35
N VAL N 45 -35.88 -20.12 -35.19
CA VAL N 45 -36.25 -21.24 -36.07
C VAL N 45 -35.05 -21.69 -36.87
N LEU N 46 -34.23 -20.75 -37.33
CA LEU N 46 -33.05 -21.14 -38.10
C LEU N 46 -32.02 -21.87 -37.25
N CYS N 47 -31.74 -21.51 -36.05
CA CYS N 47 -30.72 -22.34 -35.39
C CYS N 47 -31.17 -23.73 -34.91
N TRP N 48 -32.41 -24.15 -35.20
CA TRP N 48 -32.86 -25.51 -34.82
C TRP N 48 -32.85 -26.29 -36.07
N ALA N 49 -33.11 -25.62 -37.17
CA ALA N 49 -33.02 -26.26 -38.46
C ALA N 49 -31.58 -26.51 -38.70
N TRP N 50 -30.75 -25.85 -37.91
CA TRP N 50 -29.33 -26.18 -38.04
C TRP N 50 -28.94 -27.34 -37.16
N THR N 51 -28.96 -27.14 -35.83
CA THR N 51 -28.65 -28.16 -34.83
C THR N 51 -29.52 -27.87 -33.62
N PRO N 52 -30.37 -28.79 -33.20
CA PRO N 52 -31.21 -28.54 -32.02
C PRO N 52 -30.38 -28.50 -30.75
N TRP N 53 -30.84 -27.69 -29.80
CA TRP N 53 -30.12 -27.53 -28.57
C TRP N 53 -30.59 -28.47 -27.47
N ILE N 54 -31.89 -28.80 -27.42
CA ILE N 54 -32.42 -29.60 -26.32
C ILE N 54 -32.03 -31.07 -26.52
N ARG N 55 -32.20 -31.62 -27.78
CA ARG N 55 -31.82 -33.00 -28.14
C ARG N 55 -32.45 -34.03 -27.21
N ARG O 4 -36.77 18.62 -25.24
CA ARG O 4 -36.27 18.71 -23.87
C ARG O 4 -36.34 17.41 -23.02
N PRO O 5 -37.26 16.48 -23.31
CA PRO O 5 -37.23 15.22 -22.53
C PRO O 5 -35.98 14.39 -22.75
N PHE O 6 -35.47 14.34 -23.98
CA PHE O 6 -34.24 13.64 -24.30
C PHE O 6 -33.30 14.62 -25.00
N GLU O 7 -32.03 14.66 -24.57
CA GLU O 7 -31.10 15.44 -25.36
C GLU O 7 -30.60 14.60 -26.53
N PHE O 8 -30.67 15.17 -27.73
CA PHE O 8 -30.28 14.43 -28.92
C PHE O 8 -28.79 14.09 -28.91
N ARG O 9 -27.97 15.02 -28.43
CA ARG O 9 -26.53 14.81 -28.52
C ARG O 9 -26.07 13.68 -27.60
N THR O 10 -26.74 13.47 -26.47
CA THR O 10 -26.41 12.31 -25.64
C THR O 10 -26.62 11.03 -26.43
N SER O 11 -27.71 10.96 -27.19
CA SER O 11 -27.98 9.77 -28.00
C SER O 11 -26.88 9.55 -29.03
N VAL O 12 -26.47 10.60 -29.75
CA VAL O 12 -25.47 10.37 -30.78
C VAL O 12 -24.11 10.03 -30.16
N VAL O 13 -23.79 10.62 -29.00
CA VAL O 13 -22.53 10.29 -28.34
C VAL O 13 -22.50 8.82 -27.93
N VAL O 14 -23.54 8.37 -27.22
CA VAL O 14 -23.54 6.98 -26.78
C VAL O 14 -23.60 6.04 -27.97
N SER O 15 -24.27 6.45 -29.05
CA SER O 15 -24.36 5.60 -30.23
C SER O 15 -23.00 5.40 -30.88
N THR O 16 -22.31 6.47 -31.17
CA THR O 16 -21.01 6.37 -31.77
C THR O 16 -19.96 5.69 -30.88
N LEU O 17 -20.04 5.81 -29.56
CA LEU O 17 -19.15 5.08 -28.69
C LEU O 17 -19.45 3.58 -28.70
N LEU O 18 -20.72 3.21 -28.55
CA LEU O 18 -21.06 1.80 -28.54
C LEU O 18 -20.73 1.14 -29.86
N GLY O 19 -21.01 1.82 -30.98
CA GLY O 19 -20.70 1.23 -32.27
C GLY O 19 -19.22 1.01 -32.48
N LEU O 20 -18.40 2.00 -32.09
CA LEU O 20 -16.96 1.86 -32.25
C LEU O 20 -16.42 0.72 -31.39
N VAL O 21 -16.81 0.68 -30.11
CA VAL O 21 -16.36 -0.39 -29.24
C VAL O 21 -16.76 -1.74 -29.81
N MET O 22 -17.99 -1.84 -30.34
CA MET O 22 -18.46 -3.13 -30.81
C MET O 22 -17.70 -3.59 -32.06
N ALA O 23 -17.46 -2.67 -32.99
CA ALA O 23 -16.66 -3.00 -34.17
C ALA O 23 -15.27 -3.48 -33.74
N LEU O 24 -14.64 -2.76 -32.80
CA LEU O 24 -13.29 -3.12 -32.36
C LEU O 24 -13.27 -4.50 -31.71
N LEU O 25 -14.24 -4.77 -30.85
CA LEU O 25 -14.27 -6.05 -30.17
C LEU O 25 -14.47 -7.20 -31.15
N ILE O 26 -15.37 -7.03 -32.12
CA ILE O 26 -15.60 -8.11 -33.07
C ILE O 26 -14.38 -8.32 -33.93
N HIS O 27 -13.75 -7.17 -34.40
CA HIS O 27 -12.53 -7.30 -35.20
C HIS O 27 -11.46 -8.07 -34.45
N PHE O 28 -11.36 -7.93 -33.14
CA PHE O 28 -10.25 -8.59 -32.42
C PHE O 28 -10.56 -10.00 -32.07
N VAL O 29 -11.81 -10.29 -31.81
CA VAL O 29 -12.19 -11.69 -31.62
C VAL O 29 -11.98 -12.49 -32.91
N VAL O 30 -12.39 -11.94 -34.04
CA VAL O 30 -12.23 -12.65 -35.30
C VAL O 30 -10.77 -12.84 -35.64
N LEU O 31 -9.94 -11.82 -35.41
CA LEU O 31 -8.51 -11.96 -35.70
C LEU O 31 -7.89 -13.04 -34.81
N SER O 32 -8.20 -13.02 -33.52
CA SER O 32 -7.55 -13.94 -32.59
C SER O 32 -8.09 -15.35 -32.67
N SER O 33 -9.24 -15.56 -33.31
CA SER O 33 -9.77 -16.92 -33.44
C SER O 33 -8.89 -17.78 -34.34
N GLY O 34 -8.20 -17.18 -35.29
CA GLY O 34 -7.32 -17.91 -36.17
C GLY O 34 -8.03 -18.86 -37.11
N ALA O 35 -9.16 -18.45 -37.65
CA ALA O 35 -9.96 -19.30 -38.52
C ALA O 35 -10.14 -18.74 -39.91
N PHE O 36 -9.35 -17.75 -40.32
CA PHE O 36 -9.61 -17.06 -41.58
C PHE O 36 -8.40 -16.92 -42.49
N ASN O 37 -7.20 -17.30 -42.04
CA ASN O 37 -5.99 -17.16 -42.85
C ASN O 37 -5.82 -15.71 -43.30
N TRP O 38 -5.64 -14.83 -42.32
CA TRP O 38 -5.52 -13.40 -42.54
C TRP O 38 -4.32 -12.91 -41.74
N LEU O 39 -3.36 -12.30 -42.44
CA LEU O 39 -2.08 -11.89 -41.86
C LEU O 39 -1.34 -13.11 -41.30
N ARG O 40 -0.94 -13.98 -42.21
CA ARG O 40 -0.10 -15.15 -41.93
C ARG O 40 -0.78 -16.08 -40.92
N ALA O 41 -1.89 -16.66 -41.35
CA ALA O 41 -2.58 -17.66 -40.54
C ALA O 41 -3.22 -18.73 -41.41
N ASN P 7 -37.09 27.54 -35.79
CA ASN P 7 -37.51 26.26 -35.24
C ASN P 7 -38.72 25.72 -35.99
N ASP P 8 -38.82 26.04 -37.28
CA ASP P 8 -40.02 25.70 -38.05
C ASP P 8 -39.72 24.93 -39.34
N LEU P 9 -38.51 24.39 -39.49
CA LEU P 9 -38.24 23.59 -40.69
C LEU P 9 -38.65 22.14 -40.53
N VAL P 10 -38.82 21.66 -39.30
CA VAL P 10 -39.16 20.27 -39.06
C VAL P 10 -40.66 20.10 -39.24
N PRO P 11 -41.13 18.94 -39.70
CA PRO P 11 -42.57 18.73 -39.87
C PRO P 11 -43.30 18.78 -38.54
N ASP P 12 -44.62 18.91 -38.63
CA ASP P 12 -45.44 19.16 -37.45
C ASP P 12 -45.43 17.97 -36.51
N GLN P 13 -45.44 16.74 -37.04
CA GLN P 13 -45.55 15.57 -36.18
C GLN P 13 -44.33 15.46 -35.26
N TRP P 14 -43.16 15.89 -35.72
CA TRP P 14 -41.95 15.86 -34.91
C TRP P 14 -41.55 17.22 -34.39
N LYS P 15 -42.46 18.19 -34.41
CA LYS P 15 -42.12 19.53 -33.95
C LYS P 15 -41.76 19.61 -32.47
N PRO P 16 -42.48 18.95 -31.55
CA PRO P 16 -42.12 19.09 -30.13
C PRO P 16 -40.77 18.49 -29.77
N LEU P 17 -40.23 17.61 -30.62
CA LEU P 17 -38.98 16.93 -30.26
C LEU P 17 -37.77 17.66 -30.82
N PHE P 18 -37.75 17.91 -32.13
CA PHE P 18 -36.56 18.36 -32.82
C PHE P 18 -36.54 19.88 -32.95
N ASN P 19 -35.40 20.48 -32.62
CA ASN P 19 -35.13 21.86 -32.99
C ASN P 19 -34.91 21.95 -34.49
N ASN P 20 -34.58 23.16 -34.93
CA ASN P 20 -34.27 23.38 -36.34
C ASN P 20 -32.90 22.82 -36.70
N ALA P 21 -31.89 23.15 -35.89
CA ALA P 21 -30.53 22.68 -36.16
C ALA P 21 -30.41 21.18 -35.97
N GLN P 22 -31.10 20.62 -34.98
CA GLN P 22 -31.01 19.18 -34.72
C GLN P 22 -31.54 18.34 -35.87
N TRP P 23 -32.28 18.94 -36.80
CA TRP P 23 -32.89 18.17 -37.88
C TRP P 23 -31.87 17.80 -38.95
N LEU P 24 -31.03 18.75 -39.36
CA LEU P 24 -30.08 18.49 -40.44
C LEU P 24 -29.03 17.48 -40.02
N VAL P 25 -28.65 17.55 -38.75
CA VAL P 25 -27.73 16.56 -38.23
C VAL P 25 -28.45 15.24 -38.39
N HIS P 26 -29.68 15.13 -37.91
CA HIS P 26 -30.36 13.85 -37.98
C HIS P 26 -30.36 13.31 -39.41
N ASP P 27 -30.47 14.20 -40.37
CA ASP P 27 -30.47 13.74 -41.76
C ASP P 27 -29.12 13.13 -42.08
N ILE P 28 -28.03 13.83 -41.72
CA ILE P 28 -26.69 13.30 -41.97
C ILE P 28 -26.52 11.94 -41.33
N VAL P 29 -27.01 11.78 -40.10
CA VAL P 29 -26.86 10.53 -39.37
C VAL P 29 -27.58 9.40 -40.10
N VAL P 30 -28.81 9.67 -40.55
CA VAL P 30 -29.56 8.61 -41.25
C VAL P 30 -28.86 8.22 -42.54
N LYS P 31 -28.38 9.20 -43.31
CA LYS P 31 -27.70 8.86 -44.56
C LYS P 31 -26.45 8.02 -44.30
N THR P 32 -25.64 8.42 -43.31
CA THR P 32 -24.45 7.66 -42.97
C THR P 32 -24.79 6.25 -42.54
N ILE P 33 -25.85 6.08 -41.75
CA ILE P 33 -26.22 4.75 -41.27
C ILE P 33 -26.64 3.87 -42.43
N TYR P 34 -27.40 4.41 -43.38
CA TYR P 34 -27.80 3.61 -44.53
C TYR P 34 -26.59 3.17 -45.35
N GLY P 35 -25.67 4.10 -45.63
CA GLY P 35 -24.49 3.73 -46.38
C GLY P 35 -23.67 2.67 -45.66
N GLY P 36 -23.48 2.83 -44.36
CA GLY P 36 -22.74 1.85 -43.58
C GLY P 36 -23.39 0.48 -43.62
N LEU P 37 -24.72 0.43 -43.54
CA LEU P 37 -25.39 -0.86 -43.59
C LEU P 37 -25.20 -1.54 -44.94
N ILE P 38 -25.28 -0.77 -46.03
CA ILE P 38 -25.06 -1.38 -47.34
C ILE P 38 -23.65 -1.96 -47.43
N ILE P 39 -22.64 -1.19 -46.99
CA ILE P 39 -21.28 -1.70 -47.05
C ILE P 39 -21.10 -2.92 -46.15
N ALA P 40 -21.75 -2.92 -44.99
CA ALA P 40 -21.64 -4.05 -44.08
C ALA P 40 -22.21 -5.32 -44.71
N VAL P 41 -23.35 -5.19 -45.38
CA VAL P 41 -23.96 -6.35 -46.03
C VAL P 41 -23.05 -6.89 -47.12
N ILE P 42 -22.48 -6.00 -47.93
CA ILE P 42 -21.57 -6.45 -48.99
C ILE P 42 -20.38 -7.18 -48.38
N ALA P 43 -19.78 -6.60 -47.34
CA ALA P 43 -18.62 -7.24 -46.72
C ALA P 43 -18.96 -8.59 -46.11
N HIS P 44 -20.16 -8.75 -45.57
CA HIS P 44 -20.43 -10.05 -45.01
C HIS P 44 -20.68 -11.05 -46.14
N VAL P 45 -21.35 -10.69 -47.24
CA VAL P 45 -21.47 -11.63 -48.36
C VAL P 45 -20.09 -12.06 -48.83
N LEU P 46 -19.14 -11.13 -48.85
CA LEU P 46 -17.79 -11.49 -49.29
C LEU P 46 -17.11 -12.43 -48.30
N CYS P 47 -17.03 -12.15 -47.03
CA CYS P 47 -16.26 -13.11 -46.21
C CYS P 47 -16.97 -14.41 -46.18
N TRP P 48 -18.26 -14.41 -46.46
CA TRP P 48 -18.93 -15.69 -46.54
C TRP P 48 -18.38 -16.46 -47.71
N ALA P 49 -18.54 -15.91 -48.91
CA ALA P 49 -18.08 -16.59 -50.11
C ALA P 49 -16.66 -17.10 -49.94
N TRP P 50 -15.83 -16.37 -49.18
CA TRP P 50 -14.46 -16.79 -48.94
C TRP P 50 -14.40 -18.10 -48.18
N THR P 51 -14.83 -18.09 -46.91
CA THR P 51 -14.88 -19.27 -46.04
C THR P 51 -16.07 -19.08 -45.13
N PRO P 52 -17.04 -19.99 -45.13
CA PRO P 52 -18.20 -19.85 -44.24
C PRO P 52 -17.81 -20.04 -42.78
N TRP P 53 -18.56 -19.47 -41.86
CA TRP P 53 -18.16 -19.60 -40.47
C TRP P 53 -19.09 -20.46 -39.68
N ILE P 54 -20.29 -20.69 -40.17
CA ILE P 54 -21.15 -21.61 -39.43
C ILE P 54 -20.78 -23.06 -39.73
N ARG P 55 -20.57 -23.41 -41.06
CA ARG P 55 -20.13 -24.75 -41.51
C ARG P 55 -21.06 -25.84 -40.99
N ARG Q 4 -24.84 26.80 -32.18
CA ARG Q 4 -24.84 25.36 -32.40
C ARG Q 4 -24.87 24.58 -31.09
N PRO Q 5 -25.50 23.41 -31.10
CA PRO Q 5 -25.46 22.55 -29.91
C PRO Q 5 -24.10 21.90 -29.68
N PHE Q 6 -23.47 21.39 -30.74
CA PHE Q 6 -22.18 20.72 -30.63
C PHE Q 6 -21.06 21.71 -30.94
N GLU Q 7 -20.05 21.74 -30.08
CA GLU Q 7 -18.87 22.55 -30.38
C GLU Q 7 -18.06 21.89 -31.47
N PHE Q 8 -17.71 22.67 -32.50
CA PHE Q 8 -16.99 22.11 -33.63
C PHE Q 8 -15.60 21.63 -33.21
N ARG Q 9 -14.93 22.38 -32.34
CA ARG Q 9 -13.56 22.05 -32.01
C ARG Q 9 -13.46 20.73 -31.24
N THR Q 10 -14.47 20.39 -30.43
CA THR Q 10 -14.45 19.09 -29.79
C THR Q 10 -14.45 17.98 -30.84
N SER Q 11 -15.24 18.15 -31.89
CA SER Q 11 -15.27 17.16 -32.96
C SER Q 11 -13.91 17.01 -33.63
N VAL Q 12 -13.26 18.13 -33.96
CA VAL Q 12 -11.97 17.98 -34.65
C VAL Q 12 -10.91 17.41 -33.72
N VAL Q 13 -10.95 17.76 -32.43
CA VAL Q 13 -9.99 17.20 -31.48
C VAL Q 13 -10.14 15.69 -31.38
N VAL Q 14 -11.36 15.22 -31.13
CA VAL Q 14 -11.57 13.79 -31.00
C VAL Q 14 -11.27 13.07 -32.31
N SER Q 15 -11.54 13.72 -33.44
CA SER Q 15 -11.29 13.10 -34.73
C SER Q 15 -9.79 12.90 -34.95
N THR Q 16 -8.98 13.92 -34.75
CA THR Q 16 -7.57 13.74 -34.98
C THR Q 16 -6.91 12.84 -33.94
N LEU Q 17 -7.41 12.78 -32.73
CA LEU Q 17 -6.87 11.83 -31.78
C LEU Q 17 -7.19 10.40 -32.18
N LEU Q 18 -8.46 10.13 -32.50
CA LEU Q 18 -8.85 8.78 -32.88
C LEU Q 18 -8.11 8.32 -34.13
N GLY Q 19 -8.00 9.20 -35.13
CA GLY Q 19 -7.31 8.83 -36.34
C GLY Q 19 -5.85 8.50 -36.11
N LEU Q 20 -5.18 9.32 -35.30
CA LEU Q 20 -3.76 9.07 -35.04
C LEU Q 20 -3.57 7.76 -34.29
N VAL Q 21 -4.35 7.54 -33.23
CA VAL Q 21 -4.24 6.30 -32.49
C VAL Q 21 -4.50 5.11 -33.40
N MET Q 22 -5.48 5.22 -34.31
CA MET Q 22 -5.83 4.08 -35.14
C MET Q 22 -4.72 3.78 -36.15
N ALA Q 23 -4.15 4.82 -36.77
CA ALA Q 23 -3.03 4.62 -37.68
C ALA Q 23 -1.86 3.95 -36.94
N LEU Q 24 -1.55 4.43 -35.73
CA LEU Q 24 -0.43 3.86 -34.98
C LEU Q 24 -0.67 2.40 -34.63
N LEU Q 25 -1.88 2.07 -34.19
CA LEU Q 25 -2.17 0.70 -33.81
C LEU Q 25 -2.08 -0.23 -35.02
N ILE Q 26 -2.62 0.19 -36.15
CA ILE Q 26 -2.57 -0.68 -37.33
C ILE Q 26 -1.13 -0.86 -37.80
N HIS Q 27 -0.43 0.20 -37.81
CA HIS Q 27 0.98 0.08 -38.18
C HIS Q 27 1.68 -0.94 -37.28
N PHE Q 28 1.56 -0.81 -35.92
CA PHE Q 28 2.21 -1.72 -34.97
C PHE Q 28 1.83 -3.15 -35.26
N VAL Q 29 0.53 -3.41 -35.40
CA VAL Q 29 0.06 -4.78 -35.62
C VAL Q 29 0.66 -5.35 -36.90
N VAL Q 30 0.65 -4.57 -37.98
CA VAL Q 30 1.18 -5.07 -39.24
C VAL Q 30 2.68 -5.34 -39.14
N LEU Q 31 3.41 -4.46 -38.47
CA LEU Q 31 4.84 -4.68 -38.32
C LEU Q 31 5.12 -5.95 -37.52
N SER Q 32 4.41 -6.13 -36.41
CA SER Q 32 4.69 -7.24 -35.51
C SER Q 32 4.15 -8.57 -36.03
N SER Q 33 3.26 -8.56 -37.02
CA SER Q 33 2.76 -9.82 -37.58
C SER Q 33 3.84 -10.58 -38.31
N GLY Q 34 4.84 -9.88 -38.86
CA GLY Q 34 5.92 -10.56 -39.55
C GLY Q 34 5.53 -11.24 -40.83
N ALA Q 35 4.64 -10.63 -41.61
CA ALA Q 35 4.14 -11.25 -42.83
C ALA Q 35 4.43 -10.44 -44.08
N PHE Q 36 5.34 -9.47 -44.01
CA PHE Q 36 5.53 -8.55 -45.12
C PHE Q 36 6.98 -8.37 -45.57
N ASN Q 37 7.95 -8.94 -44.86
CA ASN Q 37 9.37 -8.77 -45.20
C ASN Q 37 9.73 -7.30 -45.29
N TRP Q 38 9.61 -6.63 -44.15
CA TRP Q 38 9.84 -5.19 -44.04
C TRP Q 38 10.73 -4.96 -42.82
N LEU Q 39 11.89 -4.34 -43.06
CA LEU Q 39 12.92 -4.16 -42.03
C LEU Q 39 13.41 -5.53 -41.51
N ARG Q 40 14.05 -6.26 -42.42
CA ARG Q 40 14.71 -7.54 -42.12
C ARG Q 40 13.71 -8.56 -41.56
N ALA Q 41 12.77 -8.94 -42.44
CA ALA Q 41 11.82 -9.99 -42.09
C ALA Q 41 11.47 -10.83 -43.31
N ASN R 7 -20.56 36.59 -39.50
CA ASN R 7 -21.30 35.34 -39.34
C ASN R 7 -22.22 35.10 -40.53
N ASP R 8 -21.91 35.71 -41.68
CA ASP R 8 -22.77 35.64 -42.85
C ASP R 8 -22.08 35.10 -44.09
N LEU R 9 -20.91 34.48 -43.96
CA LEU R 9 -20.27 33.89 -45.13
C LEU R 9 -20.76 32.48 -45.42
N VAL R 10 -21.36 31.80 -44.45
CA VAL R 10 -21.81 30.44 -44.62
C VAL R 10 -23.16 30.45 -45.32
N PRO R 11 -23.48 29.44 -46.13
CA PRO R 11 -24.78 29.43 -46.81
C PRO R 11 -25.92 29.30 -45.81
N ASP R 12 -27.12 29.66 -46.27
CA ASP R 12 -28.29 29.67 -45.37
C ASP R 12 -28.64 28.32 -44.79
N GLN R 13 -28.51 27.26 -45.57
CA GLN R 13 -28.90 25.94 -45.08
C GLN R 13 -28.12 25.55 -43.84
N TRP R 14 -26.85 25.94 -43.76
CA TRP R 14 -26.00 25.64 -42.63
C TRP R 14 -25.75 26.85 -41.73
N LYS R 15 -26.56 27.88 -41.85
CA LYS R 15 -26.36 29.08 -41.05
C LYS R 15 -26.52 28.84 -39.54
N PRO R 16 -27.52 28.10 -39.06
CA PRO R 16 -27.68 27.95 -37.61
C PRO R 16 -26.62 27.08 -36.95
N LEU R 17 -25.78 26.39 -37.73
CA LEU R 17 -24.76 25.54 -37.14
C LEU R 17 -23.40 26.23 -37.11
N PHE R 18 -22.93 26.71 -38.26
CA PHE R 18 -21.56 27.16 -38.41
C PHE R 18 -21.46 28.66 -38.21
N ASN R 19 -20.48 29.08 -37.41
CA ASN R 19 -20.05 30.46 -37.37
C ASN R 19 -19.32 30.81 -38.66
N ASN R 20 -18.86 32.05 -38.73
CA ASN R 20 -18.05 32.47 -39.86
C ASN R 20 -16.68 31.79 -39.83
N ALA R 21 -15.97 31.93 -38.72
CA ALA R 21 -14.62 31.39 -38.62
C ALA R 21 -14.61 29.87 -38.71
N GLN R 22 -15.64 29.23 -38.16
CA GLN R 22 -15.70 27.77 -38.17
C GLN R 22 -15.85 27.19 -39.57
N TRP R 23 -16.16 28.02 -40.56
CA TRP R 23 -16.39 27.53 -41.91
C TRP R 23 -15.08 27.26 -42.63
N LEU R 24 -14.12 28.18 -42.54
CA LEU R 24 -12.87 28.03 -43.27
C LEU R 24 -12.06 26.85 -42.76
N VAL R 25 -12.14 26.64 -41.45
CA VAL R 25 -11.44 25.54 -40.83
C VAL R 25 -12.07 24.27 -41.34
N HIS R 26 -13.39 24.22 -41.42
CA HIS R 26 -14.02 23.07 -41.99
C HIS R 26 -13.45 22.84 -43.38
N ASP R 27 -13.39 23.85 -44.23
CA ASP R 27 -12.94 23.66 -45.60
C ASP R 27 -11.58 22.98 -45.58
N ILE R 28 -10.66 23.49 -44.75
CA ILE R 28 -9.34 22.90 -44.65
C ILE R 28 -9.44 21.42 -44.28
N VAL R 29 -10.32 21.10 -43.33
CA VAL R 29 -10.47 19.71 -42.89
C VAL R 29 -10.93 18.82 -44.03
N VAL R 30 -11.93 19.29 -44.79
CA VAL R 30 -12.43 18.48 -45.90
C VAL R 30 -11.34 18.24 -46.94
N LYS R 31 -10.59 19.29 -47.29
CA LYS R 31 -9.54 19.13 -48.28
C LYS R 31 -8.49 18.13 -47.81
N THR R 32 -8.06 18.25 -46.55
CA THR R 32 -7.07 17.33 -46.01
C THR R 32 -7.58 15.90 -46.01
N ILE R 33 -8.86 15.70 -45.66
CA ILE R 33 -9.42 14.36 -45.62
C ILE R 33 -9.44 13.75 -47.01
N TYR R 34 -9.81 14.53 -48.02
CA TYR R 34 -9.82 14.00 -49.38
C TYR R 34 -8.42 13.59 -49.82
N GLY R 35 -7.43 14.47 -49.59
CA GLY R 35 -6.06 14.11 -49.96
C GLY R 35 -5.58 12.86 -49.26
N GLY R 36 -5.85 12.77 -47.95
CA GLY R 36 -5.45 11.60 -47.21
C GLY R 36 -6.09 10.32 -47.74
N LEU R 37 -7.37 10.40 -48.11
CA LEU R 37 -8.03 9.21 -48.64
C LEU R 37 -7.41 8.78 -49.97
N ILE R 38 -7.09 9.73 -50.84
CA ILE R 38 -6.44 9.35 -52.10
C ILE R 38 -5.11 8.66 -51.84
N ILE R 39 -4.30 9.23 -50.95
CA ILE R 39 -3.01 8.60 -50.66
C ILE R 39 -3.20 7.23 -50.02
N ALA R 40 -4.20 7.08 -49.16
CA ALA R 40 -4.44 5.79 -48.52
C ALA R 40 -4.81 4.73 -49.56
N VAL R 41 -5.64 5.10 -50.53
CA VAL R 41 -6.03 4.14 -51.56
C VAL R 41 -4.83 3.72 -52.38
N ILE R 42 -3.98 4.69 -52.75
CA ILE R 42 -2.77 4.34 -53.52
C ILE R 42 -1.88 3.40 -52.72
N ALA R 43 -1.64 3.69 -51.47
CA ALA R 43 -0.73 2.85 -50.71
C ALA R 43 -1.31 1.48 -50.66
N HIS R 44 -2.60 1.38 -50.40
CA HIS R 44 -3.17 0.05 -50.26
C HIS R 44 -3.00 -0.74 -51.55
N VAL R 45 -3.31 -0.14 -52.71
CA VAL R 45 -3.07 -0.84 -53.98
C VAL R 45 -1.63 -1.32 -54.05
N LEU R 46 -0.69 -0.50 -53.56
CA LEU R 46 0.70 -0.91 -53.60
C LEU R 46 0.99 -2.07 -52.65
N CYS R 47 0.47 -2.06 -51.48
CA CYS R 47 0.83 -3.16 -50.69
C CYS R 47 0.19 -4.46 -51.14
N TRP R 48 -0.86 -4.38 -51.95
CA TRP R 48 -1.51 -5.57 -52.41
C TRP R 48 -0.72 -6.12 -53.55
N ALA R 49 -0.28 -5.23 -54.41
CA ALA R 49 0.55 -5.72 -55.50
C ALA R 49 1.81 -6.40 -54.98
N TRP R 50 2.35 -5.90 -53.87
CA TRP R 50 3.54 -6.49 -53.28
C TRP R 50 3.29 -7.92 -52.83
N THR R 51 2.46 -8.10 -51.80
CA THR R 51 2.08 -9.40 -51.26
C THR R 51 0.65 -9.26 -50.76
N PRO R 52 -0.29 -10.05 -51.28
CA PRO R 52 -1.67 -9.96 -50.81
C PRO R 52 -1.81 -10.46 -49.38
N TRP R 53 -2.75 -9.93 -48.62
CA TRP R 53 -2.91 -10.35 -47.25
C TRP R 53 -4.09 -11.28 -47.01
N ILE R 54 -5.07 -11.32 -47.92
CA ILE R 54 -6.16 -12.28 -47.71
C ILE R 54 -5.75 -13.67 -48.17
N ARG R 55 -5.11 -13.79 -49.40
CA ARG R 55 -4.59 -15.07 -49.94
C ARG R 55 -5.69 -16.13 -49.99
N ARG S 4 -11.37 32.93 -34.02
CA ARG S 4 -10.43 31.85 -33.79
C ARG S 4 -11.01 30.77 -32.90
N PRO S 5 -11.36 29.63 -33.49
CA PRO S 5 -11.71 28.47 -32.67
C PRO S 5 -10.53 27.93 -31.87
N PHE S 6 -9.32 28.11 -32.36
CA PHE S 6 -8.12 27.65 -31.67
C PHE S 6 -7.12 28.77 -31.49
N GLU S 7 -6.35 28.64 -30.42
CA GLU S 7 -5.11 29.42 -30.27
C GLU S 7 -4.05 28.86 -31.19
N PHE S 8 -3.42 29.74 -31.97
CA PHE S 8 -2.43 29.30 -32.94
C PHE S 8 -1.21 28.68 -32.24
N ARG S 9 -0.81 29.27 -31.12
CA ARG S 9 0.42 28.82 -30.48
C ARG S 9 0.29 27.41 -29.92
N THR S 10 -0.91 27.03 -29.47
CA THR S 10 -1.10 25.65 -29.04
C THR S 10 -0.83 24.70 -30.18
N SER S 11 -1.30 25.05 -31.38
CA SER S 11 -1.07 24.22 -32.55
C SER S 11 0.42 24.07 -32.84
N VAL S 12 1.17 25.18 -32.83
CA VAL S 12 2.58 25.05 -33.16
C VAL S 12 3.34 24.30 -32.07
N VAL S 13 2.95 24.47 -30.81
CA VAL S 13 3.62 23.74 -29.73
C VAL S 13 3.41 22.25 -29.89
N VAL S 14 2.16 21.83 -30.05
CA VAL S 14 1.90 20.40 -30.18
C VAL S 14 2.53 19.85 -31.45
N SER S 15 2.58 20.66 -32.50
CA SER S 15 3.18 20.20 -33.76
C SER S 15 4.67 19.93 -33.60
N THR S 16 5.40 20.90 -33.05
CA THR S 16 6.83 20.70 -32.86
C THR S 16 7.10 19.52 -31.95
N LEU S 17 6.35 19.39 -30.87
CA LEU S 17 6.59 18.28 -29.95
C LEU S 17 6.36 16.94 -30.63
N LEU S 18 5.22 16.80 -31.31
CA LEU S 18 4.93 15.53 -31.96
C LEU S 18 5.96 15.20 -33.02
N GLY S 19 6.35 16.20 -33.82
CA GLY S 19 7.34 15.95 -34.86
C GLY S 19 8.68 15.51 -34.29
N LEU S 20 9.13 16.17 -33.22
CA LEU S 20 10.41 15.82 -32.62
C LEU S 20 10.36 14.40 -32.04
N VAL S 21 9.32 14.10 -31.28
CA VAL S 21 9.20 12.75 -30.72
C VAL S 21 9.18 11.71 -31.84
N MET S 22 8.48 12.01 -32.93
CA MET S 22 8.35 11.01 -33.99
C MET S 22 9.68 10.78 -34.70
N ALA S 23 10.41 11.86 -34.99
CA ALA S 23 11.75 11.71 -35.59
C ALA S 23 12.65 10.88 -34.67
N LEU S 24 12.63 11.18 -33.36
CA LEU S 24 13.49 10.45 -32.43
C LEU S 24 13.14 8.98 -32.37
N LEU S 25 11.85 8.67 -32.31
CA LEU S 25 11.43 7.27 -32.23
C LEU S 25 11.82 6.51 -33.49
N ILE S 26 11.63 7.11 -34.66
CA ILE S 26 11.98 6.40 -35.89
C ILE S 26 13.49 6.20 -35.97
N HIS S 27 14.28 7.28 -35.60
CA HIS S 27 15.74 7.16 -35.65
C HIS S 27 16.21 6.03 -34.74
N PHE S 28 15.55 5.82 -33.48
CA PHE S 28 15.97 4.79 -32.54
C PHE S 28 15.55 3.39 -32.99
N VAL S 29 14.38 3.26 -33.62
CA VAL S 29 13.96 1.96 -34.15
C VAL S 29 14.87 1.53 -35.29
N VAL S 30 15.17 2.44 -36.21
CA VAL S 30 16.02 2.08 -37.34
C VAL S 30 17.42 1.72 -36.89
N LEU S 31 17.97 2.46 -35.92
CA LEU S 31 19.31 2.14 -35.43
C LEU S 31 19.33 0.76 -34.77
N SER S 32 18.32 0.48 -33.94
CA SER S 32 18.34 -0.77 -33.17
C SER S 32 17.93 -1.98 -34.00
N SER S 33 17.35 -1.77 -35.17
CA SER S 33 16.99 -2.92 -36.01
C SER S 33 18.22 -3.65 -36.54
N GLY S 34 19.33 -2.94 -36.69
CA GLY S 34 20.55 -3.57 -37.16
C GLY S 34 20.50 -4.07 -38.59
N ALA S 35 19.87 -3.31 -39.47
CA ALA S 35 19.72 -3.73 -40.86
C ALA S 35 20.35 -2.77 -41.85
N PHE S 36 21.22 -1.87 -41.40
CA PHE S 36 21.73 -0.84 -42.28
C PHE S 36 23.24 -0.69 -42.30
N ASN S 37 23.98 -1.40 -41.44
CA ASN S 37 25.43 -1.27 -41.37
C ASN S 37 25.83 0.19 -41.15
N TRP S 38 25.44 0.70 -40.00
CA TRP S 38 25.66 2.09 -39.63
C TRP S 38 26.18 2.11 -38.20
N LEU S 39 27.37 2.68 -38.02
CA LEU S 39 28.10 2.67 -36.75
C LEU S 39 28.39 1.23 -36.32
N ARG S 40 29.24 0.57 -37.12
CA ARG S 40 29.77 -0.76 -36.85
C ARG S 40 28.63 -1.78 -36.72
N ALA S 41 27.96 -2.00 -37.85
CA ALA S 41 26.93 -3.03 -37.94
C ALA S 41 26.90 -3.67 -39.31
N ASN T 7 -4.12 44.37 -37.44
CA ASN T 7 -4.52 43.07 -37.96
C ASN T 7 -4.79 43.16 -39.44
N ASP T 8 -4.60 44.35 -40.00
CA ASP T 8 -4.92 44.56 -41.41
C ASP T 8 -3.98 43.96 -42.44
N LEU T 9 -2.76 43.58 -42.06
CA LEU T 9 -1.83 43.11 -43.08
C LEU T 9 -2.26 41.80 -43.70
N VAL T 10 -3.13 41.05 -43.05
CA VAL T 10 -3.55 39.74 -43.55
C VAL T 10 -4.64 39.95 -44.58
N PRO T 11 -4.75 39.09 -45.59
CA PRO T 11 -5.80 39.25 -46.59
C PRO T 11 -7.19 39.08 -45.99
N ASP T 12 -8.19 39.51 -46.75
CA ASP T 12 -9.55 39.58 -46.23
C ASP T 12 -10.11 38.20 -45.93
N GLN T 13 -9.83 37.22 -46.80
CA GLN T 13 -10.34 35.88 -46.61
C GLN T 13 -10.00 35.36 -45.23
N TRP T 14 -8.76 35.55 -44.80
CA TRP T 14 -8.27 35.03 -43.53
C TRP T 14 -8.25 36.09 -42.43
N LYS T 15 -8.97 37.19 -42.62
CA LYS T 15 -8.97 38.24 -41.61
C LYS T 15 -9.56 37.81 -40.27
N PRO T 16 -10.69 37.08 -40.22
CA PRO T 16 -11.25 36.75 -38.90
C PRO T 16 -10.40 35.78 -38.09
N LEU T 17 -9.44 35.10 -38.73
CA LEU T 17 -8.66 34.10 -38.01
C LEU T 17 -7.34 34.68 -37.49
N PHE T 18 -6.55 35.27 -38.38
CA PHE T 18 -5.17 35.65 -38.07
C PHE T 18 -5.09 37.10 -37.62
N ASN T 19 -4.37 37.33 -36.54
CA ASN T 19 -3.93 38.66 -36.17
C ASN T 19 -2.85 39.13 -37.14
N ASN T 20 -2.29 40.30 -36.84
CA ASN T 20 -1.24 40.85 -37.68
C ASN T 20 0.12 40.23 -37.38
N ALA T 21 0.41 40.00 -36.10
CA ALA T 21 1.66 39.36 -35.72
C ALA T 21 1.64 37.87 -36.02
N GLN T 22 0.48 37.23 -35.88
CA GLN T 22 0.40 35.79 -36.13
C GLN T 22 0.65 35.42 -37.58
N TRP T 23 0.62 36.41 -38.48
CA TRP T 23 0.79 36.12 -39.90
C TRP T 23 2.24 35.86 -40.27
N LEU T 24 3.16 36.69 -39.77
CA LEU T 24 4.57 36.55 -40.14
C LEU T 24 5.16 35.25 -39.60
N VAL T 25 4.75 34.88 -38.39
CA VAL T 25 5.19 33.62 -37.84
C VAL T 25 4.61 32.48 -38.67
N HIS T 26 3.40 32.61 -39.20
CA HIS T 26 2.88 31.58 -40.09
C HIS T 26 3.73 31.46 -41.35
N ASP T 27 4.20 32.59 -41.83
CA ASP T 27 5.02 32.55 -43.03
C ASP T 27 6.30 31.78 -42.73
N ILE T 28 6.96 32.11 -41.61
CA ILE T 28 8.19 31.41 -41.24
C ILE T 28 7.94 29.91 -41.14
N VAL T 29 6.80 29.53 -40.54
CA VAL T 29 6.51 28.11 -40.36
C VAL T 29 6.36 27.42 -41.70
N VAL T 30 5.64 28.05 -42.64
CA VAL T 30 5.45 27.44 -43.95
C VAL T 30 6.78 27.26 -44.67
N LYS T 31 7.62 28.29 -44.63
CA LYS T 31 8.92 28.19 -45.30
C LYS T 31 9.75 27.06 -44.72
N THR T 32 9.82 27.00 -43.38
CA THR T 32 10.58 25.94 -42.73
C THR T 32 10.04 24.56 -43.09
N ILE T 33 8.72 24.41 -43.15
CA ILE T 33 8.14 23.10 -43.46
C ILE T 33 8.49 22.70 -44.89
N TYR T 34 8.44 23.64 -45.83
CA TYR T 34 8.81 23.29 -47.21
C TYR T 34 10.27 22.85 -47.30
N GLY T 35 11.17 23.62 -46.67
CA GLY T 35 12.57 23.22 -46.69
C GLY T 35 12.80 21.85 -46.08
N GLY T 36 12.16 21.61 -44.93
CA GLY T 36 12.30 20.32 -44.28
C GLY T 36 11.80 19.18 -45.15
N LEU T 37 10.68 19.38 -45.86
CA LEU T 37 10.17 18.34 -46.73
C LEU T 37 11.13 18.04 -47.88
N ILE T 38 11.72 19.09 -48.47
CA ILE T 38 12.68 18.84 -49.55
C ILE T 38 13.86 18.02 -49.03
N ILE T 39 14.40 18.39 -47.87
CA ILE T 39 15.54 17.66 -47.34
C ILE T 39 15.14 16.23 -46.99
N ALA T 40 13.93 16.03 -46.47
CA ALA T 40 13.47 14.69 -46.13
C ALA T 40 13.38 13.81 -47.37
N VAL T 41 12.86 14.36 -48.47
CA VAL T 41 12.76 13.58 -49.70
C VAL T 41 14.14 13.20 -50.21
N ILE T 42 15.09 14.13 -50.18
CA ILE T 42 16.45 13.83 -50.63
C ILE T 42 17.04 12.70 -49.77
N ALA T 43 16.90 12.83 -48.44
CA ALA T 43 17.46 11.82 -47.55
C ALA T 43 16.82 10.46 -47.77
N HIS T 44 15.54 10.39 -48.14
CA HIS T 44 14.96 9.06 -48.32
C HIS T 44 15.42 8.50 -49.64
N VAL T 45 15.58 9.32 -50.68
CA VAL T 45 16.14 8.78 -51.92
C VAL T 45 17.53 8.22 -51.66
N LEU T 46 18.30 8.89 -50.82
CA LEU T 46 19.65 8.39 -50.53
C LEU T 46 19.61 7.09 -49.72
N CYS T 47 18.91 6.99 -48.65
CA CYS T 47 19.01 5.73 -47.93
C CYS T 47 18.50 4.59 -48.77
N TRP T 48 17.54 4.84 -49.64
CA TRP T 48 17.13 3.77 -50.54
C TRP T 48 18.30 3.38 -51.39
N ALA T 49 18.81 4.30 -52.21
CA ALA T 49 19.90 3.91 -53.09
C ALA T 49 20.94 3.08 -52.35
N TRP T 50 21.16 3.38 -51.07
CA TRP T 50 22.12 2.62 -50.27
C TRP T 50 21.70 1.17 -50.13
N THR T 51 20.60 0.91 -49.41
CA THR T 51 20.04 -0.42 -49.20
C THR T 51 18.53 -0.25 -49.10
N PRO T 52 17.77 -0.89 -49.97
CA PRO T 52 16.31 -0.76 -49.90
C PRO T 52 15.74 -1.45 -48.66
N TRP T 53 14.64 -0.92 -48.17
CA TRP T 53 14.06 -1.46 -46.95
C TRP T 53 12.94 -2.44 -47.23
N ILE T 54 12.19 -2.27 -48.30
CA ILE T 54 11.06 -3.15 -48.55
C ILE T 54 11.54 -4.50 -49.08
N ARG T 55 12.49 -4.49 -50.09
CA ARG T 55 13.11 -5.72 -50.65
C ARG T 55 12.05 -6.69 -51.17
N ARG U 6 -16.25 46.43 -14.54
CA ARG U 6 -15.06 45.77 -15.08
C ARG U 6 -14.91 44.34 -14.55
N ALA U 7 -13.79 43.69 -14.81
CA ALA U 7 -13.72 42.29 -14.43
C ALA U 7 -12.80 41.88 -13.24
N LEU U 8 -13.35 41.16 -12.27
CA LEU U 8 -12.59 40.82 -11.07
C LEU U 8 -11.82 39.49 -11.10
N PRO U 9 -10.47 39.53 -11.30
CA PRO U 9 -9.82 38.23 -11.40
C PRO U 9 -9.95 37.46 -10.08
N LEU U 10 -10.17 36.16 -10.18
CA LEU U 10 -10.45 35.32 -9.04
C LEU U 10 -9.37 34.26 -8.87
N PRO U 11 -9.24 33.70 -7.66
CA PRO U 11 -8.20 32.67 -7.45
C PRO U 11 -8.35 31.44 -8.31
N SER U 12 -9.56 31.07 -8.71
CA SER U 12 -9.76 29.89 -9.54
C SER U 12 -9.61 30.18 -11.03
N GLY U 13 -9.06 31.33 -11.41
CA GLY U 13 -8.90 31.68 -12.81
C GLY U 13 -10.09 32.36 -13.45
N GLU U 14 -11.27 32.21 -12.88
CA GLU U 14 -12.46 32.86 -13.42
C GLU U 14 -12.34 34.38 -13.26
N THR U 15 -12.90 35.10 -14.22
CA THR U 15 -12.92 36.56 -14.19
C THR U 15 -14.36 37.02 -14.06
N LEU U 16 -14.69 37.62 -12.92
CA LEU U 16 -16.08 37.85 -12.59
C LEU U 16 -16.61 39.13 -13.28
N PRO U 17 -17.91 39.17 -13.60
CA PRO U 17 -18.52 40.39 -14.14
C PRO U 17 -18.84 41.39 -13.02
N ALA U 18 -17.79 42.00 -12.49
CA ALA U 18 -17.90 42.99 -11.42
C ALA U 18 -18.62 42.44 -10.20
N ALA U 29 -17.03 43.83 -0.44
CA ALA U 29 -16.12 42.85 0.14
C ALA U 29 -14.76 43.46 0.39
N SER U 30 -14.19 43.17 1.57
CA SER U 30 -12.86 43.67 1.89
C SER U 30 -11.79 43.08 0.98
N ALA U 31 -12.13 42.07 0.19
CA ALA U 31 -11.19 41.52 -0.77
C ALA U 31 -10.90 42.54 -1.87
N GLU U 32 -9.64 42.61 -2.27
CA GLU U 32 -9.24 43.42 -3.41
C GLU U 32 -8.09 42.72 -4.10
N VAL U 33 -7.75 43.21 -5.30
CA VAL U 33 -6.69 42.61 -6.10
C VAL U 33 -5.34 43.09 -5.59
N ILE U 34 -4.59 42.19 -5.01
CA ILE U 34 -3.34 42.55 -4.42
C ILE U 34 -2.31 41.70 -5.16
N PRO U 35 -1.24 42.32 -5.65
CA PRO U 35 -0.16 41.57 -6.30
C PRO U 35 0.58 40.74 -5.27
N PHE U 36 1.19 39.63 -5.68
CA PHE U 36 1.81 38.74 -4.70
C PHE U 36 2.93 39.29 -3.81
N SER U 37 3.80 40.13 -4.37
CA SER U 37 4.92 40.67 -3.63
C SER U 37 4.54 41.34 -2.35
N ILE U 38 3.37 41.96 -2.32
CA ILE U 38 3.01 42.67 -1.15
C ILE U 38 2.97 41.71 -0.02
N ILE U 39 2.40 40.55 -0.24
CA ILE U 39 2.20 39.64 0.87
C ILE U 39 3.45 38.92 1.33
N GLU U 40 4.53 39.02 0.58
CA GLU U 40 5.78 38.46 1.07
C GLU U 40 6.49 39.43 2.00
N GLU U 41 6.52 40.71 1.66
CA GLU U 41 7.21 41.68 2.49
C GLU U 41 6.57 41.79 3.86
N PHE U 42 5.26 41.60 3.95
CA PHE U 42 4.58 41.77 5.22
C PHE U 42 4.84 40.60 6.15
N TYR U 43 5.09 39.41 5.60
CA TYR U 43 5.23 38.20 6.39
C TYR U 43 6.67 37.76 6.57
N LYS U 44 7.63 38.64 6.32
CA LYS U 44 9.05 38.28 6.53
C LYS U 44 9.42 38.13 8.00
N ARG U 45 9.34 39.19 8.80
CA ARG U 45 9.62 39.08 10.24
C ARG U 45 10.93 38.29 10.58
N PRO U 46 12.13 38.76 10.10
CA PRO U 46 13.34 37.98 10.42
C PRO U 46 13.82 37.89 11.86
N GLY U 47 14.17 36.69 12.32
CA GLY U 47 14.72 36.50 13.64
C GLY U 47 14.03 35.49 14.53
N LYS U 48 12.99 34.83 14.03
CA LYS U 48 12.24 33.87 14.85
C LYS U 48 12.67 32.45 14.59
N THR U 49 13.90 32.28 14.14
CA THR U 49 14.41 30.94 13.84
C THR U 49 14.59 30.07 15.08
N LEU U 50 14.24 28.79 14.99
CA LEU U 50 14.38 27.87 16.12
C LEU U 50 15.80 27.82 16.62
N ALA U 51 16.75 27.98 15.71
CA ALA U 51 18.19 27.92 16.06
C ALA U 51 18.57 29.20 16.83
N ALA U 52 18.20 30.37 16.29
CA ALA U 52 18.51 31.62 16.97
C ALA U 52 17.96 31.65 18.38
N ARG U 53 16.93 30.85 18.66
CA ARG U 53 16.45 30.72 20.03
C ARG U 53 17.52 30.14 20.94
N PHE U 54 18.29 29.18 20.42
CA PHE U 54 19.25 28.47 21.24
C PHE U 54 20.58 29.22 21.32
N PHE U 55 21.01 29.84 20.22
CA PHE U 55 22.29 30.52 20.18
C PHE U 55 22.21 32.01 20.46
N GLY U 56 21.02 32.59 20.44
CA GLY U 56 20.88 34.02 20.44
C GLY U 56 20.85 34.64 19.06
N VAL U 57 21.30 33.93 18.03
CA VAL U 57 21.38 34.46 16.67
C VAL U 57 21.38 33.31 15.68
N ASP U 58 21.05 33.63 14.45
CA ASP U 58 21.14 32.68 13.34
C ASP U 58 22.24 33.13 12.40
N PRO U 59 23.09 32.21 11.92
CA PRO U 59 24.20 32.65 11.06
C PRO U 59 23.77 33.23 9.72
N PHE U 60 22.74 32.70 9.06
CA PHE U 60 22.53 33.14 7.69
C PHE U 60 21.23 33.89 7.42
N ASP U 61 20.09 33.21 7.55
CA ASP U 61 18.75 33.81 7.40
C ASP U 61 18.69 34.93 6.36
N PHE U 62 19.04 34.65 5.11
CA PHE U 62 19.04 35.74 4.13
C PHE U 62 18.26 35.45 2.85
N TRP U 63 17.46 34.38 2.81
CA TRP U 63 16.44 34.21 1.77
C TRP U 63 17.01 34.35 0.36
N ILE U 64 18.06 33.59 0.05
CA ILE U 64 18.67 33.70 -1.27
C ILE U 64 17.68 33.21 -2.31
N GLY U 65 17.43 34.05 -3.32
CA GLY U 65 16.41 33.72 -4.30
C GLY U 65 15.05 33.58 -3.64
N ARG U 66 14.36 32.49 -3.92
CA ARG U 66 13.11 32.16 -3.28
C ARG U 66 13.30 31.29 -2.04
N PHE U 67 14.51 30.79 -1.83
CA PHE U 67 14.79 29.79 -0.82
C PHE U 67 15.24 30.44 0.48
N TYR U 68 14.64 30.04 1.60
CA TYR U 68 15.14 30.50 2.89
C TYR U 68 16.33 29.66 3.33
N VAL U 69 17.36 30.33 3.83
CA VAL U 69 18.59 29.69 4.27
C VAL U 69 18.67 29.79 5.79
N GLY U 70 19.08 28.71 6.43
CA GLY U 70 19.33 28.73 7.86
C GLY U 70 20.53 27.86 8.17
N LEU U 71 20.87 27.80 9.46
CA LEU U 71 21.94 26.91 9.88
C LEU U 71 21.64 25.48 9.46
N PHE U 72 20.38 25.07 9.56
CA PHE U 72 20.01 23.71 9.17
C PHE U 72 20.07 23.54 7.66
N GLY U 73 19.83 24.61 6.91
CA GLY U 73 19.90 24.52 5.46
C GLY U 73 21.31 24.28 4.96
N ALA U 74 22.30 24.86 5.65
CA ALA U 74 23.68 24.75 5.17
C ALA U 74 24.23 23.33 5.36
N ILE U 75 24.00 22.75 6.54
CA ILE U 75 24.44 21.38 6.76
C ILE U 75 23.72 20.44 5.81
N SER U 76 22.45 20.75 5.51
CA SER U 76 21.71 19.94 4.55
C SER U 76 22.34 20.01 3.17
N ILE U 77 22.66 21.21 2.70
CA ILE U 77 23.22 21.34 1.35
C ILE U 77 24.58 20.68 1.27
N ILE U 78 25.36 20.75 2.35
CA ILE U 78 26.60 19.98 2.40
C ILE U 78 26.32 18.50 2.16
N GLY U 79 25.39 17.94 2.94
CA GLY U 79 25.03 16.55 2.76
C GLY U 79 24.58 16.23 1.35
N ILE U 80 23.80 17.12 0.75
CA ILE U 80 23.26 16.88 -0.59
C ILE U 80 24.38 16.78 -1.61
N ILE U 81 25.25 17.79 -1.64
CA ILE U 81 26.33 17.80 -2.63
C ILE U 81 27.23 16.58 -2.43
N LEU U 82 27.63 16.32 -1.18
CA LEU U 82 28.55 15.20 -0.96
C LEU U 82 27.90 13.87 -1.32
N GLY U 83 26.63 13.69 -0.98
CA GLY U 83 25.96 12.45 -1.31
C GLY U 83 25.85 12.21 -2.80
N VAL U 84 25.46 13.24 -3.55
CA VAL U 84 25.36 13.08 -5.00
C VAL U 84 26.73 12.75 -5.59
N ALA U 85 27.77 13.40 -5.09
CA ALA U 85 29.10 13.14 -5.63
C ALA U 85 29.55 11.71 -5.34
N PHE U 86 29.31 11.22 -4.12
CA PHE U 86 29.70 9.84 -3.81
C PHE U 86 28.87 8.83 -4.60
N TYR U 87 27.58 9.10 -4.78
CA TYR U 87 26.76 8.21 -5.59
C TYR U 87 27.27 8.14 -7.02
N LEU U 88 27.69 9.28 -7.57
CA LEU U 88 28.21 9.26 -8.94
C LEU U 88 29.58 8.59 -9.01
N TYR U 89 30.39 8.74 -7.95
CA TYR U 89 31.69 8.07 -7.95
C TYR U 89 31.53 6.56 -7.91
N GLU U 90 30.56 6.08 -7.15
CA GLU U 90 30.23 4.66 -7.19
C GLU U 90 29.42 4.39 -8.45
N GLY U 91 29.67 3.25 -9.08
CA GLY U 91 28.92 2.87 -10.25
C GLY U 91 29.40 3.47 -11.54
N VAL U 92 30.00 4.66 -11.52
CA VAL U 92 30.65 5.21 -12.69
C VAL U 92 32.14 4.93 -12.67
N VAL U 93 32.76 5.06 -11.51
CA VAL U 93 34.13 4.60 -11.29
C VAL U 93 34.05 3.35 -10.43
N ASN U 94 34.96 2.42 -10.66
CA ASN U 94 35.08 1.12 -10.01
C ASN U 94 34.01 0.14 -10.50
N GLU U 95 33.04 0.60 -11.28
CA GLU U 95 32.12 -0.31 -11.94
C GLU U 95 32.23 -0.11 -13.44
N GLY U 96 32.17 1.15 -13.88
CA GLY U 96 32.35 1.46 -15.27
C GLY U 96 31.17 1.16 -16.16
N THR U 97 29.96 1.08 -15.60
CA THR U 97 28.82 0.69 -16.41
C THR U 97 28.28 1.86 -17.22
N LEU U 98 28.37 3.08 -16.70
CA LEU U 98 27.88 4.29 -17.33
C LEU U 98 26.39 4.25 -17.65
N ASN U 99 25.63 3.38 -17.00
CA ASN U 99 24.19 3.34 -17.14
C ASN U 99 23.57 3.30 -15.75
N ILE U 100 22.77 4.32 -15.42
CA ILE U 100 22.25 4.42 -14.07
C ILE U 100 21.44 3.18 -13.71
N LEU U 101 20.69 2.65 -14.66
CA LEU U 101 19.86 1.48 -14.38
C LEU U 101 20.71 0.24 -14.13
N ALA U 102 21.86 0.15 -14.80
CA ALA U 102 22.69 -1.05 -14.65
C ALA U 102 23.57 -0.97 -13.42
N MET U 103 23.95 0.23 -12.99
CA MET U 103 24.86 0.34 -11.87
C MET U 103 24.18 -0.06 -10.56
N ARG U 104 24.95 -0.64 -9.66
CA ARG U 104 24.48 -1.01 -8.33
C ARG U 104 25.51 -0.55 -7.31
N ILE U 105 25.04 0.08 -6.26
CA ILE U 105 25.90 0.59 -5.19
C ILE U 105 25.66 -0.28 -3.96
N GLU U 106 26.66 -1.07 -3.58
CA GLU U 106 26.41 -2.16 -2.67
C GLU U 106 27.06 -1.92 -1.32
N PRO U 107 26.40 -2.35 -0.24
CA PRO U 107 26.96 -2.19 1.10
C PRO U 107 28.08 -3.17 1.34
N PRO U 108 28.90 -2.96 2.37
CA PRO U 108 29.99 -3.88 2.65
C PRO U 108 29.47 -5.26 2.97
N PRO U 109 30.26 -6.30 2.72
CA PRO U 109 29.76 -7.66 2.92
C PRO U 109 29.48 -7.96 4.38
N VAL U 110 28.74 -9.04 4.60
CA VAL U 110 28.30 -9.39 5.95
C VAL U 110 29.47 -9.93 6.78
N SER U 111 30.47 -10.50 6.09
CA SER U 111 31.63 -11.00 6.80
C SER U 111 32.42 -9.87 7.47
N GLN U 112 32.41 -8.68 6.86
CA GLN U 112 33.18 -7.57 7.40
C GLN U 112 32.63 -7.14 8.75
N GLY U 113 31.35 -7.39 9.00
CA GLY U 113 30.78 -7.05 10.29
C GLY U 113 30.37 -5.58 10.37
N LEU U 114 30.41 -5.07 11.60
CA LEU U 114 29.97 -3.71 11.86
C LEU U 114 31.07 -2.71 11.54
N ASN U 115 32.33 -3.11 11.67
CA ASN U 115 33.43 -2.18 11.41
C ASN U 115 33.58 -1.94 9.92
N VAL U 116 34.00 -0.73 9.57
CA VAL U 116 34.12 -0.30 8.18
C VAL U 116 35.58 0.11 7.94
N ASP U 117 36.09 -0.21 6.75
CA ASP U 117 37.49 0.00 6.42
C ASP U 117 37.65 0.62 5.03
N PRO U 118 38.43 1.70 4.91
CA PRO U 118 38.61 2.33 3.59
C PRO U 118 39.15 1.41 2.51
N ALA U 119 40.02 0.46 2.86
CA ALA U 119 40.58 -0.43 1.85
C ALA U 119 39.54 -1.42 1.33
N GLN U 120 38.64 -1.86 2.20
CA GLN U 120 37.64 -2.84 1.81
C GLN U 120 36.56 -2.18 0.97
N PRO U 121 35.90 -2.96 0.10
CA PRO U 121 34.80 -2.39 -0.69
C PRO U 121 33.63 -2.01 0.19
N GLY U 122 32.74 -1.19 -0.36
CA GLY U 122 31.60 -0.69 0.37
C GLY U 122 31.87 0.59 1.14
N PHE U 123 33.09 1.10 1.12
CA PHE U 123 33.38 2.31 1.89
C PHE U 123 32.62 3.51 1.35
N PHE U 124 32.37 3.55 0.05
CA PHE U 124 31.70 4.71 -0.53
C PHE U 124 30.19 4.63 -0.34
N TRP U 125 29.65 3.42 -0.30
CA TRP U 125 28.24 3.26 0.05
C TRP U 125 27.96 3.82 1.43
N PHE U 126 28.85 3.56 2.39
CA PHE U 126 28.69 4.07 3.74
C PHE U 126 28.72 5.59 3.76
N LEU U 127 29.65 6.19 3.01
CA LEU U 127 29.71 7.65 2.95
C LEU U 127 28.44 8.23 2.37
N THR U 128 27.95 7.66 1.27
CA THR U 128 26.70 8.12 0.68
C THR U 128 25.56 8.05 1.69
N MET U 129 25.46 6.94 2.42
CA MET U 129 24.37 6.77 3.37
C MET U 129 24.44 7.81 4.49
N VAL U 130 25.63 8.05 5.03
CA VAL U 130 25.76 9.02 6.11
C VAL U 130 25.45 10.43 5.62
N ALA U 131 25.95 10.79 4.44
CA ALA U 131 25.64 12.11 3.90
C ALA U 131 24.14 12.28 3.67
N ALA U 132 23.48 11.25 3.16
CA ALA U 132 22.05 11.34 2.93
C ALA U 132 21.29 11.52 4.24
N THR U 133 21.69 10.81 5.29
CA THR U 133 21.02 10.98 6.57
C THR U 133 21.17 12.39 7.09
N ILE U 134 22.38 12.95 6.98
CA ILE U 134 22.60 14.33 7.42
C ILE U 134 21.70 15.28 6.64
N ALA U 135 21.63 15.10 5.32
CA ALA U 135 20.81 15.99 4.50
C ALA U 135 19.34 15.91 4.89
N PHE U 136 18.83 14.69 5.11
CA PHE U 136 17.42 14.55 5.45
C PHE U 136 17.09 15.21 6.79
N VAL U 137 17.92 14.98 7.80
CA VAL U 137 17.63 15.55 9.10
C VAL U 137 17.73 17.07 9.04
N GLY U 138 18.73 17.60 8.34
CA GLY U 138 18.81 19.04 8.18
C GLY U 138 17.58 19.62 7.51
N TRP U 139 17.06 18.94 6.50
CA TRP U 139 15.83 19.39 5.85
C TRP U 139 14.68 19.44 6.84
N LEU U 140 14.54 18.40 7.66
CA LEU U 140 13.46 18.38 8.65
C LEU U 140 13.55 19.57 9.60
N LEU U 141 14.76 19.84 10.11
CA LEU U 141 14.92 20.97 11.02
C LEU U 141 14.63 22.29 10.30
N ARG U 142 15.00 22.38 9.03
CA ARG U 142 14.70 23.61 8.27
C ARG U 142 13.21 23.83 8.15
N GLN U 143 12.45 22.74 7.98
CA GLN U 143 11.00 22.88 7.91
C GLN U 143 10.43 23.35 9.25
N ILE U 144 10.87 22.73 10.34
CA ILE U 144 10.49 23.23 11.66
C ILE U 144 10.75 24.73 11.75
N ASP U 145 11.92 25.15 11.28
CA ASP U 145 12.33 26.54 11.39
C ASP U 145 11.40 27.47 10.62
N ILE U 146 11.22 27.20 9.32
CA ILE U 146 10.43 28.09 8.48
C ILE U 146 8.98 28.12 8.95
N SER U 147 8.48 27.01 9.48
CA SER U 147 7.15 27.06 10.07
C SER U 147 7.14 27.90 11.33
N LEU U 148 8.23 27.89 12.09
CA LEU U 148 8.27 28.66 13.33
C LEU U 148 8.23 30.15 13.05
N LYS U 149 8.85 30.59 11.94
CA LYS U 149 8.77 32.01 11.62
C LYS U 149 7.36 32.45 11.30
N LEU U 150 6.59 31.60 10.60
CA LEU U 150 5.26 32.00 10.16
C LEU U 150 4.23 31.85 11.26
N ASP U 151 4.56 31.09 12.31
CA ASP U 151 3.73 30.84 13.48
C ASP U 151 2.54 29.97 13.15
N MET U 152 2.66 29.07 12.17
CA MET U 152 1.53 28.26 11.76
C MET U 152 1.27 27.13 12.76
N GLY U 153 2.21 26.21 12.86
CA GLY U 153 2.00 24.98 13.59
C GLY U 153 3.00 23.94 13.13
N MET U 154 2.97 22.79 13.80
CA MET U 154 4.02 21.81 13.65
C MET U 154 3.56 20.51 12.98
N GLU U 155 2.54 20.55 12.13
CA GLU U 155 1.99 19.31 11.58
C GLU U 155 2.88 18.76 10.46
N VAL U 156 3.31 19.61 9.54
CA VAL U 156 4.15 19.14 8.44
C VAL U 156 5.46 18.54 8.94
N PRO U 157 6.16 19.13 9.90
CA PRO U 157 7.35 18.45 10.44
C PRO U 157 7.07 17.06 10.96
N ILE U 158 5.91 16.84 11.59
CA ILE U 158 5.56 15.52 12.09
C ILE U 158 5.33 14.55 10.94
N ALA U 159 4.56 14.98 9.93
CA ALA U 159 4.28 14.12 8.81
C ALA U 159 5.55 13.73 8.06
N PHE U 160 6.50 14.66 7.94
CA PHE U 160 7.76 14.32 7.29
C PHE U 160 8.63 13.45 8.20
N GLY U 161 8.57 13.69 9.50
CA GLY U 161 9.35 12.89 10.42
C GLY U 161 8.97 11.44 10.40
N ALA U 162 7.70 11.15 10.09
CA ALA U 162 7.30 9.75 9.96
C ALA U 162 8.13 9.02 8.90
N VAL U 163 8.19 9.57 7.68
CA VAL U 163 8.94 8.91 6.61
C VAL U 163 10.43 8.93 6.89
N VAL U 164 10.93 9.98 7.55
CA VAL U 164 12.33 9.98 7.93
C VAL U 164 12.62 8.82 8.87
N SER U 165 11.73 8.57 9.82
CA SER U 165 11.92 7.46 10.76
C SER U 165 11.89 6.13 10.04
N SER U 166 11.06 6.02 9.00
CA SER U 166 11.10 4.80 8.19
C SER U 166 12.48 4.61 7.58
N TRP U 167 13.07 5.67 7.02
CA TRP U 167 14.41 5.55 6.46
C TRP U 167 15.43 5.18 7.52
N ILE U 168 15.27 5.72 8.73
CA ILE U 168 16.21 5.40 9.81
C ILE U 168 16.11 3.94 10.18
N THR U 169 14.88 3.42 10.27
CA THR U 169 14.71 2.00 10.59
C THR U 169 15.36 1.12 9.54
N LEU U 170 15.19 1.45 8.27
CA LEU U 170 15.68 0.55 7.22
C LEU U 170 17.20 0.50 7.18
N GLN U 171 17.86 1.64 7.36
CA GLN U 171 19.30 1.72 7.11
C GLN U 171 20.16 1.81 8.36
N TRP U 172 19.60 2.15 9.52
CA TRP U 172 20.39 2.22 10.74
C TRP U 172 19.98 1.18 11.78
N LEU U 173 18.71 1.16 12.18
CA LEU U 173 18.32 0.34 13.33
C LEU U 173 18.38 -1.14 13.02
N ARG U 174 17.79 -1.56 11.91
CA ARG U 174 17.73 -2.99 11.61
C ARG U 174 19.11 -3.55 11.26
N PRO U 175 19.96 -2.84 10.52
CA PRO U 175 21.33 -3.35 10.35
C PRO U 175 22.12 -3.41 11.64
N ILE U 176 21.94 -2.44 12.55
CA ILE U 176 22.75 -2.43 13.76
C ILE U 176 22.33 -3.55 14.71
N ALA U 177 21.03 -3.84 14.76
CA ALA U 177 20.54 -4.89 15.65
C ALA U 177 21.06 -6.25 15.22
N MET U 178 21.13 -6.49 13.92
CA MET U 178 21.72 -7.73 13.43
C MET U 178 23.25 -7.62 13.38
N GLY U 179 23.76 -6.42 13.12
CA GLY U 179 25.17 -6.14 13.27
C GLY U 179 26.02 -6.33 12.03
N ALA U 180 25.44 -6.73 10.91
CA ALA U 180 26.28 -7.13 9.78
C ALA U 180 26.68 -5.93 8.93
N TRP U 181 25.86 -4.88 8.89
CA TRP U 181 25.97 -3.71 8.02
C TRP U 181 25.73 -4.06 6.55
N GLY U 182 25.57 -5.33 6.20
CA GLY U 182 25.31 -5.69 4.83
C GLY U 182 23.83 -5.68 4.55
N HIS U 183 23.04 -5.44 5.60
CA HIS U 183 21.59 -5.60 5.50
C HIS U 183 20.93 -4.36 4.92
N GLY U 184 21.63 -3.23 4.92
CA GLY U 184 21.07 -2.03 4.31
C GLY U 184 20.81 -2.26 2.83
N PHE U 185 19.71 -1.72 2.34
CA PHE U 185 19.34 -2.00 0.96
C PHE U 185 20.29 -1.29 0.00
N PRO U 186 20.81 -1.98 -1.00
CA PRO U 186 21.78 -1.35 -1.91
C PRO U 186 21.12 -0.25 -2.71
N LEU U 187 21.84 0.85 -2.89
CA LEU U 187 21.32 1.95 -3.67
C LEU U 187 21.42 1.63 -5.16
N GLY U 188 20.81 2.45 -5.97
CA GLY U 188 20.87 2.16 -7.39
C GLY U 188 19.51 1.77 -7.92
N ILE U 189 19.11 2.42 -9.00
CA ILE U 189 17.81 2.17 -9.60
C ILE U 189 17.77 0.75 -10.12
N THR U 190 16.62 0.10 -10.00
CA THR U 190 16.38 -1.27 -10.43
C THR U 190 17.32 -2.29 -9.81
N HIS U 191 18.01 -1.95 -8.71
CA HIS U 191 18.67 -2.97 -7.92
C HIS U 191 18.20 -3.00 -6.48
N HIS U 192 17.66 -1.91 -5.95
CA HIS U 192 17.02 -2.01 -4.64
C HIS U 192 15.78 -2.89 -4.72
N LEU U 193 15.21 -3.02 -5.92
CA LEU U 193 14.08 -3.93 -6.12
C LEU U 193 14.51 -5.38 -5.96
N ASP U 194 15.71 -5.72 -6.41
CA ASP U 194 16.20 -7.08 -6.22
C ASP U 194 16.39 -7.39 -4.74
N TRP U 195 16.88 -6.42 -3.97
CA TRP U 195 16.98 -6.60 -2.53
C TRP U 195 15.61 -6.80 -1.91
N VAL U 196 14.64 -5.98 -2.29
CA VAL U 196 13.29 -6.11 -1.74
C VAL U 196 12.72 -7.49 -2.07
N SER U 197 12.99 -7.98 -3.27
CA SER U 197 12.41 -9.27 -3.67
C SER U 197 13.09 -10.43 -2.96
N ASN U 198 14.39 -10.31 -2.69
CA ASN U 198 15.06 -11.40 -1.99
C ASN U 198 14.76 -11.38 -0.50
N ILE U 199 14.43 -10.21 0.04
CA ILE U 199 14.07 -10.14 1.45
C ILE U 199 12.63 -10.59 1.66
N GLY U 200 11.75 -10.25 0.73
CA GLY U 200 10.35 -10.64 0.87
C GLY U 200 10.16 -12.13 0.89
N TYR U 201 10.91 -12.84 0.06
CA TYR U 201 10.78 -14.29 0.00
C TYR U 201 11.62 -15.02 1.05
N GLN U 202 12.59 -14.33 1.64
CA GLN U 202 13.41 -14.95 2.68
C GLN U 202 12.52 -15.37 3.83
N TYR U 203 11.58 -14.51 4.19
CA TYR U 203 10.62 -14.89 5.22
C TYR U 203 9.38 -15.15 4.42
N TYR U 204 8.89 -16.40 4.42
CA TYR U 204 7.77 -16.73 3.55
C TYR U 204 6.48 -16.01 3.88
N ASN U 205 5.67 -15.75 2.86
CA ASN U 205 4.39 -15.07 3.06
C ASN U 205 4.47 -13.74 3.79
N PHE U 206 5.21 -12.80 3.22
CA PHE U 206 5.29 -11.46 3.79
C PHE U 206 3.89 -10.86 3.78
N PHE U 207 3.04 -11.30 2.87
CA PHE U 207 1.65 -10.83 2.86
C PHE U 207 0.97 -11.20 4.16
N TYR U 208 1.22 -12.39 4.67
CA TYR U 208 0.56 -12.85 5.89
C TYR U 208 0.98 -12.03 7.12
N ASN U 209 2.07 -11.29 7.01
CA ASN U 209 2.52 -10.46 8.11
C ASN U 209 1.43 -9.46 8.50
N PRO U 210 1.01 -9.41 9.77
CA PRO U 210 -0.08 -8.49 10.13
C PRO U 210 0.29 -7.02 10.01
N PHE U 211 1.47 -6.61 10.50
CA PHE U 211 1.81 -5.20 10.44
C PHE U 211 2.00 -4.73 9.00
N HIS U 212 2.45 -5.63 8.14
CA HIS U 212 2.53 -5.33 6.72
C HIS U 212 1.16 -5.04 6.13
N ALA U 213 0.18 -5.88 6.44
CA ALA U 213 -1.12 -5.77 5.81
C ALA U 213 -1.86 -4.52 6.23
N ILE U 214 -1.51 -3.96 7.39
CA ILE U 214 -2.14 -2.71 7.82
C ILE U 214 -1.57 -1.54 7.02
N GLY U 215 -0.29 -1.60 6.71
CA GLY U 215 0.31 -0.55 5.90
C GLY U 215 -0.33 -0.43 4.53
N ILE U 216 -0.54 -1.55 3.84
CA ILE U 216 -1.09 -1.46 2.50
C ILE U 216 -2.58 -1.10 2.56
N THR U 217 -3.25 -1.52 3.63
CA THR U 217 -4.62 -1.08 3.85
C THR U 217 -4.70 0.44 3.94
N LEU U 218 -3.81 1.04 4.72
CA LEU U 218 -3.82 2.48 4.88
C LEU U 218 -3.40 3.19 3.60
N LEU U 219 -2.49 2.59 2.83
CA LEU U 219 -2.10 3.20 1.56
C LEU U 219 -3.27 3.27 0.59
N PHE U 220 -3.97 2.15 0.40
CA PHE U 220 -5.11 2.16 -0.50
C PHE U 220 -6.21 3.09 0.01
N ALA U 221 -6.45 3.09 1.32
CA ALA U 221 -7.45 3.99 1.89
C ALA U 221 -7.06 5.45 1.68
N SER U 222 -5.76 5.75 1.72
CA SER U 222 -5.33 7.13 1.51
C SER U 222 -5.57 7.58 0.08
N THR U 223 -5.21 6.73 -0.89
CA THR U 223 -5.51 7.08 -2.28
C THR U 223 -7.00 7.29 -2.49
N LEU U 224 -7.84 6.46 -1.86
CA LEU U 224 -9.28 6.64 -1.96
C LEU U 224 -9.73 7.98 -1.40
N PHE U 225 -9.28 8.33 -0.19
CA PHE U 225 -9.65 9.60 0.41
C PHE U 225 -9.22 10.77 -0.46
N LEU U 226 -8.03 10.69 -1.03
CA LEU U 226 -7.55 11.78 -1.86
C LEU U 226 -8.44 11.97 -3.07
N HIS U 227 -8.78 10.88 -3.76
CA HIS U 227 -9.65 11.00 -4.92
C HIS U 227 -10.98 11.63 -4.55
N MET U 228 -11.57 11.17 -3.43
CA MET U 228 -12.89 11.67 -3.06
C MET U 228 -12.85 13.15 -2.70
N HIS U 229 -11.86 13.57 -1.91
CA HIS U 229 -11.77 14.99 -1.55
C HIS U 229 -11.53 15.85 -2.77
N GLY U 230 -10.61 15.45 -3.65
CA GLY U 230 -10.36 16.23 -4.84
C GLY U 230 -11.59 16.39 -5.70
N SER U 231 -12.33 15.28 -5.91
CA SER U 231 -13.55 15.37 -6.71
C SER U 231 -14.60 16.22 -6.03
N ALA U 232 -14.66 16.17 -4.71
CA ALA U 232 -15.67 16.98 -4.00
C ALA U 232 -15.39 18.46 -4.17
N VAL U 233 -14.14 18.88 -4.04
CA VAL U 233 -13.86 20.32 -4.15
C VAL U 233 -13.92 20.78 -5.60
N LEU U 234 -13.48 19.94 -6.54
CA LEU U 234 -13.53 20.34 -7.94
C LEU U 234 -14.97 20.48 -8.42
N SER U 235 -15.89 19.72 -7.83
CA SER U 235 -17.26 19.71 -8.32
C SER U 235 -17.99 21.00 -7.98
N GLU U 236 -17.66 21.61 -6.85
CA GLU U 236 -18.31 22.84 -6.42
C GLU U 236 -17.48 24.08 -6.74
N ALA U 237 -16.53 23.97 -7.67
CA ALA U 237 -15.53 25.02 -7.84
C ALA U 237 -16.16 26.30 -8.39
N LYS U 238 -16.77 26.22 -9.57
CA LYS U 238 -17.25 27.41 -10.27
C LYS U 238 -18.76 27.26 -10.51
N ARG U 239 -19.55 27.62 -9.51
CA ARG U 239 -21.00 27.62 -9.63
C ARG U 239 -21.58 28.33 -8.42
N ASN U 240 -22.81 28.83 -8.59
CA ASN U 240 -23.50 29.57 -7.54
C ASN U 240 -24.35 28.59 -6.73
N ILE U 241 -23.94 28.32 -5.50
CA ILE U 241 -24.60 27.36 -4.64
C ILE U 241 -24.49 27.81 -3.20
N SER U 242 -25.23 27.14 -2.32
CA SER U 242 -25.35 27.61 -0.94
C SER U 242 -24.16 27.23 -0.09
N ASP U 243 -23.28 26.35 -0.59
CA ASP U 243 -22.17 25.71 0.12
C ASP U 243 -22.67 24.59 1.03
N GLN U 244 -23.97 24.44 1.22
CA GLN U 244 -24.47 23.25 1.88
C GLN U 244 -24.85 22.17 0.89
N ASN U 245 -24.71 22.44 -0.41
CA ASN U 245 -25.04 21.43 -1.41
C ASN U 245 -24.12 20.23 -1.32
N ILE U 246 -22.82 20.46 -1.10
CA ILE U 246 -21.90 19.33 -1.03
C ILE U 246 -22.19 18.48 0.20
N HIS U 247 -22.55 19.13 1.32
CA HIS U 247 -22.89 18.36 2.52
C HIS U 247 -24.14 17.52 2.29
N VAL U 248 -25.14 18.07 1.60
CA VAL U 248 -26.34 17.32 1.31
C VAL U 248 -26.03 16.14 0.40
N PHE U 249 -25.20 16.37 -0.62
CA PHE U 249 -24.79 15.28 -1.49
C PHE U 249 -24.12 14.17 -0.71
N TRP U 250 -23.21 14.53 0.21
CA TRP U 250 -22.53 13.53 1.01
C TRP U 250 -23.50 12.81 1.93
N ARG U 251 -24.55 13.48 2.38
CA ARG U 251 -25.52 12.79 3.22
C ARG U 251 -26.40 11.86 2.40
N ASN U 252 -26.60 12.16 1.12
CA ASN U 252 -27.39 11.28 0.27
C ASN U 252 -26.62 10.02 -0.10
N ILE U 253 -25.31 10.12 -0.21
CA ILE U 253 -24.46 8.98 -0.55
C ILE U 253 -23.72 8.57 0.71
N LEU U 254 -24.06 7.42 1.26
CA LEU U 254 -23.46 6.79 2.44
C LEU U 254 -23.89 7.46 3.76
N GLY U 255 -24.70 8.51 3.72
CA GLY U 255 -25.28 9.03 4.94
C GLY U 255 -24.32 9.52 6.00
N TYR U 256 -23.31 10.28 5.60
CA TYR U 256 -22.43 10.95 6.55
C TYR U 256 -21.60 11.99 5.82
N SER U 257 -21.48 13.16 6.43
CA SER U 257 -20.66 14.25 5.91
C SER U 257 -19.64 14.61 6.98
N ILE U 258 -18.36 14.53 6.63
CA ILE U 258 -17.31 14.62 7.64
C ILE U 258 -17.10 16.08 8.06
N GLY U 259 -17.37 17.01 7.16
CA GLY U 259 -17.09 18.40 7.43
C GLY U 259 -15.79 18.86 6.78
N GLU U 260 -15.58 20.17 6.79
CA GLU U 260 -14.41 20.73 6.13
C GLU U 260 -13.15 20.50 6.96
N ILE U 261 -13.24 20.66 8.27
CA ILE U 261 -12.06 20.50 9.13
C ILE U 261 -11.79 19.03 9.40
N GLY U 262 -12.76 18.16 9.14
CA GLY U 262 -12.59 16.76 9.50
C GLY U 262 -11.74 16.00 8.51
N ILE U 263 -11.89 16.29 7.22
CA ILE U 263 -11.24 15.48 6.19
C ILE U 263 -9.73 15.69 6.22
N HIS U 264 -9.28 16.89 6.56
CA HIS U 264 -7.85 17.16 6.55
C HIS U 264 -7.15 16.48 7.72
N ARG U 265 -7.78 16.45 8.89
CA ARG U 265 -7.26 15.67 10.01
C ARG U 265 -7.09 14.21 9.61
N VAL U 266 -8.11 13.63 8.97
CA VAL U 266 -8.06 12.22 8.63
C VAL U 266 -6.98 11.94 7.61
N ALA U 267 -6.84 12.82 6.62
CA ALA U 267 -5.75 12.69 5.66
C ALA U 267 -4.40 12.63 6.37
N PHE U 268 -4.13 13.62 7.20
CA PHE U 268 -2.88 13.68 7.94
C PHE U 268 -2.64 12.40 8.73
N TRP U 269 -3.65 11.93 9.47
CA TRP U 269 -3.46 10.80 10.36
C TRP U 269 -3.20 9.50 9.60
N THR U 270 -4.02 9.18 8.60
CA THR U 270 -3.79 7.94 7.85
C THR U 270 -2.44 7.94 7.16
N GLY U 271 -2.12 9.05 6.47
CA GLY U 271 -0.82 9.16 5.85
C GLY U 271 0.30 8.88 6.84
N ALA U 272 0.23 9.46 8.04
CA ALA U 272 1.31 9.27 9.00
C ALA U 272 1.36 7.82 9.51
N ALA U 273 0.22 7.15 9.62
CA ALA U 273 0.20 5.86 10.29
C ALA U 273 0.75 4.74 9.40
N SER U 274 0.53 4.85 8.09
CA SER U 274 0.93 3.76 7.19
C SER U 274 2.42 3.42 7.34
N VAL U 275 3.28 4.43 7.24
CA VAL U 275 4.72 4.18 7.25
C VAL U 275 5.19 3.67 8.60
N LEU U 276 4.54 4.10 9.68
CA LEU U 276 4.94 3.65 11.00
C LEU U 276 4.72 2.15 11.14
N PHE U 277 3.52 1.69 10.78
CA PHE U 277 3.28 0.24 10.84
C PHE U 277 4.24 -0.51 9.92
N SER U 278 4.58 0.08 8.77
CA SER U 278 5.48 -0.62 7.85
C SER U 278 6.87 -0.79 8.45
N ASN U 279 7.44 0.28 9.00
CA ASN U 279 8.79 0.15 9.53
C ASN U 279 8.82 -0.81 10.71
N LEU U 280 7.75 -0.80 11.52
CA LEU U 280 7.66 -1.81 12.56
C LEU U 280 7.71 -3.22 11.98
N CYS U 281 6.96 -3.48 10.91
CA CYS U 281 6.91 -4.84 10.39
C CYS U 281 8.28 -5.29 9.89
N ILE U 282 9.00 -4.43 9.19
CA ILE U 282 10.29 -4.87 8.66
C ILE U 282 11.30 -5.09 9.78
N PHE U 283 11.39 -4.14 10.73
CA PHE U 283 12.34 -4.32 11.83
C PHE U 283 12.05 -5.61 12.58
N LEU U 284 10.77 -5.94 12.75
CA LEU U 284 10.42 -7.14 13.48
C LEU U 284 10.81 -8.38 12.68
N SER U 285 10.49 -8.41 11.40
CA SER U 285 10.80 -9.58 10.58
C SER U 285 12.28 -9.91 10.64
N GLY U 286 13.14 -8.90 10.57
CA GLY U 286 14.57 -9.18 10.58
C GLY U 286 15.03 -9.87 11.86
N THR U 287 14.44 -9.50 13.00
CA THR U 287 15.09 -9.77 14.28
C THR U 287 14.47 -10.94 15.03
N PHE U 288 13.15 -11.08 14.98
CA PHE U 288 12.47 -12.05 15.84
C PHE U 288 11.74 -13.16 15.11
N VAL U 289 11.26 -12.94 13.89
CA VAL U 289 10.44 -13.92 13.19
C VAL U 289 11.23 -14.43 11.99
N LYS U 290 11.31 -15.76 11.88
CA LYS U 290 12.00 -16.37 10.75
C LYS U 290 11.07 -16.57 9.56
N ASP U 291 9.85 -17.02 9.80
CA ASP U 291 8.87 -17.12 8.73
C ASP U 291 7.50 -16.74 9.29
N TRP U 292 6.60 -16.34 8.39
CA TRP U 292 5.33 -15.81 8.85
C TRP U 292 4.25 -16.88 8.89
N ASN U 293 4.46 -18.01 8.23
CA ASN U 293 3.47 -19.08 8.30
C ASN U 293 3.48 -19.75 9.67
N ALA U 294 4.65 -19.85 10.28
CA ALA U 294 4.73 -20.46 11.61
C ALA U 294 4.07 -19.58 12.67
N PHE U 295 4.03 -18.27 12.42
CA PHE U 295 3.40 -17.36 13.38
C PHE U 295 1.93 -17.69 13.57
N TRP U 296 1.23 -18.00 12.49
CA TRP U 296 -0.21 -18.28 12.56
C TRP U 296 -0.51 -19.71 12.99
N GLY U 297 0.49 -20.48 13.42
CA GLY U 297 0.22 -21.85 13.82
C GLY U 297 -0.59 -21.94 15.10
N PHE U 298 -0.56 -20.87 15.91
CA PHE U 298 -1.26 -20.90 17.20
C PHE U 298 -2.76 -20.80 17.05
N TRP U 299 -3.24 -20.22 15.95
CA TRP U 299 -4.66 -19.89 15.84
C TRP U 299 -5.52 -21.15 15.80
N ASP U 300 -5.03 -22.21 15.15
CA ASP U 300 -5.86 -23.39 14.95
C ASP U 300 -6.22 -24.04 16.28
N LYS U 301 -5.24 -24.01 17.18
CA LYS U 301 -5.28 -24.73 18.49
C LYS U 301 -5.94 -23.88 19.59
N MET U 302 -6.64 -22.81 19.22
CA MET U 302 -7.34 -22.01 20.27
C MET U 302 -8.29 -22.98 20.98
N PRO U 303 -8.27 -23.08 22.32
CA PRO U 303 -9.13 -24.02 23.06
C PRO U 303 -10.59 -24.12 22.60
N ILE U 304 -11.25 -22.99 22.36
CA ILE U 304 -12.64 -23.01 21.94
C ILE U 304 -12.93 -24.06 20.89
N TRP U 305 -12.00 -24.26 19.95
CA TRP U 305 -12.25 -25.20 18.86
C TRP U 305 -11.15 -26.24 18.61
N ASN U 306 -10.25 -26.43 19.56
CA ASN U 306 -9.14 -27.37 19.35
C ASN U 306 -9.48 -28.85 19.15
N GLY U 307 -10.66 -29.29 19.58
CA GLY U 307 -11.05 -30.68 19.48
C GLY U 307 -12.31 -30.96 18.68
N VAL U 308 -12.96 -29.93 18.15
CA VAL U 308 -14.27 -30.14 17.52
C VAL U 308 -14.10 -30.78 16.14
N GLY U 309 -12.93 -30.65 15.54
CA GLY U 309 -12.70 -31.20 14.22
C GLY U 309 -12.86 -32.70 14.16
N PRO V 1 -33.73 28.28 -6.39
CA PRO V 1 -33.98 27.39 -7.52
C PRO V 1 -34.00 25.92 -7.12
N ILE V 2 -33.06 25.53 -6.26
CA ILE V 2 -32.93 24.16 -5.78
C ILE V 2 -33.29 24.15 -4.30
N ASP V 3 -34.36 23.43 -3.94
CA ASP V 3 -34.76 23.32 -2.55
C ASP V 3 -33.99 22.17 -1.92
N LEU V 4 -33.19 22.47 -0.90
CA LEU V 4 -32.43 21.44 -0.22
C LEU V 4 -33.31 20.65 0.74
N HIS V 5 -34.32 21.30 1.31
CA HIS V 5 -35.17 20.62 2.29
C HIS V 5 -35.95 19.48 1.64
N ASP V 6 -36.50 19.76 0.45
CA ASP V 6 -37.30 18.76 -0.31
C ASP V 6 -36.35 17.69 -0.88
N GLU V 7 -35.04 17.91 -0.75
CA GLU V 7 -34.03 16.93 -1.25
C GLU V 7 -33.42 16.19 -0.06
N GLU V 8 -33.88 16.51 1.16
CA GLU V 8 -33.37 15.85 2.40
C GLU V 8 -34.49 14.98 2.99
N TYR V 9 -35.75 15.32 2.72
CA TYR V 9 -36.88 14.55 3.22
C TYR V 9 -37.94 14.43 2.14
N ARG V 10 -38.14 13.22 1.59
CA ARG V 10 -39.17 13.03 0.57
C ARG V 10 -39.72 11.60 0.44
N ASP V 11 -40.26 11.03 1.51
CA ASP V 11 -40.88 9.70 1.46
C ASP V 11 -39.95 8.59 0.96
N GLY V 12 -40.38 7.81 -0.02
CA GLY V 12 -39.58 6.69 -0.50
C GLY V 12 -39.41 6.60 -2.00
N LEU V 13 -38.38 5.88 -2.46
CA LEU V 13 -38.04 5.82 -3.89
C LEU V 13 -37.53 7.19 -4.33
N GLU V 14 -38.19 8.26 -3.89
CA GLU V 14 -37.71 9.59 -4.19
C GLU V 14 -37.19 10.29 -2.94
N GLY V 15 -37.07 9.56 -1.83
CA GLY V 15 -36.64 10.19 -0.59
C GLY V 15 -35.72 9.36 0.29
N THR V 16 -35.57 9.77 1.55
CA THR V 16 -34.64 9.08 2.42
C THR V 16 -35.38 8.12 3.33
N ILE V 17 -34.71 7.04 3.72
CA ILE V 17 -35.34 6.06 4.59
C ILE V 17 -35.23 6.49 6.05
N ALA V 18 -34.01 6.76 6.51
CA ALA V 18 -33.80 7.11 7.93
C ALA V 18 -34.12 8.57 8.20
N LYS V 19 -35.40 8.88 8.35
CA LYS V 19 -35.79 10.28 8.53
C LYS V 19 -35.24 10.99 9.77
N PRO V 20 -35.22 10.33 10.95
CA PRO V 20 -34.66 11.09 12.08
C PRO V 20 -33.11 11.12 12.14
N PRO V 21 -32.48 12.33 12.23
CA PRO V 21 -31.03 12.26 12.32
C PRO V 21 -30.57 11.92 13.73
N GLY V 22 -29.32 11.43 13.81
CA GLY V 22 -28.76 11.03 15.08
C GLY V 22 -27.37 11.63 15.28
N HIS V 23 -26.92 11.61 16.52
CA HIS V 23 -25.63 12.18 16.89
C HIS V 23 -24.70 11.07 17.36
N VAL V 24 -23.42 11.16 16.97
CA VAL V 24 -22.46 10.13 17.37
C VAL V 24 -21.70 10.57 18.63
N GLY V 25 -21.56 11.87 18.84
CA GLY V 25 -20.95 12.35 20.05
C GLY V 25 -19.43 12.36 20.04
N TRP V 26 -18.82 11.18 20.14
CA TRP V 26 -17.35 11.11 20.13
C TRP V 26 -16.80 11.54 18.77
N MET V 27 -17.54 11.26 17.69
CA MET V 27 -17.14 11.77 16.38
C MET V 27 -17.16 13.29 16.37
N GLN V 28 -18.13 13.89 17.06
CA GLN V 28 -18.23 15.35 17.08
C GLN V 28 -17.00 15.98 17.69
N ARG V 29 -16.49 15.38 18.78
CA ARG V 29 -15.34 15.97 19.54
C ARG V 29 -13.99 15.78 18.83
N LEU V 30 -13.89 14.83 17.89
CA LEU V 30 -12.62 14.58 17.23
C LEU V 30 -12.65 14.76 15.71
N LEU V 31 -13.80 14.60 15.07
CA LEU V 31 -13.87 14.60 13.62
C LEU V 31 -14.57 15.83 13.07
N GLY V 32 -14.83 16.84 13.89
CA GLY V 32 -15.65 17.96 13.47
C GLY V 32 -17.13 17.66 13.60
N GLU V 33 -17.86 17.71 12.49
CA GLU V 33 -19.28 17.39 12.52
C GLU V 33 -19.48 15.92 12.85
N GLY V 34 -20.54 15.62 13.62
CA GLY V 34 -20.76 14.28 14.09
C GLY V 34 -22.20 13.79 14.08
N GLN V 35 -22.99 14.22 13.10
CA GLN V 35 -24.37 13.78 12.97
C GLN V 35 -24.48 12.77 11.84
N VAL V 36 -25.25 11.71 12.06
CA VAL V 36 -25.37 10.65 11.05
C VAL V 36 -26.39 11.04 9.99
N GLY V 37 -27.58 11.44 10.41
CA GLY V 37 -28.55 11.99 9.50
C GLY V 37 -29.13 10.98 8.53
N PRO V 38 -29.95 11.47 7.60
CA PRO V 38 -30.67 10.56 6.71
C PRO V 38 -29.85 10.15 5.50
N ILE V 39 -30.23 9.01 4.91
CA ILE V 39 -29.57 8.46 3.73
C ILE V 39 -30.61 8.27 2.64
N TYR V 40 -30.29 8.72 1.44
CA TYR V 40 -31.27 8.74 0.36
C TYR V 40 -31.29 7.42 -0.39
N VAL V 41 -32.48 6.91 -0.66
CA VAL V 41 -32.66 5.68 -1.44
C VAL V 41 -33.48 6.01 -2.67
N GLY V 42 -32.94 5.70 -3.85
CA GLY V 42 -33.64 5.92 -5.10
C GLY V 42 -33.90 4.61 -5.81
N LEU V 43 -34.21 4.72 -7.10
CA LEU V 43 -34.39 3.53 -7.90
C LEU V 43 -33.07 2.77 -8.05
N TRP V 44 -32.00 3.48 -8.43
CA TRP V 44 -30.72 2.81 -8.59
C TRP V 44 -30.17 2.31 -7.26
N GLY V 45 -30.63 2.91 -6.16
CA GLY V 45 -30.13 2.52 -4.86
C GLY V 45 -30.60 1.13 -4.44
N VAL V 46 -31.84 0.80 -4.76
CA VAL V 46 -32.38 -0.49 -4.31
C VAL V 46 -31.80 -1.64 -5.11
N ILE V 47 -31.41 -1.38 -6.37
CA ILE V 47 -30.94 -2.44 -7.24
C ILE V 47 -29.58 -2.92 -6.79
N SER V 48 -28.64 -1.99 -6.58
CA SER V 48 -27.30 -2.37 -6.15
C SER V 48 -27.36 -3.12 -4.83
N PHE V 49 -28.22 -2.67 -3.92
CA PHE V 49 -28.38 -3.34 -2.63
C PHE V 49 -28.78 -4.79 -2.81
N ILE V 50 -29.84 -5.04 -3.60
CA ILE V 50 -30.36 -6.39 -3.68
C ILE V 50 -29.40 -7.30 -4.44
N THR V 51 -28.74 -6.78 -5.47
CA THR V 51 -27.78 -7.61 -6.19
C THR V 51 -26.56 -7.93 -5.32
N PHE V 52 -26.06 -6.97 -4.55
CA PHE V 52 -24.97 -7.25 -3.64
C PHE V 52 -25.38 -8.25 -2.58
N PHE V 53 -26.62 -8.15 -2.12
CA PHE V 53 -27.12 -9.10 -1.09
C PHE V 53 -27.25 -10.50 -1.70
N ALA V 54 -27.55 -10.59 -3.01
CA ALA V 54 -27.63 -11.89 -3.66
C ALA V 54 -26.26 -12.52 -3.80
N SER V 55 -25.27 -11.75 -4.27
CA SER V 55 -23.93 -12.30 -4.41
C SER V 55 -23.35 -12.71 -3.06
N ALA V 56 -23.51 -11.87 -2.04
CA ALA V 56 -22.97 -12.20 -0.73
C ALA V 56 -23.66 -13.42 -0.16
N PHE V 57 -24.96 -13.57 -0.39
CA PHE V 57 -25.68 -14.75 0.09
C PHE V 57 -25.16 -16.00 -0.58
N ILE V 58 -25.02 -15.97 -1.91
CA ILE V 58 -24.48 -17.12 -2.64
C ILE V 58 -23.13 -17.51 -2.05
N ILE V 59 -22.27 -16.54 -1.81
CA ILE V 59 -20.92 -16.86 -1.34
C ILE V 59 -20.97 -17.38 0.09
N LEU V 60 -21.80 -16.80 0.95
CA LEU V 60 -21.79 -17.17 2.36
C LEU V 60 -22.37 -18.56 2.57
N VAL V 61 -23.40 -18.92 1.80
CA VAL V 61 -23.96 -20.26 1.93
C VAL V 61 -22.96 -21.32 1.48
N ASP V 62 -22.17 -21.00 0.45
CA ASP V 62 -21.22 -21.97 -0.07
C ASP V 62 -20.05 -22.19 0.88
N TYR V 63 -19.80 -21.25 1.78
CA TYR V 63 -18.84 -21.50 2.84
C TYR V 63 -19.32 -22.62 3.75
N GLY V 64 -20.59 -22.59 4.13
CA GLY V 64 -21.11 -23.57 5.05
C GLY V 64 -21.05 -24.98 4.51
N ARG V 65 -21.27 -25.15 3.21
CA ARG V 65 -21.21 -26.49 2.64
C ARG V 65 -19.81 -27.08 2.77
N GLN V 66 -18.79 -26.22 2.72
CA GLN V 66 -17.42 -26.73 2.77
C GLN V 66 -17.08 -27.28 4.16
N VAL V 67 -17.58 -26.64 5.22
CA VAL V 67 -17.28 -27.09 6.57
C VAL V 67 -18.24 -28.14 7.08
N GLY V 68 -19.22 -28.55 6.28
CA GLY V 68 -20.22 -29.49 6.75
C GLY V 68 -21.27 -28.88 7.64
N TRP V 69 -21.55 -27.60 7.47
CA TRP V 69 -22.58 -26.88 8.23
C TRP V 69 -22.28 -26.90 9.72
N ASN V 70 -21.00 -26.87 10.07
CA ASN V 70 -20.59 -26.86 11.47
C ASN V 70 -20.25 -25.43 11.88
N PRO V 71 -21.04 -24.79 12.75
CA PRO V 71 -20.76 -23.39 13.07
C PRO V 71 -19.52 -23.18 13.90
N ILE V 72 -19.09 -24.18 14.68
CA ILE V 72 -17.83 -24.04 15.41
C ILE V 72 -16.66 -24.00 14.44
N ILE V 73 -16.60 -24.97 13.53
CA ILE V 73 -15.56 -24.98 12.51
C ILE V 73 -15.72 -23.79 11.57
N TYR V 74 -16.97 -23.43 11.26
CA TYR V 74 -17.23 -22.30 10.37
C TYR V 74 -16.64 -21.02 10.92
N LEU V 75 -16.69 -20.84 12.24
CA LEU V 75 -16.15 -19.63 12.85
C LEU V 75 -14.63 -19.71 12.97
N ARG V 76 -14.10 -20.94 13.03
CA ARG V 76 -12.66 -21.11 13.21
C ARG V 76 -11.90 -20.82 11.93
N GLU V 77 -12.34 -21.40 10.81
CA GLU V 77 -11.63 -21.30 9.55
C GLU V 77 -12.28 -20.31 8.60
N PHE V 78 -12.95 -19.28 9.11
CA PHE V 78 -13.66 -18.35 8.24
C PHE V 78 -12.73 -17.57 7.34
N TRP V 79 -11.51 -17.28 7.82
CA TRP V 79 -10.67 -16.33 7.12
C TRP V 79 -9.88 -16.98 6.00
N ASN V 80 -9.81 -18.30 5.98
CA ASN V 80 -9.13 -18.98 4.89
C ASN V 80 -10.07 -19.77 4.00
N LEU V 81 -11.38 -19.64 4.18
CA LEU V 81 -12.33 -20.22 3.24
C LEU V 81 -12.40 -19.37 1.98
N ALA V 82 -12.78 -19.99 0.87
CA ALA V 82 -12.89 -19.27 -0.39
C ALA V 82 -13.70 -20.12 -1.37
N VAL V 83 -14.07 -19.50 -2.49
CA VAL V 83 -14.70 -20.19 -3.61
C VAL V 83 -13.88 -19.91 -4.86
N TYR V 84 -13.57 -20.96 -5.59
CA TYR V 84 -12.59 -20.73 -6.65
C TYR V 84 -13.21 -20.88 -8.02
N PRO V 85 -12.70 -20.18 -9.01
CA PRO V 85 -13.23 -20.29 -10.37
C PRO V 85 -12.90 -21.64 -10.97
N PRO V 86 -13.47 -21.97 -12.14
CA PRO V 86 -13.27 -23.31 -12.69
C PRO V 86 -11.80 -23.57 -12.97
N PRO V 87 -11.42 -24.84 -13.06
CA PRO V 87 -10.03 -25.18 -13.39
C PRO V 87 -9.69 -24.96 -14.86
N THR V 88 -8.49 -25.36 -15.28
CA THR V 88 -8.05 -25.10 -16.64
C THR V 88 -8.82 -25.93 -17.65
N GLU V 89 -9.16 -27.16 -17.32
CA GLU V 89 -10.10 -27.91 -18.14
C GLU V 89 -11.44 -27.19 -18.13
N TYR V 90 -12.18 -27.32 -19.24
CA TYR V 90 -13.32 -26.44 -19.53
C TYR V 90 -12.99 -25.00 -19.14
N GLY V 91 -12.01 -24.44 -19.83
CA GLY V 91 -11.48 -23.14 -19.45
C GLY V 91 -12.53 -22.06 -19.42
N LEU V 92 -13.23 -21.85 -20.53
CA LEU V 92 -14.24 -20.81 -20.61
C LEU V 92 -15.66 -21.34 -20.56
N SER V 93 -15.83 -22.65 -20.53
CA SER V 93 -17.17 -23.24 -20.54
C SER V 93 -17.96 -22.80 -19.31
N TRP V 94 -19.24 -22.56 -19.51
CA TRP V 94 -20.13 -22.12 -18.44
C TRP V 94 -20.87 -23.26 -17.77
N ASN V 95 -20.70 -24.49 -18.25
CA ASN V 95 -21.37 -25.67 -17.67
C ASN V 95 -20.37 -26.41 -16.80
N VAL V 96 -20.33 -26.05 -15.51
CA VAL V 96 -19.42 -26.71 -14.57
C VAL V 96 -20.21 -27.09 -13.34
N PRO V 97 -19.77 -28.15 -12.64
CA PRO V 97 -20.45 -28.54 -11.41
C PRO V 97 -20.45 -27.41 -10.39
N TRP V 98 -21.54 -27.32 -9.63
CA TRP V 98 -21.71 -26.22 -8.70
C TRP V 98 -20.56 -26.12 -7.71
N ASP V 99 -20.13 -27.24 -7.15
CA ASP V 99 -19.14 -27.21 -6.09
C ASP V 99 -17.74 -26.93 -6.63
N LYS V 100 -17.45 -27.39 -7.85
CA LYS V 100 -16.12 -27.19 -8.41
C LYS V 100 -15.89 -25.72 -8.75
N GLY V 101 -16.69 -25.18 -9.65
CA GLY V 101 -16.56 -23.77 -9.96
C GLY V 101 -17.83 -23.04 -10.31
N GLY V 102 -18.98 -23.69 -10.14
CA GLY V 102 -20.23 -23.11 -10.64
C GLY V 102 -20.71 -21.95 -9.79
N ALA V 103 -20.42 -21.98 -8.50
CA ALA V 103 -20.94 -20.94 -7.60
C ALA V 103 -20.25 -19.61 -7.85
N TRP V 104 -19.01 -19.64 -8.35
CA TRP V 104 -18.26 -18.41 -8.55
C TRP V 104 -18.89 -17.52 -9.63
N LEU V 105 -19.40 -18.14 -10.70
CA LEU V 105 -19.85 -17.36 -11.85
C LEU V 105 -21.08 -16.51 -11.50
N ALA V 106 -22.08 -17.11 -10.86
CA ALA V 106 -23.28 -16.35 -10.50
C ALA V 106 -22.94 -15.20 -9.56
N ALA V 107 -22.11 -15.48 -8.56
CA ALA V 107 -21.73 -14.43 -7.61
C ALA V 107 -21.05 -13.27 -8.32
N THR V 108 -20.12 -13.57 -9.23
CA THR V 108 -19.40 -12.48 -9.90
C THR V 108 -20.34 -11.70 -10.81
N PHE V 109 -21.33 -12.37 -11.40
CA PHE V 109 -22.28 -11.66 -12.25
C PHE V 109 -23.10 -10.67 -11.45
N PHE V 110 -23.63 -11.10 -10.32
CA PHE V 110 -24.44 -10.20 -9.50
C PHE V 110 -23.58 -9.07 -8.94
N LEU V 111 -22.31 -9.35 -8.63
CA LEU V 111 -21.43 -8.29 -8.18
C LEU V 111 -21.23 -7.23 -9.26
N HIS V 112 -21.01 -7.65 -10.50
CA HIS V 112 -20.89 -6.70 -11.60
C HIS V 112 -22.12 -5.80 -11.68
N ILE V 113 -23.31 -6.41 -11.65
CA ILE V 113 -24.52 -5.61 -11.80
C ILE V 113 -24.62 -4.58 -10.68
N SER V 114 -24.31 -4.99 -9.44
CA SER V 114 -24.37 -4.07 -8.32
C SER V 114 -23.43 -2.89 -8.52
N VAL V 115 -22.20 -3.17 -8.97
CA VAL V 115 -21.21 -2.11 -9.15
C VAL V 115 -21.70 -1.08 -10.16
N LEU V 116 -22.20 -1.55 -11.31
CA LEU V 116 -22.64 -0.62 -12.35
C LEU V 116 -23.83 0.22 -11.87
N THR V 117 -24.75 -0.39 -11.14
CA THR V 117 -25.88 0.37 -10.65
C THR V 117 -25.45 1.41 -9.61
N TRP V 118 -24.44 1.09 -8.80
CA TRP V 118 -23.93 2.09 -7.87
C TRP V 118 -23.32 3.27 -8.60
N TRP V 119 -22.60 3.01 -9.70
CA TRP V 119 -22.10 4.11 -10.51
C TRP V 119 -23.24 5.00 -10.99
N ALA V 120 -24.29 4.39 -11.53
CA ALA V 120 -25.43 5.17 -12.00
C ALA V 120 -26.02 6.02 -10.88
N ARG V 121 -26.12 5.45 -9.68
CA ARG V 121 -26.61 6.20 -8.53
C ARG V 121 -25.74 7.42 -8.25
N LEU V 122 -24.42 7.22 -8.23
CA LEU V 122 -23.52 8.34 -8.00
C LEU V 122 -23.76 9.47 -9.00
N TYR V 123 -23.82 9.11 -10.29
CA TYR V 123 -24.01 10.11 -11.32
C TYR V 123 -25.33 10.87 -11.13
N THR V 124 -26.41 10.13 -10.92
CA THR V 124 -27.73 10.77 -10.84
C THR V 124 -27.84 11.65 -9.59
N ARG V 125 -27.34 11.18 -8.45
CA ARG V 125 -27.42 11.99 -7.24
C ARG V 125 -26.51 13.21 -7.33
N ALA V 126 -25.44 13.11 -8.11
CA ALA V 126 -24.60 14.29 -8.31
C ALA V 126 -25.33 15.32 -9.13
N LYS V 127 -26.02 14.90 -10.18
CA LYS V 127 -26.74 15.86 -11.01
C LYS V 127 -27.90 16.48 -10.25
N ALA V 128 -28.56 15.70 -9.39
CA ALA V 128 -29.77 16.18 -8.73
C ALA V 128 -29.48 17.35 -7.79
N THR V 129 -28.34 17.33 -7.11
CA THR V 129 -28.06 18.33 -6.10
C THR V 129 -27.46 19.61 -6.68
N GLY V 130 -27.08 19.60 -7.95
CA GLY V 130 -26.54 20.79 -8.58
C GLY V 130 -25.04 20.87 -8.64
N VAL V 131 -24.33 19.91 -8.03
CA VAL V 131 -22.88 19.89 -8.05
C VAL V 131 -22.38 19.15 -9.28
N GLY V 132 -21.09 19.26 -9.58
CA GLY V 132 -20.53 18.59 -10.72
C GLY V 132 -20.46 17.08 -10.55
N THR V 133 -20.11 16.41 -11.64
CA THR V 133 -20.10 14.95 -11.71
C THR V 133 -18.70 14.36 -11.81
N GLN V 134 -17.72 14.91 -11.10
CA GLN V 134 -16.35 14.43 -11.22
C GLN V 134 -16.16 13.11 -10.48
N LEU V 135 -16.85 12.95 -9.36
CA LEU V 135 -16.69 11.73 -8.57
C LEU V 135 -17.09 10.50 -9.36
N ALA V 136 -18.15 10.61 -10.17
CA ALA V 136 -18.59 9.47 -10.96
C ALA V 136 -17.54 9.06 -11.98
N TRP V 137 -16.90 10.03 -12.62
CA TRP V 137 -15.89 9.69 -13.62
C TRP V 137 -14.64 9.10 -12.96
N GLY V 138 -14.28 9.59 -11.78
CA GLY V 138 -13.20 8.94 -11.06
C GLY V 138 -13.50 7.50 -10.70
N PHE V 139 -14.73 7.26 -10.22
CA PHE V 139 -15.14 5.89 -9.93
C PHE V 139 -15.08 5.04 -11.18
N ALA V 140 -15.39 5.62 -12.35
CA ALA V 140 -15.26 4.87 -13.59
C ALA V 140 -13.81 4.51 -13.86
N SER V 141 -12.90 5.45 -13.58
CA SER V 141 -11.48 5.16 -13.75
C SER V 141 -11.05 3.97 -12.91
N ALA V 142 -11.55 3.88 -11.67
CA ALA V 142 -11.21 2.73 -10.84
C ALA V 142 -11.88 1.45 -11.35
N LEU V 143 -13.11 1.58 -11.84
CA LEU V 143 -13.81 0.43 -12.41
C LEU V 143 -13.08 -0.14 -13.60
N SER V 144 -12.31 0.68 -14.31
CA SER V 144 -11.51 0.15 -15.42
C SER V 144 -10.60 -0.98 -14.94
N LEU V 145 -9.80 -0.73 -13.91
CA LEU V 145 -8.95 -1.77 -13.36
C LEU V 145 -9.77 -2.92 -12.80
N TYR V 146 -10.86 -2.61 -12.11
CA TYR V 146 -11.69 -3.69 -11.57
C TYR V 146 -12.16 -4.63 -12.67
N PHE V 147 -12.56 -4.08 -13.82
CA PHE V 147 -13.10 -4.91 -14.89
C PHE V 147 -12.00 -5.63 -15.65
N VAL V 148 -10.80 -5.06 -15.70
CA VAL V 148 -9.69 -5.76 -16.33
C VAL V 148 -9.31 -6.98 -15.49
N ILE V 149 -9.34 -6.85 -14.16
CA ILE V 149 -8.96 -7.97 -13.31
C ILE V 149 -9.92 -9.14 -13.50
N TYR V 150 -11.22 -8.88 -13.39
CA TYR V 150 -12.21 -9.95 -13.28
C TYR V 150 -12.81 -10.40 -14.60
N LEU V 151 -12.83 -9.53 -15.62
CA LEU V 151 -13.51 -9.87 -16.86
C LEU V 151 -12.57 -9.89 -18.06
N PHE V 152 -11.81 -8.81 -18.28
CA PHE V 152 -11.10 -8.67 -19.54
C PHE V 152 -9.84 -9.50 -19.59
N HIS V 153 -9.19 -9.73 -18.45
CA HIS V 153 -7.95 -10.50 -18.45
C HIS V 153 -8.18 -12.01 -18.47
N PRO V 154 -9.13 -12.56 -17.69
CA PRO V 154 -9.44 -13.98 -17.89
C PRO V 154 -9.89 -14.28 -19.30
N LEU V 155 -10.87 -13.56 -19.82
CA LEU V 155 -11.09 -13.52 -21.25
C LEU V 155 -9.81 -13.06 -21.91
N ALA V 156 -9.60 -13.47 -23.16
CA ALA V 156 -8.38 -13.26 -23.93
C ALA V 156 -7.22 -14.06 -23.37
N LEU V 157 -7.41 -14.85 -22.32
CA LEU V 157 -6.49 -15.91 -21.96
C LEU V 157 -7.09 -17.30 -22.11
N GLY V 158 -8.42 -17.40 -22.23
CA GLY V 158 -9.06 -18.68 -22.37
C GLY V 158 -9.48 -19.35 -21.09
N ASN V 159 -9.09 -18.83 -19.93
CA ASN V 159 -9.35 -19.49 -18.66
C ASN V 159 -10.12 -18.55 -17.73
N TRP V 160 -11.13 -19.08 -17.05
CA TRP V 160 -11.80 -18.27 -16.04
C TRP V 160 -10.96 -18.42 -14.78
N SER V 161 -9.95 -19.29 -14.79
CA SER V 161 -9.19 -19.55 -13.59
C SER V 161 -8.18 -18.44 -13.29
N ALA V 162 -8.07 -17.44 -14.15
CA ALA V 162 -7.11 -16.37 -13.91
C ALA V 162 -7.63 -15.35 -12.91
N ALA V 163 -8.94 -15.34 -12.65
CA ALA V 163 -9.54 -14.36 -11.75
C ALA V 163 -9.37 -14.80 -10.30
N PRO V 164 -9.49 -13.86 -9.35
CA PRO V 164 -9.37 -14.22 -7.93
C PRO V 164 -10.54 -15.05 -7.44
N GLY V 165 -10.55 -15.32 -6.14
CA GLY V 165 -11.47 -16.30 -5.61
C GLY V 165 -12.29 -15.96 -4.38
N HIS V 166 -12.67 -14.69 -4.20
CA HIS V 166 -13.69 -14.33 -3.21
C HIS V 166 -13.36 -14.82 -1.81
N GLY V 167 -12.11 -14.69 -1.41
CA GLY V 167 -11.70 -15.07 -0.06
C GLY V 167 -10.79 -14.01 0.54
N PHE V 168 -10.82 -13.95 1.88
CA PHE V 168 -9.92 -13.06 2.59
C PHE V 168 -8.47 -13.39 2.28
N ARG V 169 -8.02 -14.61 2.41
CA ARG V 169 -6.63 -14.83 2.05
C ARG V 169 -6.52 -15.18 0.58
N ALA V 170 -7.63 -15.31 -0.15
CA ALA V 170 -7.54 -15.73 -1.54
C ALA V 170 -6.96 -14.63 -2.42
N ILE V 171 -7.10 -13.37 -2.02
CA ILE V 171 -6.66 -12.27 -2.87
C ILE V 171 -5.15 -12.09 -2.79
N LEU V 172 -4.59 -12.27 -1.60
CA LEU V 172 -3.14 -12.27 -1.46
C LEU V 172 -2.52 -13.38 -2.29
N ASP V 173 -3.12 -14.57 -2.24
CA ASP V 173 -2.66 -15.67 -3.05
C ASP V 173 -2.73 -15.34 -4.53
N TRP V 174 -3.80 -14.68 -4.97
CA TRP V 174 -3.89 -14.32 -6.37
C TRP V 174 -2.77 -13.39 -6.79
N THR V 175 -2.53 -12.33 -6.00
CA THR V 175 -1.43 -11.42 -6.29
C THR V 175 -0.11 -12.18 -6.45
N ASN V 176 0.20 -13.01 -5.45
CA ASN V 176 1.46 -13.75 -5.48
C ASN V 176 1.54 -14.66 -6.70
N TYR V 177 0.46 -15.37 -7.00
CA TYR V 177 0.50 -16.35 -8.08
C TYR V 177 0.70 -15.68 -9.43
N VAL V 178 0.01 -14.57 -9.67
CA VAL V 178 0.17 -13.88 -10.94
C VAL V 178 1.60 -13.37 -11.10
N SER V 179 2.12 -12.71 -10.06
CA SER V 179 3.49 -12.20 -10.16
C SER V 179 4.48 -13.33 -10.43
N ILE V 180 4.27 -14.49 -9.81
CA ILE V 180 5.19 -15.61 -10.02
C ILE V 180 5.02 -16.15 -11.44
N HIS V 181 3.79 -16.16 -11.95
CA HIS V 181 3.52 -16.76 -13.24
C HIS V 181 4.19 -15.99 -14.36
N TRP V 182 4.02 -14.67 -14.36
CA TRP V 182 4.65 -13.83 -15.40
C TRP V 182 6.17 -13.85 -15.25
N GLY V 183 6.63 -13.83 -13.98
CA GLY V 183 8.07 -13.89 -13.66
C GLY V 183 8.64 -12.50 -13.45
N ASN V 184 9.16 -12.23 -12.25
CA ASN V 184 9.77 -10.91 -11.94
C ASN V 184 8.80 -9.79 -12.34
N PHE V 185 7.63 -9.74 -11.69
CA PHE V 185 6.56 -8.75 -11.96
C PHE V 185 7.03 -7.33 -11.63
N TYR V 186 8.11 -7.21 -10.84
CA TYR V 186 8.70 -5.90 -10.46
C TYR V 186 9.17 -5.16 -11.71
N TYR V 187 9.74 -5.90 -12.67
CA TYR V 187 10.27 -5.35 -13.95
C TYR V 187 9.17 -4.79 -14.87
N ASN V 188 7.90 -5.15 -14.69
CA ASN V 188 6.84 -4.58 -15.57
C ASN V 188 6.92 -3.06 -15.42
N PRO V 189 7.07 -2.28 -16.52
CA PRO V 189 7.26 -0.83 -16.44
C PRO V 189 6.01 -0.06 -16.07
N PHE V 190 4.84 -0.52 -16.51
CA PHE V 190 3.61 0.14 -16.10
C PHE V 190 3.31 -0.10 -14.63
N HIS V 191 3.76 -1.25 -14.10
CA HIS V 191 3.75 -1.45 -12.65
C HIS V 191 4.60 -0.40 -11.94
N MET V 192 5.75 -0.07 -12.52
CA MET V 192 6.59 0.98 -11.97
C MET V 192 5.89 2.34 -12.00
N LEU V 193 5.24 2.67 -13.11
CA LEU V 193 4.49 3.92 -13.17
C LEU V 193 3.37 3.94 -12.15
N SER V 194 2.67 2.82 -11.98
CA SER V 194 1.59 2.77 -11.00
C SER V 194 2.11 2.99 -9.58
N ILE V 195 3.25 2.39 -9.24
CA ILE V 195 3.80 2.59 -7.91
C ILE V 195 4.21 4.04 -7.72
N PHE V 196 4.81 4.64 -8.76
CA PHE V 196 5.15 6.05 -8.71
C PHE V 196 3.92 6.89 -8.38
N PHE V 197 2.83 6.65 -9.09
CA PHE V 197 1.63 7.46 -8.89
C PHE V 197 0.96 7.18 -7.54
N LEU V 198 1.01 5.94 -7.07
CA LEU V 198 0.41 5.63 -5.78
C LEU V 198 1.15 6.31 -4.64
N LEU V 199 2.48 6.23 -4.64
CA LEU V 199 3.24 6.86 -3.58
C LEU V 199 3.16 8.39 -3.68
N GLY V 200 3.08 8.91 -4.91
CA GLY V 200 2.83 10.34 -5.05
C GLY V 200 1.47 10.74 -4.49
N SER V 201 0.47 9.88 -4.65
CA SER V 201 -0.85 10.19 -4.13
C SER V 201 -0.84 10.25 -2.61
N THR V 202 -0.22 9.28 -1.97
CA THR V 202 -0.11 9.32 -0.51
C THR V 202 0.68 10.54 -0.04
N LEU V 203 1.76 10.85 -0.74
CA LEU V 203 2.53 12.06 -0.45
C LEU V 203 1.66 13.30 -0.46
N LEU V 204 0.95 13.52 -1.57
CA LEU V 204 0.11 14.70 -1.72
C LEU V 204 -0.95 14.76 -0.63
N LEU V 205 -1.58 13.61 -0.33
CA LEU V 205 -2.63 13.61 0.69
C LEU V 205 -2.07 14.05 2.03
N ALA V 206 -0.98 13.43 2.47
CA ALA V 206 -0.40 13.79 3.75
C ALA V 206 -0.02 15.25 3.80
N MET V 207 0.61 15.75 2.73
CA MET V 207 1.06 17.14 2.73
C MET V 207 -0.11 18.12 2.80
N HIS V 208 -1.11 17.94 1.93
CA HIS V 208 -2.24 18.85 1.91
C HIS V 208 -2.97 18.85 3.25
N GLY V 209 -3.27 17.67 3.78
CA GLY V 209 -3.89 17.61 5.09
C GLY V 209 -3.08 18.29 6.16
N ALA V 210 -1.78 18.03 6.20
CA ALA V 210 -0.95 18.57 7.28
C ALA V 210 -0.89 20.09 7.21
N THR V 211 -0.64 20.66 6.03
CA THR V 211 -0.54 22.11 5.94
C THR V 211 -1.87 22.77 6.25
N ILE V 212 -2.99 22.19 5.80
CA ILE V 212 -4.27 22.80 6.07
C ILE V 212 -4.58 22.76 7.56
N VAL V 213 -4.25 21.65 8.23
CA VAL V 213 -4.47 21.60 9.68
C VAL V 213 -3.60 22.62 10.40
N ALA V 214 -2.35 22.77 9.96
CA ALA V 214 -1.45 23.71 10.60
C ALA V 214 -1.96 25.15 10.47
N THR V 215 -2.55 25.49 9.34
CA THR V 215 -2.99 26.86 9.14
C THR V 215 -4.46 27.03 9.47
N SER V 216 -5.03 26.05 10.17
CA SER V 216 -6.47 26.09 10.48
C SER V 216 -6.81 27.29 11.36
N LYS V 217 -5.92 27.65 12.27
CA LYS V 217 -6.16 28.79 13.14
C LYS V 217 -6.77 30.00 12.45
N TRP V 218 -6.42 30.24 11.18
CA TRP V 218 -6.95 31.41 10.49
C TRP V 218 -8.11 31.06 9.56
N LYS V 219 -8.80 29.95 9.81
CA LYS V 219 -9.99 29.58 9.05
C LYS V 219 -9.66 29.33 7.59
N SER V 220 -8.56 28.63 7.34
CA SER V 220 -8.20 28.21 5.98
C SER V 220 -8.83 26.89 5.58
N GLU V 221 -9.57 26.24 6.49
CA GLU V 221 -10.13 24.94 6.18
C GLU V 221 -11.28 25.04 5.18
N MET V 222 -12.06 26.11 5.24
CA MET V 222 -13.21 26.29 4.35
C MET V 222 -12.67 26.63 2.96
N GLU V 223 -12.37 25.59 2.18
CA GLU V 223 -11.70 25.81 0.90
C GLU V 223 -12.61 26.48 -0.11
N PHE V 224 -13.93 26.35 0.06
CA PHE V 224 -14.86 26.99 -0.87
C PHE V 224 -14.87 28.49 -0.71
N THR V 225 -14.95 28.97 0.52
CA THR V 225 -14.97 30.41 0.75
C THR V 225 -13.66 31.05 0.30
N GLU V 226 -12.54 30.35 0.51
CA GLU V 226 -11.25 30.93 0.16
C GLU V 226 -11.08 31.04 -1.35
N MET V 227 -11.83 30.26 -2.13
CA MET V 227 -11.65 30.30 -3.56
C MET V 227 -12.08 31.63 -4.14
N MET V 228 -13.09 32.26 -3.54
CA MET V 228 -13.51 33.58 -4.01
C MET V 228 -12.57 34.67 -3.49
N ALA V 229 -12.18 34.59 -2.21
CA ALA V 229 -11.30 35.58 -1.61
C ALA V 229 -10.31 34.89 -0.68
N GLU V 230 -9.03 35.02 -0.98
CA GLU V 230 -7.97 34.35 -0.21
C GLU V 230 -7.68 35.14 1.06
N GLY V 231 -7.89 34.52 2.21
CA GLY V 231 -7.65 35.15 3.48
C GLY V 231 -6.21 35.00 3.94
N PRO V 232 -5.95 35.36 5.19
CA PRO V 232 -4.57 35.27 5.70
C PRO V 232 -4.05 33.85 5.77
N GLY V 233 -4.92 32.88 6.05
CA GLY V 233 -4.46 31.50 6.12
C GLY V 233 -3.87 31.01 4.82
N THR V 234 -4.62 31.16 3.73
CA THR V 234 -4.12 30.74 2.43
C THR V 234 -2.87 31.51 2.05
N GLN V 235 -2.77 32.77 2.47
CA GLN V 235 -1.57 33.55 2.17
C GLN V 235 -0.35 33.01 2.90
N ARG V 236 -0.55 32.55 4.14
CA ARG V 236 0.57 31.94 4.85
C ARG V 236 0.93 30.59 4.25
N ALA V 237 -0.07 29.81 3.86
CA ALA V 237 0.21 28.47 3.33
C ALA V 237 1.02 28.53 2.05
N GLN V 238 0.78 29.55 1.22
CA GLN V 238 1.56 29.69 0.00
C GLN V 238 3.00 30.05 0.31
N LEU V 239 3.23 30.89 1.31
CA LEU V 239 4.57 31.36 1.60
C LEU V 239 5.43 30.26 2.20
N PHE V 240 4.83 29.37 2.98
CA PHE V 240 5.60 28.29 3.58
C PHE V 240 6.23 27.42 2.51
N TRP V 241 5.44 27.00 1.52
CA TRP V 241 5.96 26.09 0.51
C TRP V 241 6.83 26.82 -0.50
N ARG V 242 6.62 28.12 -0.69
CA ARG V 242 7.42 28.87 -1.64
C ARG V 242 8.88 28.94 -1.19
N TRP V 243 9.10 29.07 0.11
CA TRP V 243 10.47 29.16 0.62
C TRP V 243 11.12 27.79 0.73
N VAL V 244 10.34 26.76 1.04
CA VAL V 244 10.92 25.44 1.22
C VAL V 244 11.39 24.88 -0.11
N MET V 245 10.47 24.74 -1.07
CA MET V 245 10.79 24.08 -2.32
C MET V 245 10.77 24.99 -3.55
N GLY V 246 10.56 26.28 -3.39
CA GLY V 246 10.74 27.21 -4.48
C GLY V 246 9.53 27.50 -5.34
N TRP V 247 8.41 26.79 -5.14
CA TRP V 247 7.21 27.06 -5.91
C TRP V 247 6.02 26.60 -5.09
N ASN V 248 4.82 27.01 -5.50
CA ASN V 248 3.62 26.74 -4.72
C ASN V 248 2.39 26.85 -5.61
N ALA V 249 1.25 26.46 -5.06
CA ALA V 249 -0.02 26.52 -5.78
C ALA V 249 -1.10 27.06 -4.86
N ASN V 250 -2.09 27.72 -5.46
CA ASN V 250 -3.21 28.23 -4.67
C ASN V 250 -4.17 27.09 -4.34
N SER V 251 -5.35 27.43 -3.84
CA SER V 251 -6.25 26.41 -3.33
C SER V 251 -6.98 25.67 -4.46
N TYR V 252 -6.98 26.25 -5.66
CA TYR V 252 -7.74 25.64 -6.74
C TYR V 252 -6.92 24.59 -7.49
N ASN V 253 -5.62 24.83 -7.64
CA ASN V 253 -4.80 23.92 -8.42
C ASN V 253 -4.53 22.61 -7.67
N ILE V 254 -4.34 22.72 -6.36
CA ILE V 254 -3.86 21.58 -5.58
C ILE V 254 -4.86 20.42 -5.67
N HIS V 255 -6.13 20.73 -5.83
CA HIS V 255 -7.14 19.68 -5.94
C HIS V 255 -7.12 19.04 -7.32
N ILE V 256 -6.78 19.81 -8.35
CA ILE V 256 -6.54 19.21 -9.66
C ILE V 256 -5.40 18.20 -9.58
N TRP V 257 -4.30 18.59 -8.93
CA TRP V 257 -3.18 17.66 -8.76
C TRP V 257 -3.63 16.38 -8.06
N ALA V 258 -4.39 16.52 -6.98
CA ALA V 258 -4.88 15.36 -6.24
C ALA V 258 -5.69 14.44 -7.15
N TRP V 259 -6.72 14.99 -7.79
CA TRP V 259 -7.58 14.19 -8.65
C TRP V 259 -6.77 13.41 -9.69
N TRP V 260 -5.87 14.10 -10.38
CA TRP V 260 -5.20 13.46 -11.51
C TRP V 260 -4.23 12.39 -11.05
N PHE V 261 -3.52 12.62 -9.94
CA PHE V 261 -2.65 11.56 -9.43
C PHE V 261 -3.44 10.31 -9.08
N ALA V 262 -4.55 10.49 -8.34
CA ALA V 262 -5.34 9.34 -7.92
C ALA V 262 -5.85 8.56 -9.13
N ALA V 263 -6.23 9.25 -10.20
CA ALA V 263 -6.80 8.53 -11.33
C ALA V 263 -5.73 7.85 -12.17
N PHE V 264 -4.58 8.52 -12.36
CA PHE V 264 -3.50 7.92 -13.14
C PHE V 264 -3.03 6.62 -12.50
N THR V 265 -3.05 6.55 -11.18
CA THR V 265 -2.72 5.30 -10.50
C THR V 265 -3.47 4.12 -11.14
N ALA V 266 -4.80 4.17 -11.11
CA ALA V 266 -5.60 3.04 -11.55
C ALA V 266 -5.51 2.82 -13.06
N ILE V 267 -5.44 3.92 -13.83
CA ILE V 267 -5.40 3.74 -15.28
C ILE V 267 -4.11 3.03 -15.71
N THR V 268 -2.97 3.49 -15.19
CA THR V 268 -1.72 2.85 -15.55
C THR V 268 -1.66 1.42 -15.03
N GLY V 269 -2.25 1.18 -13.85
CA GLY V 269 -2.32 -0.18 -13.35
C GLY V 269 -3.07 -1.12 -14.27
N ALA V 270 -4.24 -0.69 -14.75
CA ALA V 270 -5.02 -1.55 -15.64
C ALA V 270 -4.27 -1.82 -16.93
N ILE V 271 -3.72 -0.77 -17.55
CA ILE V 271 -2.99 -0.95 -18.80
C ILE V 271 -1.83 -1.90 -18.60
N GLY V 272 -1.17 -1.84 -17.46
CA GLY V 272 0.00 -2.68 -17.24
C GLY V 272 -0.35 -4.12 -16.94
N LEU V 273 -1.46 -4.35 -16.22
CA LEU V 273 -1.84 -5.73 -15.96
C LEU V 273 -2.32 -6.43 -17.21
N PHE V 274 -3.06 -5.71 -18.06
CA PHE V 274 -3.63 -6.36 -19.25
C PHE V 274 -2.54 -6.96 -20.14
N LEU V 275 -1.38 -6.33 -20.21
CA LEU V 275 -0.36 -6.74 -21.17
C LEU V 275 0.46 -7.94 -20.71
N SER V 276 0.32 -8.36 -19.45
CA SER V 276 1.21 -9.38 -18.93
C SER V 276 0.98 -10.73 -19.58
N GLY V 277 -0.28 -11.11 -19.75
CA GLY V 277 -0.52 -12.44 -20.26
C GLY V 277 -0.46 -12.60 -21.75
N THR V 278 -0.50 -11.51 -22.51
CA THR V 278 -0.73 -11.59 -23.95
C THR V 278 0.51 -11.17 -24.73
N LEU V 279 1.02 -9.95 -24.52
CA LEU V 279 2.11 -9.46 -25.34
C LEU V 279 3.46 -9.95 -24.85
N VAL V 280 3.72 -9.81 -23.56
CA VAL V 280 5.03 -10.08 -22.98
C VAL V 280 4.87 -11.24 -22.00
N PRO V 281 5.25 -12.46 -22.40
CA PRO V 281 5.03 -13.61 -21.51
C PRO V 281 5.93 -13.60 -20.29
N ASP V 282 7.17 -13.18 -20.43
CA ASP V 282 8.14 -13.17 -19.34
C ASP V 282 8.70 -11.77 -19.21
N TRP V 283 8.56 -11.19 -18.01
CA TRP V 283 8.92 -9.79 -17.83
C TRP V 283 10.41 -9.63 -17.56
N TYR V 284 10.98 -10.53 -16.77
CA TYR V 284 12.41 -10.42 -16.46
C TYR V 284 13.26 -10.72 -17.68
N ALA V 285 12.85 -11.72 -18.48
CA ALA V 285 13.58 -11.99 -19.71
C ALA V 285 13.46 -10.83 -20.68
N TRP V 286 12.40 -10.04 -20.57
CA TRP V 286 12.27 -8.86 -21.40
C TRP V 286 13.18 -7.74 -20.90
N GLY V 287 13.36 -7.65 -19.58
CA GLY V 287 14.18 -6.58 -19.03
C GLY V 287 15.64 -6.72 -19.41
N GLU V 288 16.13 -7.96 -19.51
CA GLU V 288 17.53 -8.16 -19.86
C GLU V 288 17.78 -7.83 -21.33
N THR V 289 16.71 -7.85 -22.14
CA THR V 289 16.85 -7.40 -23.52
C THR V 289 16.76 -5.89 -23.63
N ALA V 290 16.19 -5.24 -22.61
CA ALA V 290 16.15 -3.79 -22.57
C ALA V 290 17.30 -3.18 -21.79
N LYS V 291 18.24 -3.99 -21.31
CA LYS V 291 19.49 -3.52 -20.71
C LYS V 291 19.24 -2.68 -19.45
N ILE V 292 18.45 -3.25 -18.52
CA ILE V 292 18.12 -2.55 -17.24
C ILE V 292 18.18 -3.56 -16.10
N VAL V 293 18.85 -4.68 -16.27
CA VAL V 293 19.01 -5.62 -15.16
C VAL V 293 20.43 -5.45 -14.63
N ALA V 294 20.58 -5.44 -13.31
CA ALA V 294 21.92 -5.35 -12.74
C ALA V 294 22.69 -6.62 -13.09
N PRO V 295 23.98 -6.47 -13.44
CA PRO V 295 24.75 -7.65 -13.86
C PRO V 295 24.86 -8.70 -12.76
N TRP V 296 25.09 -8.26 -11.52
CA TRP V 296 25.21 -9.19 -10.40
C TRP V 296 25.95 -10.49 -10.77
N PRO V 297 27.26 -10.43 -11.15
CA PRO V 297 27.86 -11.70 -11.56
C PRO V 297 28.03 -12.69 -10.43
N ASN V 298 28.49 -12.25 -9.26
CA ASN V 298 28.59 -13.10 -8.09
C ASN V 298 28.11 -12.34 -6.87
N PRO V 299 26.92 -12.64 -6.37
CA PRO V 299 26.43 -11.96 -5.17
C PRO V 299 26.96 -12.60 -3.91
N ASP V 300 26.82 -11.88 -2.80
CA ASP V 300 27.14 -12.40 -1.48
C ASP V 300 25.86 -12.97 -0.88
N TRP V 301 25.70 -14.29 -0.94
CA TRP V 301 24.48 -14.93 -0.50
C TRP V 301 24.50 -15.29 0.97
N ALA V 302 25.58 -14.97 1.69
CA ALA V 302 25.66 -15.35 3.09
C ALA V 302 24.60 -14.65 3.92
N GLN V 303 24.10 -13.52 3.43
CA GLN V 303 23.11 -12.76 4.18
C GLN V 303 21.76 -13.47 4.18
N TYR V 304 21.41 -14.09 3.06
CA TYR V 304 20.04 -14.57 2.89
C TYR V 304 19.81 -15.91 3.57
N VAL V 305 20.79 -16.82 3.53
CA VAL V 305 20.66 -18.07 4.26
C VAL V 305 20.91 -17.83 5.75
N PHE V 306 20.17 -18.53 6.60
CA PHE V 306 20.29 -18.32 8.04
C PHE V 306 21.59 -18.92 8.58
N ARG W 4 1.99 41.11 -27.05
CA ARG W 4 3.00 40.12 -27.42
C ARG W 4 2.44 38.71 -27.33
N PRO W 5 2.09 38.11 -28.47
CA PRO W 5 1.55 36.75 -28.44
C PRO W 5 2.56 35.70 -28.01
N PHE W 6 3.83 35.85 -28.40
CA PHE W 6 4.87 34.89 -28.06
C PHE W 6 6.04 35.63 -27.43
N GLU W 7 6.38 35.21 -26.21
CA GLU W 7 7.51 35.79 -25.49
C GLU W 7 8.80 35.27 -26.06
N PHE W 8 9.71 36.19 -26.36
CA PHE W 8 10.99 35.82 -26.98
C PHE W 8 11.82 34.95 -26.04
N ARG W 9 11.81 35.27 -24.75
CA ARG W 9 12.69 34.56 -23.84
C ARG W 9 12.28 33.10 -23.66
N THR W 10 10.99 32.79 -23.75
CA THR W 10 10.58 31.40 -23.72
C THR W 10 11.22 30.63 -24.88
N SER W 11 11.25 31.25 -26.06
CA SER W 11 11.86 30.61 -27.21
C SER W 11 13.34 30.34 -26.97
N VAL W 12 14.08 31.34 -26.47
CA VAL W 12 15.51 31.10 -26.30
C VAL W 12 15.77 30.08 -25.20
N VAL W 13 14.95 30.07 -24.14
CA VAL W 13 15.12 29.08 -23.08
C VAL W 13 14.92 27.67 -23.62
N VAL W 14 13.79 27.44 -24.29
CA VAL W 14 13.53 26.09 -24.79
C VAL W 14 14.55 25.71 -25.85
N SER W 15 15.05 26.69 -26.62
CA SER W 15 16.03 26.39 -27.65
C SER W 15 17.35 25.92 -27.03
N THR W 16 17.83 26.60 -26.02
CA THR W 16 19.10 26.23 -25.46
C THR W 16 19.02 24.97 -24.64
N LEU W 17 17.87 24.70 -24.05
CA LEU W 17 17.69 23.42 -23.37
C LEU W 17 17.66 22.26 -24.35
N LEU W 18 16.86 22.38 -25.41
CA LEU W 18 16.76 21.29 -26.37
C LEU W 18 18.10 21.04 -27.04
N GLY W 19 18.81 22.10 -27.41
CA GLY W 19 20.11 21.93 -28.06
C GLY W 19 21.11 21.23 -27.17
N LEU W 20 21.16 21.63 -25.89
CA LEU W 20 22.11 21.02 -24.97
C LEU W 20 21.79 19.55 -24.76
N VAL W 21 20.52 19.23 -24.50
CA VAL W 21 20.13 17.84 -24.31
C VAL W 21 20.48 17.02 -25.55
N MET W 22 20.26 17.59 -26.73
CA MET W 22 20.48 16.82 -27.96
C MET W 22 21.96 16.56 -28.17
N ALA W 23 22.81 17.58 -27.96
CA ALA W 23 24.25 17.37 -28.05
C ALA W 23 24.71 16.29 -27.07
N LEU W 24 24.22 16.35 -25.83
CA LEU W 24 24.63 15.37 -24.82
C LEU W 24 24.21 13.96 -25.21
N LEU W 25 22.98 13.81 -25.67
CA LEU W 25 22.50 12.48 -26.05
C LEU W 25 23.29 11.92 -27.21
N ILE W 26 23.58 12.73 -28.22
CA ILE W 26 24.33 12.21 -29.37
C ILE W 26 25.75 11.85 -28.95
N HIS W 27 26.37 12.69 -28.15
CA HIS W 27 27.72 12.38 -27.69
C HIS W 27 27.76 11.05 -26.95
N PHE W 28 26.72 10.79 -26.00
CA PHE W 28 26.65 9.55 -25.23
C PHE W 28 26.50 8.35 -26.16
N VAL W 29 25.55 8.45 -27.09
CA VAL W 29 25.30 7.33 -28.00
C VAL W 29 26.55 6.99 -28.81
N VAL W 30 27.21 8.02 -29.36
CA VAL W 30 28.40 7.77 -30.17
C VAL W 30 29.51 7.16 -29.33
N LEU W 31 29.70 7.64 -28.10
CA LEU W 31 30.73 7.06 -27.25
C LEU W 31 30.44 5.61 -26.93
N SER W 32 29.20 5.30 -26.58
CA SER W 32 28.85 3.95 -26.14
C SER W 32 28.72 2.96 -27.28
N SER W 33 28.63 3.44 -28.53
CA SER W 33 28.57 2.52 -29.66
C SER W 33 29.87 1.75 -29.85
N GLY W 34 30.99 2.33 -29.45
CA GLY W 34 32.26 1.65 -29.57
C GLY W 34 32.72 1.43 -31.00
N ALA W 35 32.51 2.40 -31.87
CA ALA W 35 32.85 2.26 -33.28
C ALA W 35 33.86 3.29 -33.74
N PHE W 36 34.54 3.98 -32.85
CA PHE W 36 35.39 5.09 -33.25
C PHE W 36 36.81 5.05 -32.69
N ASN W 37 37.13 4.12 -31.80
CA ASN W 37 38.47 4.05 -31.20
C ASN W 37 38.82 5.39 -30.54
N TRP W 38 38.05 5.74 -29.53
CA TRP W 38 38.18 7.00 -28.81
C TRP W 38 38.15 6.69 -27.33
N LEU W 39 39.20 7.08 -26.62
CA LEU W 39 39.40 6.75 -25.21
C LEU W 39 39.45 5.22 -25.01
N ARG W 40 40.50 4.63 -25.58
CA ARG W 40 40.81 3.21 -25.42
C ARG W 40 39.67 2.33 -25.94
N ALA W 41 39.46 2.40 -27.25
CA ALA W 41 38.48 1.54 -27.90
C ALA W 41 38.95 1.15 -29.29
N ASN X 7 11.77 51.77 -28.43
CA ASN X 7 11.14 50.60 -29.02
C ASN X 7 10.87 50.87 -30.48
N ASP X 8 11.90 51.45 -31.12
CA ASP X 8 11.89 51.88 -32.52
C ASP X 8 13.19 51.57 -33.25
N LEU X 9 14.05 50.71 -32.71
CA LEU X 9 15.26 50.35 -33.44
C LEU X 9 15.04 49.20 -34.41
N VAL X 10 13.98 48.43 -34.23
CA VAL X 10 13.73 47.26 -35.08
C VAL X 10 13.06 47.75 -36.35
N PRO X 11 13.29 47.08 -37.49
CA PRO X 11 12.64 47.52 -38.74
C PRO X 11 11.13 47.35 -38.67
N ASP X 12 10.45 47.99 -39.62
CA ASP X 12 9.00 48.08 -39.58
C ASP X 12 8.35 46.72 -39.75
N GLN X 13 8.91 45.88 -40.63
CA GLN X 13 8.30 44.59 -40.91
C GLN X 13 8.19 43.73 -39.66
N TRP X 14 9.17 43.82 -38.77
CA TRP X 14 9.19 43.04 -37.54
C TRP X 14 8.85 43.89 -36.31
N LYS X 15 8.26 45.06 -36.51
CA LYS X 15 7.94 45.92 -35.38
C LYS X 15 6.92 45.32 -34.42
N PRO X 16 5.84 44.68 -34.87
CA PRO X 16 4.86 44.19 -33.89
C PRO X 16 5.36 43.05 -33.04
N LEU X 17 6.44 42.38 -33.46
CA LEU X 17 6.92 41.21 -32.73
C LEU X 17 7.98 41.58 -31.71
N PHE X 18 9.04 42.24 -32.16
CA PHE X 18 10.23 42.44 -31.35
C PHE X 18 10.19 43.78 -30.63
N ASN X 19 10.51 43.76 -29.34
CA ASN X 19 10.83 44.96 -28.60
C ASN X 19 12.18 45.49 -29.05
N ASN X 20 12.62 46.57 -28.40
CA ASN X 20 13.93 47.13 -28.71
C ASN X 20 15.05 46.27 -28.11
N ALA X 21 14.91 45.89 -26.84
CA ALA X 21 15.94 45.09 -26.19
C ALA X 21 16.00 43.68 -26.76
N GLN X 22 14.85 43.13 -27.14
CA GLN X 22 14.79 41.77 -27.69
C GLN X 22 15.52 41.64 -29.02
N TRP X 23 15.85 42.76 -29.66
CA TRP X 23 16.47 42.71 -30.97
C TRP X 23 17.96 42.39 -30.88
N LEU X 24 18.67 43.04 -29.96
CA LEU X 24 20.12 42.85 -29.87
C LEU X 24 20.46 41.43 -29.42
N VAL X 25 19.64 40.88 -28.54
CA VAL X 25 19.85 39.52 -28.15
C VAL X 25 19.62 38.68 -29.41
N HIS X 26 18.50 38.84 -30.08
CA HIS X 26 18.30 38.04 -31.29
C HIS X 26 19.53 38.09 -32.18
N ASP X 27 20.25 39.30 -32.34
CA ASP X 27 21.47 39.41 -33.14
C ASP X 27 22.56 38.49 -32.60
N ILE X 28 22.78 38.54 -31.28
CA ILE X 28 23.78 37.68 -30.66
C ILE X 28 23.48 36.22 -30.94
N VAL X 29 22.21 35.83 -30.83
CA VAL X 29 21.83 34.44 -31.04
C VAL X 29 22.13 34.00 -32.47
N VAL X 30 21.79 34.85 -33.44
CA VAL X 30 22.05 34.48 -34.84
C VAL X 30 23.54 34.33 -35.09
N LYS X 31 24.34 35.26 -34.58
CA LYS X 31 25.79 35.17 -34.80
C LYS X 31 26.35 33.89 -34.19
N THR X 32 25.95 33.58 -32.95
CA THR X 32 26.42 32.37 -32.30
C THR X 32 26.01 31.12 -33.08
N ILE X 33 24.78 31.10 -33.59
CA ILE X 33 24.31 29.93 -34.32
C ILE X 33 25.12 29.74 -35.60
N TYR X 34 25.43 30.83 -36.31
CA TYR X 34 26.22 30.70 -37.53
C TYR X 34 27.61 30.16 -37.21
N GLY X 35 28.27 30.71 -36.19
CA GLY X 35 29.59 30.22 -35.83
C GLY X 35 29.55 28.76 -35.44
N GLY X 36 28.56 28.36 -34.64
CA GLY X 36 28.44 26.97 -34.25
C GLY X 36 28.24 26.05 -35.43
N LEU X 37 27.44 26.47 -36.41
CA LEU X 37 27.23 25.63 -37.59
C LEU X 37 28.52 25.46 -38.39
N ILE X 38 29.29 26.54 -38.53
CA ILE X 38 30.56 26.40 -39.26
C ILE X 38 31.48 25.41 -38.56
N ILE X 39 31.60 25.53 -37.24
CA ILE X 39 32.47 24.61 -36.50
C ILE X 39 31.94 23.18 -36.59
N ALA X 40 30.62 23.01 -36.55
CA ALA X 40 30.05 21.67 -36.64
C ALA X 40 30.37 21.03 -37.98
N VAL X 41 30.27 21.81 -39.07
CA VAL X 41 30.57 21.26 -40.39
C VAL X 41 32.04 20.85 -40.48
N ILE X 42 32.93 21.69 -39.95
CA ILE X 42 34.36 21.33 -39.97
C ILE X 42 34.61 20.05 -39.19
N ALA X 43 34.02 19.94 -38.00
CA ALA X 43 34.21 18.76 -37.19
C ALA X 43 33.66 17.51 -37.86
N HIS X 44 32.55 17.62 -38.55
CA HIS X 44 32.00 16.46 -39.24
C HIS X 44 32.92 16.03 -40.38
N VAL X 45 33.46 17.00 -41.18
CA VAL X 45 34.40 16.64 -42.24
C VAL X 45 35.61 15.93 -41.65
N LEU X 46 36.06 16.37 -40.48
CA LEU X 46 37.21 15.71 -39.87
C LEU X 46 36.88 14.31 -39.39
N CYS X 47 35.73 14.08 -38.83
CA CYS X 47 35.48 12.72 -38.45
C CYS X 47 35.09 11.80 -39.63
N TRP X 48 34.97 12.34 -40.83
CA TRP X 48 34.66 11.54 -42.02
C TRP X 48 35.93 11.19 -42.65
N ALA X 49 36.91 12.07 -42.48
CA ALA X 49 38.23 11.74 -43.02
C ALA X 49 38.93 10.72 -42.14
N TRP X 50 38.70 10.76 -40.84
CA TRP X 50 39.32 9.81 -39.92
C TRP X 50 38.84 8.39 -40.21
N THR X 51 37.56 8.11 -39.95
CA THR X 51 36.94 6.81 -40.20
C THR X 51 35.49 7.09 -40.58
N PRO X 52 35.05 6.68 -41.76
CA PRO X 52 33.66 6.92 -42.15
C PRO X 52 32.69 6.08 -41.32
N TRP X 53 31.48 6.58 -41.13
CA TRP X 53 30.54 5.88 -40.29
C TRP X 53 29.46 5.13 -41.07
N ILE X 54 29.21 5.52 -42.32
CA ILE X 54 28.21 4.79 -43.10
C ILE X 54 28.82 3.52 -43.70
N ARG X 55 30.06 3.61 -44.30
CA ARG X 55 30.80 2.46 -44.85
C ARG X 55 29.96 1.68 -45.87
N ARG Y 4 14.50 45.22 -18.26
CA ARG Y 4 15.42 44.24 -18.83
C ARG Y 4 14.66 42.97 -19.19
N PRO Y 5 15.01 42.37 -20.34
CA PRO Y 5 14.35 41.11 -20.71
C PRO Y 5 14.93 39.89 -20.00
N PHE Y 6 16.19 39.94 -19.59
CA PHE Y 6 16.82 38.86 -18.83
C PHE Y 6 17.55 39.43 -17.63
N GLU Y 7 17.32 38.83 -16.45
CA GLU Y 7 18.16 39.18 -15.32
C GLU Y 7 19.55 38.62 -15.51
N PHE Y 8 20.56 39.48 -15.34
CA PHE Y 8 21.93 39.06 -15.58
C PHE Y 8 22.37 37.98 -14.59
N ARG Y 9 21.94 38.10 -13.34
CA ARG Y 9 22.42 37.17 -12.33
C ARG Y 9 21.91 35.76 -12.56
N THR Y 10 20.71 35.61 -13.11
CA THR Y 10 20.26 34.27 -13.47
C THR Y 10 21.20 33.62 -14.48
N SER Y 11 21.65 34.41 -15.45
CA SER Y 11 22.59 33.90 -16.44
C SER Y 11 23.88 33.44 -15.79
N VAL Y 12 24.45 34.26 -14.91
CA VAL Y 12 25.73 33.85 -14.33
C VAL Y 12 25.56 32.65 -13.40
N VAL Y 13 24.44 32.57 -12.69
CA VAL Y 13 24.20 31.41 -11.82
C VAL Y 13 24.11 30.13 -12.63
N VAL Y 14 23.27 30.12 -13.67
CA VAL Y 14 23.13 28.91 -14.46
C VAL Y 14 24.43 28.58 -15.18
N SER Y 15 25.20 29.61 -15.57
CA SER Y 15 26.46 29.36 -16.25
C SER Y 15 27.46 28.67 -15.34
N THR Y 16 27.57 29.13 -14.11
CA THR Y 16 28.58 28.56 -13.26
C THR Y 16 28.18 27.23 -12.73
N LEU Y 17 26.89 26.97 -12.63
CA LEU Y 17 26.44 25.63 -12.27
C LEU Y 17 26.68 24.65 -13.40
N LEU Y 18 26.29 25.01 -14.63
CA LEU Y 18 26.47 24.09 -15.75
C LEU Y 18 27.94 23.81 -15.98
N GLY Y 19 28.79 24.84 -15.91
CA GLY Y 19 30.20 24.62 -16.12
C GLY Y 19 30.82 23.70 -15.09
N LEU Y 20 30.46 23.89 -13.82
CA LEU Y 20 31.01 23.04 -12.77
C LEU Y 20 30.56 21.60 -12.94
N VAL Y 21 29.26 21.39 -13.16
CA VAL Y 21 28.77 20.03 -13.36
C VAL Y 21 29.48 19.38 -14.54
N MET Y 22 29.70 20.14 -15.62
CA MET Y 22 30.27 19.55 -16.82
C MET Y 22 31.73 19.18 -16.59
N ALA Y 23 32.50 20.05 -15.94
CA ALA Y 23 33.89 19.71 -15.60
C ALA Y 23 33.93 18.45 -14.73
N LEU Y 24 33.06 18.37 -13.72
CA LEU Y 24 33.06 17.21 -12.83
C LEU Y 24 32.73 15.93 -13.58
N LEU Y 25 31.71 15.98 -14.44
CA LEU Y 25 31.32 14.78 -15.17
C LEU Y 25 32.43 14.32 -16.10
N ILE Y 26 33.08 15.25 -16.80
CA ILE Y 26 34.14 14.83 -17.72
C ILE Y 26 35.32 14.26 -16.94
N HIS Y 27 35.68 14.95 -15.78
CA HIS Y 27 36.78 14.44 -14.98
C HIS Y 27 36.51 13.02 -14.51
N PHE Y 28 35.19 12.67 -14.07
CA PHE Y 28 34.80 11.34 -13.61
C PHE Y 28 34.92 10.32 -14.73
N VAL Y 29 34.36 10.65 -15.89
CA VAL Y 29 34.37 9.72 -17.01
C VAL Y 29 35.79 9.39 -17.43
N VAL Y 30 36.65 10.40 -17.53
CA VAL Y 30 38.03 10.15 -17.95
C VAL Y 30 38.76 9.31 -16.91
N LEU Y 31 38.55 9.58 -15.63
CA LEU Y 31 39.21 8.78 -14.61
C LEU Y 31 38.75 7.33 -14.66
N SER Y 32 37.45 7.10 -14.79
CA SER Y 32 36.92 5.75 -14.73
C SER Y 32 37.14 4.96 -16.02
N SER Y 33 37.49 5.63 -17.12
CA SER Y 33 37.76 4.91 -18.36
C SER Y 33 39.01 4.05 -18.26
N GLY Y 34 39.96 4.44 -17.41
CA GLY Y 34 41.16 3.65 -17.24
C GLY Y 34 42.06 3.60 -18.46
N ALA Y 35 42.20 4.71 -19.16
CA ALA Y 35 43.00 4.75 -20.38
C ALA Y 35 44.15 5.72 -20.32
N PHE Y 36 44.52 6.20 -19.13
CA PHE Y 36 45.51 7.27 -19.03
C PHE Y 36 46.66 6.99 -18.07
N ASN Y 37 46.62 5.91 -17.31
CA ASN Y 37 47.67 5.61 -16.32
C ASN Y 37 47.85 6.78 -15.36
N TRP Y 38 46.79 7.05 -14.61
CA TRP Y 38 46.74 8.17 -13.68
C TRP Y 38 46.20 7.65 -12.36
N LEU Y 39 46.97 7.80 -11.29
CA LEU Y 39 46.66 7.24 -9.98
C LEU Y 39 46.57 5.71 -10.05
N ARG Y 40 47.72 5.11 -10.35
CA ARG Y 40 47.90 3.66 -10.35
C ARG Y 40 46.95 2.99 -11.35
N ALA Y 41 47.20 3.28 -12.63
CA ALA Y 41 46.46 2.64 -13.70
C ALA Y 41 47.34 2.42 -14.92
N ASN Z 7 23.08 52.60 -14.85
CA ASN Z 7 22.94 54.01 -15.15
C ASN Z 7 23.89 54.41 -16.27
N ASP Z 8 24.80 55.39 -16.09
CA ASP Z 8 25.31 56.03 -17.30
C ASP Z 8 26.77 55.70 -17.58
N LEU Z 9 27.34 54.67 -16.95
CA LEU Z 9 28.71 54.30 -17.28
C LEU Z 9 28.79 53.35 -18.46
N VAL Z 10 27.70 52.69 -18.82
CA VAL Z 10 27.72 51.72 -19.91
C VAL Z 10 27.57 52.47 -21.22
N PRO Z 11 28.15 51.98 -22.31
CA PRO Z 11 28.01 52.67 -23.60
C PRO Z 11 26.57 52.67 -24.08
N ASP Z 12 26.31 53.54 -25.06
CA ASP Z 12 24.95 53.78 -25.49
C ASP Z 12 24.33 52.55 -26.15
N GLN Z 13 25.12 51.82 -26.93
CA GLN Z 13 24.59 50.65 -27.64
C GLN Z 13 23.99 49.64 -26.67
N TRP Z 14 24.61 49.45 -25.51
CA TRP Z 14 24.14 48.49 -24.52
C TRP Z 14 23.44 49.15 -23.35
N LYS Z 15 23.02 50.41 -23.51
CA LYS Z 15 22.36 51.10 -22.41
C LYS Z 15 21.03 50.47 -22.00
N PRO Z 16 20.14 50.06 -22.90
CA PRO Z 16 18.86 49.51 -22.43
C PRO Z 16 19.01 48.21 -21.66
N LEU Z 17 20.10 47.49 -21.84
CA LEU Z 17 20.23 46.17 -21.23
C LEU Z 17 20.89 46.25 -19.85
N PHE Z 18 22.07 46.85 -19.77
CA PHE Z 18 22.89 46.78 -18.58
C PHE Z 18 22.67 47.98 -17.68
N ASN Z 19 22.50 47.72 -16.39
CA ASN Z 19 22.59 48.74 -15.37
C ASN Z 19 24.05 49.18 -15.22
N ASN Z 20 24.29 50.08 -14.26
CA ASN Z 20 25.66 50.50 -14.02
C ASN Z 20 26.42 49.44 -13.25
N ALA Z 21 25.82 48.91 -12.18
CA ALA Z 21 26.51 47.90 -11.39
C ALA Z 21 26.70 46.61 -12.16
N GLN Z 22 25.72 46.23 -12.99
CA GLN Z 22 25.83 44.99 -13.76
C GLN Z 22 26.97 45.01 -14.77
N TRP Z 23 27.55 46.19 -15.04
CA TRP Z 23 28.59 46.27 -16.06
C TRP Z 23 29.94 45.79 -15.53
N LEU Z 24 30.30 46.20 -14.31
CA LEU Z 24 31.61 45.83 -13.77
C LEU Z 24 31.70 44.33 -13.51
N VAL Z 25 30.57 43.77 -13.11
CA VAL Z 25 30.58 42.38 -12.88
C VAL Z 25 30.75 41.68 -14.20
N HIS Z 26 30.17 42.19 -15.27
CA HIS Z 26 30.34 41.61 -16.59
C HIS Z 26 31.80 41.67 -17.02
N ASP Z 27 32.44 42.74 -16.67
CA ASP Z 27 33.87 42.83 -16.98
C ASP Z 27 34.66 41.72 -16.28
N ILE Z 28 34.39 41.53 -14.99
CA ILE Z 28 35.07 40.48 -14.24
C ILE Z 28 34.81 39.13 -14.87
N VAL Z 29 33.57 38.87 -15.29
CA VAL Z 29 33.22 37.58 -15.87
C VAL Z 29 33.99 37.36 -17.16
N VAL Z 30 34.06 38.37 -18.02
CA VAL Z 30 34.77 38.21 -19.28
C VAL Z 30 36.25 37.93 -19.04
N LYS Z 31 36.86 38.68 -18.12
CA LYS Z 31 38.29 38.46 -17.84
C LYS Z 31 38.54 37.04 -17.33
N THR Z 32 37.70 36.59 -16.39
CA THR Z 32 37.85 35.24 -15.86
C THR Z 32 37.68 34.19 -16.95
N ILE Z 33 36.73 34.39 -17.85
CA ILE Z 33 36.49 33.42 -18.91
C ILE Z 33 37.69 33.34 -19.84
N TYR Z 34 38.28 34.49 -20.18
CA TYR Z 34 39.45 34.47 -21.05
C TYR Z 34 40.61 33.73 -20.39
N GLY Z 35 40.88 34.05 -19.12
CA GLY Z 35 41.95 33.35 -18.43
C GLY Z 35 41.73 31.85 -18.37
N GLY Z 36 40.50 31.45 -18.04
CA GLY Z 36 40.17 30.03 -17.99
C GLY Z 36 40.36 29.35 -19.33
N LEU Z 37 39.98 30.01 -20.42
CA LEU Z 37 40.16 29.40 -21.73
C LEU Z 37 41.64 29.22 -22.06
N ILE Z 38 42.48 30.21 -21.73
CA ILE Z 38 43.91 30.05 -21.99
C ILE Z 38 44.46 28.85 -21.22
N ILE Z 39 44.12 28.75 -19.93
CA ILE Z 39 44.62 27.63 -19.14
C ILE Z 39 44.09 26.30 -19.68
N ALA Z 40 42.84 26.28 -20.12
CA ALA Z 40 42.27 25.05 -20.65
C ALA Z 40 43.02 24.60 -21.91
N VAL Z 41 43.34 25.54 -22.79
CA VAL Z 41 44.07 25.19 -24.00
C VAL Z 41 45.46 24.64 -23.66
N ILE Z 42 46.14 25.28 -22.71
CA ILE Z 42 47.46 24.77 -22.31
C ILE Z 42 47.36 23.36 -21.76
N ALA Z 43 46.38 23.13 -20.88
CA ALA Z 43 46.21 21.80 -20.29
C ALA Z 43 45.88 20.76 -21.34
N HIS Z 44 45.12 21.08 -22.33
CA HIS Z 44 44.79 20.10 -23.35
C HIS Z 44 46.01 19.76 -24.19
N VAL Z 45 46.85 20.82 -24.56
CA VAL Z 45 48.08 20.53 -25.29
C VAL Z 45 48.96 19.60 -24.46
N LEU Z 46 49.00 19.80 -23.15
CA LEU Z 46 49.82 18.92 -22.31
C LEU Z 46 49.27 17.51 -22.26
N CYS Z 47 48.00 17.31 -22.04
CA CYS Z 47 47.54 15.95 -21.86
C CYS Z 47 47.36 15.30 -23.17
N TRP Z 48 48.09 15.80 -24.14
CA TRP Z 48 48.01 15.25 -25.46
C TRP Z 48 49.40 14.85 -25.68
N ALA Z 49 50.30 15.81 -25.53
CA ALA Z 49 51.70 15.42 -25.63
C ALA Z 49 52.00 14.20 -24.78
N TRP Z 50 51.32 14.06 -23.64
CA TRP Z 50 51.52 12.90 -22.77
C TRP Z 50 51.11 11.61 -23.47
N THR Z 51 49.81 11.44 -23.72
CA THR Z 51 49.25 10.27 -24.42
C THR Z 51 48.05 10.77 -25.20
N PRO Z 52 48.04 10.61 -26.53
CA PRO Z 52 46.89 11.07 -27.31
C PRO Z 52 45.65 10.22 -27.04
N TRP Z 53 44.48 10.76 -27.32
CA TRP Z 53 43.30 10.02 -26.97
C TRP Z 53 42.51 9.58 -28.13
N ILE Z 54 42.74 10.22 -29.26
CA ILE Z 54 42.04 9.74 -30.45
C ILE Z 54 42.76 8.53 -31.03
N ARG Z 55 44.15 8.58 -31.15
CA ARG Z 55 44.97 7.46 -31.63
C ARG Z 55 44.51 6.96 -32.99
N ARG AA 4 24.75 46.34 -4.53
CA ARG AA 4 23.41 46.38 -5.11
C ARG AA 4 23.09 45.14 -5.96
N PRO AA 5 23.92 44.83 -6.98
CA PRO AA 5 23.64 43.61 -7.75
C PRO AA 5 23.89 42.35 -6.93
N PHE AA 6 25.06 42.27 -6.31
CA PHE AA 6 25.48 41.10 -5.55
C PHE AA 6 25.81 41.50 -4.13
N GLU AA 7 25.18 40.82 -3.18
CA GLU AA 7 25.58 40.88 -1.78
C GLU AA 7 26.91 40.17 -1.61
N PHE AA 8 27.85 40.85 -0.95
CA PHE AA 8 29.18 40.29 -0.78
C PHE AA 8 29.16 39.03 0.08
N ARG AA 9 28.32 39.02 1.12
CA ARG AA 9 28.35 37.90 2.04
C ARG AA 9 27.85 36.61 1.39
N THR AA 10 26.90 36.71 0.45
CA THR AA 10 26.51 35.51 -0.28
C THR AA 10 27.70 34.91 -1.01
N SER AA 11 28.53 35.76 -1.62
CA SER AA 11 29.71 35.27 -2.32
C SER AA 11 30.65 34.55 -1.37
N VAL AA 12 30.93 35.15 -0.20
CA VAL AA 12 31.89 34.49 0.69
C VAL AA 12 31.31 33.20 1.26
N VAL AA 13 30.00 33.16 1.52
CA VAL AA 13 29.38 31.95 2.03
C VAL AA 13 29.50 30.82 1.01
N VAL AA 14 29.08 31.08 -0.23
CA VAL AA 14 29.14 30.02 -1.23
C VAL AA 14 30.58 29.63 -1.51
N SER AA 15 31.50 30.58 -1.43
CA SER AA 15 32.91 30.28 -1.68
C SER AA 15 33.47 29.34 -0.64
N THR AA 16 33.27 29.66 0.65
CA THR AA 16 33.78 28.79 1.70
C THR AA 16 33.16 27.41 1.61
N LEU AA 17 31.84 27.34 1.36
CA LEU AA 17 31.19 26.04 1.30
C LEU AA 17 31.74 25.20 0.14
N LEU AA 18 31.84 25.79 -1.05
CA LEU AA 18 32.33 25.04 -2.19
C LEU AA 18 33.77 24.59 -1.97
N GLY AA 19 34.60 25.48 -1.42
CA GLY AA 19 35.99 25.11 -1.18
C GLY AA 19 36.13 23.96 -0.20
N LEU AA 20 35.37 24.02 0.90
CA LEU AA 20 35.44 22.96 1.89
C LEU AA 20 34.97 21.62 1.32
N VAL AA 21 33.83 21.63 0.64
CA VAL AA 21 33.34 20.40 0.03
C VAL AA 21 34.36 19.84 -0.94
N MET AA 22 35.00 20.71 -1.72
CA MET AA 22 35.92 20.23 -2.74
C MET AA 22 37.17 19.63 -2.11
N ALA AA 23 37.72 20.28 -1.09
CA ALA AA 23 38.87 19.71 -0.38
C ALA AA 23 38.51 18.35 0.21
N LEU AA 24 37.33 18.24 0.83
CA LEU AA 24 36.93 16.97 1.45
C LEU AA 24 36.78 15.87 0.41
N LEU AA 25 36.14 16.18 -0.72
CA LEU AA 25 35.95 15.17 -1.75
C LEU AA 25 37.28 14.70 -2.32
N ILE AA 26 38.20 15.63 -2.57
CA ILE AA 26 39.48 15.22 -3.14
C ILE AA 26 40.26 14.38 -2.13
N HIS AA 27 40.24 14.82 -0.81
CA HIS AA 27 40.96 14.07 0.20
C HIS AA 27 40.42 12.64 0.29
N PHE AA 28 39.02 12.41 0.18
CA PHE AA 28 38.40 11.08 0.24
C PHE AA 28 38.78 10.24 -0.97
N VAL AA 29 38.72 10.82 -2.16
CA VAL AA 29 39.06 10.08 -3.36
C VAL AA 29 40.51 9.61 -3.33
N VAL AA 30 41.43 10.50 -2.95
CA VAL AA 30 42.83 10.14 -2.92
C VAL AA 30 43.10 9.06 -1.87
N LEU AA 31 42.46 9.16 -0.71
CA LEU AA 31 42.65 8.14 0.31
C LEU AA 31 42.14 6.79 -0.16
N SER AA 32 40.94 6.77 -0.77
CA SER AA 32 40.33 5.50 -1.14
C SER AA 32 40.93 4.89 -2.40
N SER AA 33 41.70 5.66 -3.17
CA SER AA 33 42.33 5.10 -4.36
C SER AA 33 43.39 4.07 -4.01
N GLY AA 34 44.02 4.19 -2.84
CA GLY AA 34 45.01 3.23 -2.42
C GLY AA 34 46.27 3.25 -3.25
N ALA AA 35 46.74 4.42 -3.65
CA ALA AA 35 47.91 4.53 -4.50
C ALA AA 35 49.05 5.32 -3.87
N PHE AA 36 49.01 5.55 -2.57
CA PHE AA 36 49.98 6.45 -1.95
C PHE AA 36 50.68 5.89 -0.73
N ASN AA 37 50.29 4.71 -0.23
CA ASN AA 37 50.91 4.13 0.97
C ASN AA 37 50.81 5.12 2.13
N TRP AA 38 49.59 5.42 2.53
CA TRP AA 38 49.30 6.38 3.58
C TRP AA 38 48.27 5.75 4.52
N LEU AA 39 48.64 5.64 5.80
CA LEU AA 39 47.85 4.94 6.80
C LEU AA 39 47.67 3.46 6.42
N ARG AA 40 48.79 2.76 6.42
CA ARG AA 40 48.85 1.32 6.21
C ARG AA 40 48.27 0.93 4.84
N ALA AA 41 48.98 1.38 3.80
CA ALA AA 41 48.62 1.00 2.43
C ALA AA 41 49.85 0.85 1.56
N ASN BA 7 30.80 56.14 3.78
CA ASN BA 7 30.98 55.00 2.90
C ASN BA 7 31.86 55.44 1.72
N ASP BA 8 33.07 55.86 2.09
CA ASP BA 8 34.00 56.58 1.23
C ASP BA 8 35.45 56.13 1.35
N LEU BA 9 35.70 54.96 1.96
CA LEU BA 9 37.07 54.47 2.03
C LEU BA 9 37.47 53.68 0.79
N VAL BA 10 36.51 53.20 0.01
CA VAL BA 10 36.81 52.39 -1.16
C VAL BA 10 37.15 53.31 -2.32
N PRO BA 11 38.03 52.90 -3.23
CA PRO BA 11 38.36 53.77 -4.37
C PRO BA 11 37.16 54.01 -5.27
N ASP BA 12 37.31 55.01 -6.13
CA ASP BA 12 36.18 55.47 -6.93
C ASP BA 12 35.73 54.41 -7.93
N GLN BA 13 36.67 53.70 -8.55
CA GLN BA 13 36.30 52.71 -9.56
C GLN BA 13 35.32 51.69 -8.99
N TRP BA 14 35.56 51.25 -7.75
CA TRP BA 14 34.73 50.23 -7.12
C TRP BA 14 33.72 50.82 -6.13
N LYS BA 15 33.47 52.12 -6.22
CA LYS BA 15 32.54 52.74 -5.28
C LYS BA 15 31.11 52.24 -5.41
N PRO BA 16 30.53 52.07 -6.60
CA PRO BA 16 29.13 51.60 -6.66
C PRO BA 16 28.93 50.22 -6.07
N LEU BA 17 29.97 49.39 -6.03
CA LEU BA 17 29.79 48.00 -5.63
C LEU BA 17 29.97 47.81 -4.13
N PHE BA 18 31.09 48.26 -3.59
CA PHE BA 18 31.48 47.93 -2.23
C PHE BA 18 31.05 49.03 -1.26
N ASN BA 19 30.46 48.62 -0.15
CA ASN BA 19 30.29 49.50 1.00
C ASN BA 19 31.63 49.73 1.66
N ASN BA 20 31.60 50.46 2.77
CA ASN BA 20 32.82 50.70 3.52
C ASN BA 20 33.23 49.46 4.30
N ALA BA 21 32.29 48.85 5.03
CA ALA BA 21 32.61 47.68 5.82
C ALA BA 21 32.95 46.48 4.94
N GLN BA 22 32.28 46.34 3.79
CA GLN BA 22 32.56 45.18 2.94
C GLN BA 22 33.98 45.19 2.40
N TRP BA 23 34.66 46.34 2.45
CA TRP BA 23 35.98 46.43 1.84
C TRP BA 23 37.04 45.72 2.68
N LEU BA 24 37.01 45.92 4.00
CA LEU BA 24 38.04 45.33 4.86
C LEU BA 24 37.94 43.81 4.88
N VAL BA 25 36.70 43.32 4.90
CA VAL BA 25 36.51 41.89 4.90
C VAL BA 25 36.99 41.37 3.56
N HIS BA 26 36.81 42.12 2.49
CA HIS BA 26 37.37 41.69 1.20
C HIS BA 26 38.88 41.58 1.30
N ASP BA 27 39.55 42.55 1.90
CA ASP BA 27 41.00 42.52 2.08
C ASP BA 27 41.44 41.24 2.80
N ILE BA 28 40.75 40.92 3.89
CA ILE BA 28 41.07 39.71 4.64
C ILE BA 28 40.93 38.49 3.74
N VAL BA 29 39.89 38.44 2.93
CA VAL BA 29 39.65 37.29 2.07
C VAL BA 29 40.78 37.14 1.06
N VAL BA 30 41.20 38.24 0.45
CA VAL BA 30 42.28 38.16 -0.54
C VAL BA 30 43.57 37.68 0.11
N LYS BA 31 43.90 38.22 1.28
CA LYS BA 31 45.14 37.80 1.95
C LYS BA 31 45.10 36.30 2.27
N THR BA 32 43.98 35.84 2.82
CA THR BA 32 43.85 34.42 3.15
C THR BA 32 43.97 33.55 1.90
N ILE BA 33 43.37 33.98 0.79
CA ILE BA 33 43.43 33.19 -0.43
C ILE BA 33 44.85 33.09 -0.94
N TYR BA 34 45.61 34.19 -0.88
CA TYR BA 34 46.99 34.15 -1.34
C TYR BA 34 47.81 33.19 -0.48
N GLY BA 35 47.68 33.30 0.85
CA GLY BA 35 48.42 32.40 1.72
C GLY BA 35 48.07 30.95 1.47
N GLY BA 36 46.77 30.66 1.32
CA GLY BA 36 46.36 29.30 1.04
C GLY BA 36 46.92 28.77 -0.26
N LEU BA 37 46.96 29.61 -1.30
CA LEU BA 37 47.52 29.16 -2.57
C LEU BA 37 49.01 28.85 -2.44
N ILE BA 38 49.76 29.67 -1.71
CA ILE BA 38 51.18 29.38 -1.53
C ILE BA 38 51.36 28.03 -0.82
N ILE BA 39 50.61 27.81 0.25
CA ILE BA 39 50.74 26.55 0.97
C ILE BA 39 50.33 25.37 0.10
N ALA BA 40 49.29 25.55 -0.73
CA ALA BA 40 48.85 24.47 -1.60
C ALA BA 40 49.92 24.11 -2.61
N VAL BA 41 50.59 25.12 -3.18
CA VAL BA 41 51.64 24.83 -4.14
C VAL BA 41 52.80 24.08 -3.48
N ILE BA 42 53.18 24.50 -2.28
CA ILE BA 42 54.26 23.80 -1.57
C ILE BA 42 53.87 22.34 -1.32
N ALA BA 43 52.65 22.13 -0.84
CA ALA BA 43 52.20 20.77 -0.55
C ALA BA 43 52.15 19.91 -1.80
N HIS BA 44 51.77 20.47 -2.91
CA HIS BA 44 51.73 19.68 -4.14
C HIS BA 44 53.14 19.30 -4.59
N VAL BA 45 54.13 20.28 -4.51
CA VAL BA 45 55.51 19.93 -4.84
C VAL BA 45 56.01 18.80 -3.94
N LEU BA 46 55.62 18.82 -2.67
CA LEU BA 46 56.05 17.76 -1.77
C LEU BA 46 55.41 16.42 -2.13
N CYS BA 47 54.13 16.38 -2.26
CA CYS BA 47 53.57 15.09 -2.49
C CYS BA 47 53.82 14.67 -3.93
N TRP BA 48 54.73 15.34 -4.59
CA TRP BA 48 55.10 14.91 -5.92
C TRP BA 48 56.43 14.28 -5.71
N ALA BA 49 57.32 15.05 -5.13
CA ALA BA 49 58.66 14.51 -4.85
C ALA BA 49 58.57 13.16 -4.16
N TRP BA 50 57.55 12.96 -3.33
CA TRP BA 50 57.37 11.70 -2.64
C TRP BA 50 57.12 10.55 -3.63
N THR BA 51 55.96 10.57 -4.30
CA THR BA 51 55.59 9.58 -5.31
C THR BA 51 54.75 10.33 -6.35
N PRO BA 52 55.15 10.33 -7.60
CA PRO BA 52 54.36 11.02 -8.63
C PRO BA 52 53.05 10.30 -8.90
N TRP BA 53 52.05 11.00 -9.36
CA TRP BA 53 50.78 10.36 -9.54
C TRP BA 53 50.40 10.19 -10.99
N ILE BA 54 51.03 10.94 -11.89
CA ILE BA 54 50.73 10.71 -13.30
C ILE BA 54 51.51 9.50 -13.82
N ARG BA 55 52.85 9.40 -13.49
CA ARG BA 55 53.70 8.25 -13.85
C ARG BA 55 53.69 7.99 -15.36
N ARG CA 4 29.79 44.34 6.02
CA ARG CA 4 28.72 45.04 6.70
C ARG CA 4 27.82 44.03 7.42
N PRO CA 5 27.22 43.08 6.69
CA PRO CA 5 26.40 42.16 7.47
C PRO CA 5 27.21 41.05 8.11
N PHE CA 6 28.18 41.42 8.92
CA PHE CA 6 29.03 40.46 9.58
C PHE CA 6 28.99 40.86 11.04
N GLU CA 7 28.48 39.99 11.91
CA GLU CA 7 28.33 40.34 13.32
C GLU CA 7 29.39 39.53 14.00
N PHE CA 8 29.76 39.84 15.23
CA PHE CA 8 30.90 39.04 15.73
C PHE CA 8 30.48 37.66 16.20
N ARG CA 9 29.35 37.55 16.90
CA ARG CA 9 28.92 36.30 17.51
C ARG CA 9 28.59 35.25 16.45
N THR CA 10 28.09 35.66 15.28
CA THR CA 10 27.90 34.68 14.21
C THR CA 10 29.22 34.02 13.85
N SER CA 11 30.29 34.81 13.78
CA SER CA 11 31.60 34.27 13.46
C SER CA 11 32.04 33.25 14.51
N VAL CA 12 31.90 33.59 15.80
CA VAL CA 12 32.39 32.64 16.79
C VAL CA 12 31.52 31.39 16.81
N VAL CA 13 30.21 31.51 16.59
CA VAL CA 13 29.34 30.35 16.56
C VAL CA 13 29.74 29.41 15.43
N VAL CA 14 29.85 29.95 14.21
CA VAL CA 14 30.19 29.08 13.08
C VAL CA 14 31.59 28.52 13.25
N SER CA 15 32.50 29.27 13.88
CA SER CA 15 33.86 28.79 14.08
C SER CA 15 33.89 27.60 15.02
N THR CA 16 33.19 27.68 16.14
CA THR CA 16 33.29 26.57 17.08
C THR CA 16 32.46 25.39 16.65
N LEU CA 17 31.45 25.58 15.81
CA LEU CA 17 30.77 24.43 15.23
C LEU CA 17 31.64 23.74 14.19
N LEU CA 18 32.23 24.50 13.27
CA LEU CA 18 33.07 23.88 12.25
C LEU CA 18 34.26 23.17 12.87
N GLY CA 19 34.90 23.79 13.86
CA GLY CA 19 36.05 23.16 14.48
C GLY CA 19 35.69 21.86 15.17
N LEU CA 20 34.58 21.86 15.90
CA LEU CA 20 34.17 20.64 16.61
C LEU CA 20 33.85 19.53 15.62
N VAL CA 21 33.05 19.84 14.59
CA VAL CA 21 32.72 18.83 13.60
C VAL CA 21 33.99 18.28 12.96
N MET CA 22 34.95 19.15 12.67
CA MET CA 22 36.15 18.71 11.97
C MET CA 22 37.00 17.80 12.85
N ALA CA 23 37.17 18.19 14.12
CA ALA CA 23 37.90 17.32 15.06
C ALA CA 23 37.22 15.95 15.15
N LEU CA 24 35.89 15.93 15.28
CA LEU CA 24 35.18 14.66 15.41
C LEU CA 24 35.35 13.79 14.17
N LEU CA 25 35.22 14.40 12.99
CA LEU CA 25 35.35 13.63 11.76
C LEU CA 25 36.74 13.05 11.61
N ILE CA 26 37.78 13.84 11.91
CA ILE CA 26 39.13 13.32 11.77
C ILE CA 26 39.39 12.21 12.78
N HIS CA 27 38.93 12.31 14.00
CA HIS CA 27 39.17 11.18 14.89
C HIS CA 27 38.47 9.98 14.33
N PHE CA 28 37.18 10.00 14.05
CA PHE CA 28 36.53 8.75 13.59
C PHE CA 28 37.17 8.18 12.35
N VAL CA 29 37.67 9.02 11.42
CA VAL CA 29 38.37 8.44 10.27
C VAL CA 29 39.66 7.75 10.73
N VAL CA 30 40.43 8.40 11.59
CA VAL CA 30 41.68 7.80 12.04
C VAL CA 30 41.42 6.53 12.84
N LEU CA 31 40.40 6.53 13.70
CA LEU CA 31 40.10 5.33 14.46
C LEU CA 31 39.68 4.19 13.56
N SER CA 32 38.83 4.46 12.58
CA SER CA 32 38.29 3.40 11.74
C SER CA 32 39.27 2.92 10.68
N SER CA 33 40.34 3.68 10.42
CA SER CA 33 41.32 3.23 9.44
C SER CA 33 42.08 2.00 9.91
N GLY CA 34 42.22 1.82 11.22
CA GLY CA 34 42.89 0.66 11.75
C GLY CA 34 44.36 0.59 11.44
N ALA CA 35 45.05 1.73 11.51
CA ALA CA 35 46.46 1.79 11.17
C ALA CA 35 47.33 2.26 12.33
N PHE CA 36 46.82 2.28 13.56
CA PHE CA 36 47.54 2.88 14.66
C PHE CA 36 47.68 2.00 15.90
N ASN CA 37 47.03 0.84 15.95
CA ASN CA 37 47.08 -0.03 17.13
C ASN CA 37 46.64 0.74 18.37
N TRP CA 38 45.38 1.16 18.35
CA TRP CA 38 44.80 1.97 19.42
C TRP CA 38 43.45 1.37 19.77
N LEU CA 39 43.28 0.99 21.03
CA LEU CA 39 42.11 0.25 21.50
C LEU CA 39 41.96 -1.08 20.77
N ARG CA 40 42.94 -1.96 21.01
CA ARG CA 40 42.94 -3.33 20.53
C ARG CA 40 42.89 -3.37 18.99
N ALA CA 41 43.98 -2.87 18.39
CA ALA CA 41 44.13 -2.95 16.95
C ALA CA 41 45.60 -3.14 16.57
N ASN DA 7 33.28 51.77 24.16
CA ASN DA 7 33.43 52.34 22.83
C ASN DA 7 34.88 52.77 22.62
N ASP DA 8 35.21 53.17 21.39
CA ASP DA 8 36.44 53.86 21.03
C ASP DA 8 37.70 53.18 21.58
N LEU DA 9 37.60 51.92 22.04
CA LEU DA 9 38.80 51.23 22.49
C LEU DA 9 39.56 50.55 21.36
N VAL DA 10 38.90 50.30 20.24
CA VAL DA 10 39.53 49.60 19.12
C VAL DA 10 40.36 50.60 18.33
N PRO DA 11 41.47 50.18 17.72
CA PRO DA 11 42.28 51.11 16.93
C PRO DA 11 41.52 51.62 15.72
N ASP DA 12 42.06 52.69 15.13
CA ASP DA 12 41.35 53.40 14.08
C ASP DA 12 41.19 52.55 12.83
N GLN DA 13 42.21 51.76 12.49
CA GLN DA 13 42.16 50.98 11.25
C GLN DA 13 41.01 50.00 11.26
N TRP DA 14 40.68 49.44 12.42
CA TRP DA 14 39.58 48.50 12.55
C TRP DA 14 38.35 49.10 13.20
N LYS DA 15 38.27 50.43 13.25
CA LYS DA 15 37.12 51.07 13.89
C LYS DA 15 35.80 50.79 13.19
N PRO DA 16 35.68 50.80 11.86
CA PRO DA 16 34.36 50.60 11.25
C PRO DA 16 33.84 49.19 11.40
N LEU DA 17 34.70 48.23 11.76
CA LEU DA 17 34.26 46.84 11.83
C LEU DA 17 33.85 46.46 13.25
N PHE DA 18 34.74 46.66 14.22
CA PHE DA 18 34.57 46.13 15.56
C PHE DA 18 33.93 47.15 16.48
N ASN DA 19 32.92 46.71 17.23
CA ASN DA 19 32.43 47.46 18.37
C ASN DA 19 33.46 47.41 19.50
N ASN DA 20 33.12 48.02 20.62
CA ASN DA 20 34.03 47.90 21.74
C ASN DA 20 33.96 46.50 22.34
N ALA DA 21 32.75 46.06 22.68
CA ALA DA 21 32.64 44.76 23.34
C ALA DA 21 33.17 43.64 22.45
N GLN DA 22 32.94 43.72 21.13
CA GLN DA 22 33.43 42.67 20.24
C GLN DA 22 34.94 42.49 20.35
N TRP DA 23 35.65 43.54 20.72
CA TRP DA 23 37.11 43.51 20.64
C TRP DA 23 37.71 42.56 21.66
N LEU DA 24 37.23 42.61 22.91
CA LEU DA 24 37.81 41.78 23.95
C LEU DA 24 37.57 40.30 23.70
N VAL DA 25 36.35 39.95 23.28
CA VAL DA 25 36.07 38.56 22.93
C VAL DA 25 36.98 38.10 21.79
N HIS DA 26 37.25 38.98 20.86
CA HIS DA 26 38.21 38.65 19.81
C HIS DA 26 39.59 38.36 20.38
N ASP DA 27 40.04 39.19 21.30
CA ASP DA 27 41.31 38.91 21.97
C ASP DA 27 41.32 37.52 22.58
N ILE DA 28 40.26 37.17 23.30
CA ILE DA 28 40.16 35.85 23.90
C ILE DA 28 40.26 34.76 22.82
N VAL DA 29 39.58 34.97 21.70
CA VAL DA 29 39.57 33.98 20.63
C VAL DA 29 40.97 33.78 20.08
N VAL DA 30 41.69 34.88 19.83
CA VAL DA 30 43.05 34.76 19.29
C VAL DA 30 43.96 34.02 20.26
N LYS DA 31 43.88 34.36 21.54
CA LYS DA 31 44.73 33.69 22.52
C LYS DA 31 44.45 32.19 22.56
N THR DA 32 43.16 31.83 22.60
CA THR DA 32 42.79 30.42 22.63
C THR DA 32 43.28 29.69 21.39
N ILE DA 33 43.17 30.33 20.23
CA ILE DA 33 43.60 29.69 18.98
C ILE DA 33 45.10 29.45 18.99
N TYR DA 34 45.88 30.42 19.49
CA TYR DA 34 47.32 30.22 19.55
C TYR DA 34 47.68 29.07 20.47
N GLY DA 35 47.07 29.04 21.66
CA GLY DA 35 47.36 27.93 22.57
C GLY DA 35 47.00 26.59 21.98
N GLY DA 36 45.82 26.51 21.35
CA GLY DA 36 45.40 25.27 20.73
C GLY DA 36 46.36 24.82 19.64
N LEU DA 37 46.86 25.77 18.83
CA LEU DA 37 47.80 25.39 17.78
C LEU DA 37 49.10 24.85 18.36
N ILE DA 38 49.60 25.47 19.43
CA ILE DA 38 50.83 24.95 20.05
C ILE DA 38 50.61 23.52 20.55
N ILE DA 39 49.49 23.28 21.23
CA ILE DA 39 49.24 21.93 21.75
C ILE DA 39 49.06 20.95 20.60
N ALA DA 40 48.41 21.38 19.51
CA ALA DA 40 48.23 20.48 18.37
C ALA DA 40 49.56 20.09 17.76
N VAL DA 41 50.48 21.05 17.64
CA VAL DA 41 51.78 20.73 17.07
C VAL DA 41 52.54 19.74 17.95
N ILE DA 42 52.50 19.96 19.27
CA ILE DA 42 53.16 19.03 20.18
C ILE DA 42 52.57 17.63 20.04
N ALA DA 43 51.26 17.50 20.00
CA ALA DA 43 50.70 16.18 19.79
C ALA DA 43 51.04 15.53 18.44
N HIS DA 44 51.11 16.28 17.32
CA HIS DA 44 51.44 15.68 16.05
C HIS DA 44 52.88 15.16 16.04
N VAL DA 45 53.79 15.94 16.85
CA VAL DA 45 55.16 15.43 16.97
C VAL DA 45 55.19 14.15 17.78
N LEU DA 46 54.36 14.07 18.82
CA LEU DA 46 54.34 12.86 19.63
C LEU DA 46 53.75 11.68 18.86
N CYS DA 47 52.61 11.88 18.18
CA CYS DA 47 52.03 10.80 17.40
C CYS DA 47 52.95 10.34 16.29
N TRP DA 48 53.85 11.20 15.83
CA TRP DA 48 54.80 10.78 14.81
C TRP DA 48 55.92 9.95 15.42
N ALA DA 49 56.49 10.40 16.54
CA ALA DA 49 57.57 9.65 17.17
C ALA DA 49 57.11 8.25 17.56
N TRP DA 50 55.85 8.11 17.94
CA TRP DA 50 55.30 6.80 18.30
C TRP DA 50 55.33 5.84 17.12
N THR DA 51 54.51 6.11 16.10
CA THR DA 51 54.43 5.31 14.88
C THR DA 51 54.11 6.28 13.75
N PRO DA 52 54.95 6.38 12.73
CA PRO DA 52 54.65 7.29 11.62
C PRO DA 52 53.47 6.81 10.80
N TRP DA 53 52.80 7.73 10.14
CA TRP DA 53 51.63 7.34 9.42
C TRP DA 53 51.92 7.20 7.96
N ILE DA 54 52.75 8.08 7.43
CA ILE DA 54 52.97 8.06 5.99
C ILE DA 54 53.77 6.82 5.58
N ARG DA 55 54.88 6.49 6.34
CA ARG DA 55 55.70 5.29 6.11
C ARG DA 55 56.21 5.21 4.68
N PRO EA 5 24.30 41.77 22.28
CA PRO EA 5 24.64 41.70 23.71
C PRO EA 5 24.79 40.28 24.23
N PHE EA 6 25.96 39.95 24.79
CA PHE EA 6 26.15 38.67 25.45
C PHE EA 6 25.43 38.67 26.78
N GLU EA 7 24.52 37.71 26.99
CA GLU EA 7 23.82 37.62 28.26
C GLU EA 7 24.58 36.79 29.28
N PHE EA 8 25.55 36.00 28.83
CA PHE EA 8 26.38 35.14 29.66
C PHE EA 8 25.59 33.96 30.20
N ARG EA 9 24.28 33.97 30.03
CA ARG EA 9 23.51 32.76 30.32
C ARG EA 9 23.54 31.83 29.11
N THR EA 10 23.51 32.42 27.91
CA THR EA 10 23.59 31.60 26.70
C THR EA 10 24.92 30.86 26.65
N SER EA 11 26.02 31.53 26.98
CA SER EA 11 27.32 30.89 26.87
C SER EA 11 27.41 29.69 27.80
N VAL EA 12 26.99 29.84 29.05
CA VAL EA 12 27.11 28.72 29.98
C VAL EA 12 26.16 27.60 29.59
N VAL EA 13 24.95 27.94 29.13
CA VAL EA 13 24.01 26.86 28.80
C VAL EA 13 24.50 26.08 27.58
N VAL EA 14 25.02 26.77 26.55
CA VAL EA 14 25.49 26.03 25.38
C VAL EA 14 26.74 25.24 25.73
N SER EA 15 27.59 25.78 26.62
CA SER EA 15 28.72 25.01 27.12
C SER EA 15 28.25 23.69 27.70
N THR EA 16 27.25 23.74 28.58
CA THR EA 16 26.79 22.52 29.25
C THR EA 16 26.14 21.55 28.26
N LEU EA 17 25.42 22.08 27.27
CA LEU EA 17 24.83 21.21 26.26
C LEU EA 17 25.90 20.48 25.46
N LEU EA 18 26.93 21.21 25.01
CA LEU EA 18 28.06 20.55 24.36
C LEU EA 18 28.69 19.52 25.29
N GLY EA 19 28.79 19.84 26.58
CA GLY EA 19 29.35 18.91 27.52
C GLY EA 19 28.60 17.59 27.56
N LEU EA 20 27.26 17.66 27.61
CA LEU EA 20 26.48 16.43 27.69
C LEU EA 20 26.49 15.65 26.38
N VAL EA 21 26.50 16.36 25.25
CA VAL EA 21 26.61 15.68 23.96
C VAL EA 21 27.91 14.89 23.89
N MET EA 22 29.02 15.57 24.16
CA MET EA 22 30.29 14.85 24.29
C MET EA 22 30.21 13.78 25.35
N ALA EA 23 29.36 13.96 26.37
CA ALA EA 23 29.28 12.97 27.45
C ALA EA 23 28.81 11.64 26.91
N LEU EA 24 27.60 11.61 26.41
CA LEU EA 24 27.08 10.34 25.93
C LEU EA 24 27.93 9.84 24.77
N LEU EA 25 28.42 10.73 23.90
CA LEU EA 25 29.18 10.27 22.76
C LEU EA 25 30.45 9.54 23.18
N ILE EA 26 31.38 10.24 23.83
CA ILE EA 26 32.64 9.62 24.23
C ILE EA 26 32.38 8.38 25.08
N HIS EA 27 31.41 8.46 25.92
CA HIS EA 27 31.25 7.35 26.85
C HIS EA 27 30.85 6.09 26.10
N PHE EA 28 29.89 6.18 25.18
CA PHE EA 28 29.48 4.99 24.43
C PHE EA 28 30.57 4.53 23.45
N VAL EA 29 31.27 5.47 22.83
CA VAL EA 29 32.29 5.07 21.85
C VAL EA 29 33.42 4.32 22.54
N VAL EA 30 33.82 4.76 23.74
CA VAL EA 30 34.84 4.03 24.48
C VAL EA 30 34.30 2.66 24.89
N LEU EA 31 33.08 2.62 25.42
CA LEU EA 31 32.56 1.37 25.96
C LEU EA 31 32.45 0.30 24.87
N SER EA 32 32.05 0.69 23.66
CA SER EA 32 31.85 -0.28 22.58
C SER EA 32 33.13 -0.47 21.79
N SER EA 33 34.12 -1.10 22.44
CA SER EA 33 35.42 -1.30 21.85
C SER EA 33 35.87 -2.74 22.02
N GLY EA 34 37.00 -3.05 21.39
CA GLY EA 34 37.58 -4.38 21.50
C GLY EA 34 38.13 -4.68 22.87
N ALA EA 35 39.07 -3.85 23.33
CA ALA EA 35 39.61 -3.98 24.68
C ALA EA 35 38.71 -3.25 25.68
N ASN FA 7 25.79 47.10 39.26
CA ASN FA 7 26.68 46.67 38.17
C ASN FA 7 28.10 46.53 38.61
N ASP FA 8 28.63 47.49 39.38
CA ASP FA 8 30.10 47.51 39.58
C ASP FA 8 30.75 46.67 40.69
N LEU FA 9 30.65 45.34 40.65
CA LEU FA 9 31.51 44.56 41.59
C LEU FA 9 32.67 43.90 40.80
N VAL FA 10 32.62 44.07 39.48
CA VAL FA 10 33.53 43.54 38.43
C VAL FA 10 34.72 44.49 38.26
N PRO FA 11 35.96 44.01 38.06
CA PRO FA 11 37.11 44.90 37.85
C PRO FA 11 36.95 45.71 36.57
N ASP FA 12 37.78 46.74 36.45
CA ASP FA 12 37.61 47.71 35.38
C ASP FA 12 37.88 47.08 34.02
N GLN FA 13 38.88 46.20 33.94
CA GLN FA 13 39.26 45.63 32.65
C GLN FA 13 38.10 44.86 32.01
N TRP FA 14 37.28 44.20 32.83
CA TRP FA 14 36.14 43.44 32.34
C TRP FA 14 34.82 44.14 32.60
N LYS FA 15 34.85 45.45 32.88
CA LYS FA 15 33.61 46.16 33.15
C LYS FA 15 32.65 46.21 31.97
N PRO FA 16 33.08 46.49 30.73
CA PRO FA 16 32.08 46.56 29.65
C PRO FA 16 31.35 45.25 29.43
N LEU FA 17 31.98 44.11 29.75
CA LEU FA 17 31.41 42.82 29.38
C LEU FA 17 30.44 42.31 30.43
N PHE FA 18 30.88 42.22 31.67
CA PHE FA 18 30.14 41.53 32.73
C PHE FA 18 29.29 42.50 33.52
N ASN FA 19 28.03 42.12 33.74
CA ASN FA 19 27.20 42.76 34.73
C ASN FA 19 27.68 42.39 36.13
N ASN FA 20 26.96 42.84 37.14
CA ASN FA 20 27.33 42.49 38.50
C ASN FA 20 26.88 41.07 38.83
N ALA FA 21 25.64 40.72 38.48
CA ALA FA 21 25.16 39.37 38.76
C ALA FA 21 25.89 38.32 37.93
N GLN FA 22 26.22 38.64 36.68
CA GLN FA 22 26.91 37.65 35.84
C GLN FA 22 28.24 37.23 36.44
N TRP FA 23 28.83 38.07 37.29
CA TRP FA 23 30.19 37.81 37.75
C TRP FA 23 30.24 36.63 38.72
N LEU FA 24 29.31 36.57 39.67
CA LEU FA 24 29.34 35.51 40.66
C LEU FA 24 29.07 34.15 40.05
N VAL FA 25 28.10 34.07 39.13
CA VAL FA 25 27.85 32.82 38.44
C VAL FA 25 29.09 32.38 37.66
N HIS FA 26 29.92 33.44 37.13
CA HIS FA 26 31.17 33.10 36.48
C HIS FA 26 32.16 32.49 37.47
N ASP FA 27 32.18 33.00 38.58
CA ASP FA 27 33.05 32.43 39.59
C ASP FA 27 32.69 30.98 39.88
N ILE FA 28 31.39 30.72 40.06
CA ILE FA 28 30.94 29.34 40.31
C ILE FA 28 31.35 28.43 39.15
N VAL FA 29 31.19 28.92 37.92
CA VAL FA 29 31.53 28.10 36.75
C VAL FA 29 33.01 27.76 36.72
N VAL FA 30 33.86 28.75 37.00
CA VAL FA 30 35.30 28.48 36.99
C VAL FA 30 35.67 27.47 38.06
N LYS FA 31 35.12 27.62 39.27
CA LYS FA 31 35.46 26.69 40.34
C LYS FA 31 35.03 25.27 39.97
N THR FA 32 33.81 25.12 39.45
CA THR FA 32 33.32 23.80 39.05
C THR FA 32 34.20 23.20 37.96
N ILE FA 33 34.62 24.02 36.99
CA ILE FA 33 35.43 23.49 35.90
C ILE FA 33 36.79 23.01 36.43
N TYR FA 34 37.39 23.75 37.36
CA TYR FA 34 38.66 23.31 37.91
C TYR FA 34 38.51 21.98 38.66
N GLY FA 35 37.49 21.88 39.50
CA GLY FA 35 37.27 20.63 40.22
C GLY FA 35 37.05 19.47 39.27
N GLY FA 36 36.22 19.67 38.25
CA GLY FA 36 35.97 18.63 37.28
C GLY FA 36 37.23 18.19 36.55
N LEU FA 37 38.10 19.14 36.21
CA LEU FA 37 39.33 18.78 35.53
C LEU FA 37 40.24 17.94 36.43
N ILE FA 38 40.33 18.31 37.71
CA ILE FA 38 41.16 17.51 38.63
C ILE FA 38 40.62 16.08 38.70
N ILE FA 39 39.31 15.94 38.87
CA ILE FA 39 38.75 14.59 38.96
C ILE FA 39 38.94 13.82 37.66
N ALA FA 40 38.83 14.50 36.52
CA ALA FA 40 39.02 13.84 35.24
C ALA FA 40 40.44 13.32 35.10
N VAL FA 41 41.43 14.11 35.53
CA VAL FA 41 42.81 13.67 35.43
C VAL FA 41 43.05 12.46 36.32
N ILE FA 42 42.51 12.48 37.53
CA ILE FA 42 42.67 11.33 38.43
C ILE FA 42 42.06 10.07 37.81
N ALA FA 43 40.84 10.21 37.27
CA ALA FA 43 40.17 9.07 36.67
C ALA FA 43 40.93 8.54 35.47
N HIS FA 44 41.56 9.38 34.79
CA HIS FA 44 42.33 8.91 33.64
C HIS FA 44 43.57 8.16 34.08
N VAL FA 45 44.27 8.69 35.02
CA VAL FA 45 45.42 7.96 35.55
C VAL FA 45 45.00 6.58 36.03
N LEU FA 46 43.82 6.49 36.65
CA LEU FA 46 43.37 5.19 37.14
C LEU FA 46 43.02 4.26 35.98
N CYS FA 47 42.28 4.75 34.99
CA CYS FA 47 41.94 3.90 33.84
C CYS FA 47 43.18 3.46 33.09
N TRP FA 48 44.28 4.22 33.18
CA TRP FA 48 45.51 3.80 32.53
C TRP FA 48 46.21 2.71 33.34
N ALA FA 49 46.33 2.90 34.64
CA ALA FA 49 46.98 1.89 35.47
C ALA FA 49 46.28 0.55 35.37
N TRP FA 50 44.96 0.57 35.21
CA TRP FA 50 44.20 -0.67 35.08
C TRP FA 50 44.60 -1.44 33.83
N THR FA 51 44.28 -0.89 32.65
CA THR FA 51 44.62 -1.48 31.35
C THR FA 51 44.86 -0.31 30.40
N PRO FA 52 46.05 -0.20 29.81
CA PRO FA 52 46.31 0.89 28.88
C PRO FA 52 45.51 0.75 27.59
N TRP FA 53 45.16 1.88 26.99
CA TRP FA 53 44.35 1.84 25.79
C TRP FA 53 45.17 1.93 24.51
N ILE FA 54 46.32 2.60 24.54
CA ILE FA 54 47.09 2.75 23.31
C ILE FA 54 47.86 1.47 22.99
N ARG FA 55 48.54 0.85 24.03
CA ARG FA 55 49.26 -0.42 23.89
C ARG FA 55 50.30 -0.37 22.76
N MET GA 1 23.65 -9.08 24.59
CA MET GA 1 24.34 -8.78 23.34
C MET GA 1 23.35 -8.48 22.24
N ASN GA 2 23.01 -9.52 21.46
CA ASN GA 2 22.08 -9.34 20.36
C ASN GA 2 20.72 -8.85 20.87
N TRP GA 3 20.25 -9.40 21.99
CA TRP GA 3 18.88 -9.13 22.41
C TRP GA 3 18.76 -7.81 23.17
N ILE GA 4 19.81 -7.41 23.90
CA ILE GA 4 19.80 -6.12 24.56
C ILE GA 4 19.70 -5.01 23.53
N VAL GA 5 20.57 -5.07 22.51
CA VAL GA 5 20.56 -4.05 21.47
C VAL GA 5 19.26 -4.11 20.67
N ALA GA 6 18.72 -5.31 20.46
CA ALA GA 6 17.48 -5.42 19.72
C ALA GA 6 16.34 -4.74 20.46
N THR GA 7 16.20 -5.00 21.76
CA THR GA 7 15.17 -4.33 22.55
C THR GA 7 15.38 -2.82 22.54
N PHE GA 8 16.62 -2.37 22.62
CA PHE GA 8 16.86 -0.94 22.64
C PHE GA 8 16.47 -0.28 21.33
N MET GA 9 16.67 -0.97 20.20
CA MET GA 9 16.26 -0.41 18.92
C MET GA 9 14.74 -0.42 18.76
N LEU GA 10 14.09 -1.44 19.30
CA LEU GA 10 12.63 -1.45 19.28
C LEU GA 10 12.06 -0.27 20.06
N MET GA 11 12.74 0.10 21.15
CA MET GA 11 12.37 1.33 21.85
C MET GA 11 12.32 2.51 20.88
N PHE GA 12 13.35 2.67 20.05
CA PHE GA 12 13.39 3.81 19.13
C PHE GA 12 12.27 3.74 18.11
N VAL GA 13 11.93 2.54 17.65
CA VAL GA 13 10.80 2.43 16.70
C VAL GA 13 9.51 2.92 17.35
N LEU GA 14 9.26 2.51 18.59
CA LEU GA 14 8.05 3.00 19.27
C LEU GA 14 8.12 4.51 19.51
N VAL GA 15 9.33 5.04 19.75
CA VAL GA 15 9.45 6.49 19.90
C VAL GA 15 9.08 7.19 18.60
N ALA GA 16 9.46 6.62 17.47
CA ALA GA 16 8.97 7.15 16.19
C ALA GA 16 7.45 7.13 16.13
N PHE GA 17 6.83 6.09 16.70
CA PHE GA 17 5.37 6.06 16.76
C PHE GA 17 4.81 7.22 17.59
N LEU GA 18 5.53 7.62 18.63
CA LEU GA 18 5.05 8.57 19.65
C LEU GA 18 4.39 9.86 19.15
N PRO GA 19 5.04 10.70 18.29
CA PRO GA 19 4.48 12.04 17.98
C PRO GA 19 3.03 12.08 17.48
N LEU GA 20 2.64 11.09 16.68
CA LEU GA 20 1.27 11.04 16.15
C LEU GA 20 0.24 10.97 17.26
N VAL GA 21 0.56 10.24 18.33
CA VAL GA 21 -0.34 10.15 19.48
C VAL GA 21 -0.49 11.50 20.15
N VAL GA 22 0.60 12.25 20.26
CA VAL GA 22 0.53 13.58 20.87
C VAL GA 22 -0.34 14.48 20.01
N SER GA 23 -0.23 14.36 18.69
CA SER GA 23 -1.10 15.14 17.81
C SER GA 23 -2.57 14.82 18.08
N LEU GA 24 -2.91 13.54 18.11
CA LEU GA 24 -4.31 13.15 18.35
C LEU GA 24 -4.82 13.65 19.69
N ALA GA 25 -4.05 13.46 20.77
CA ALA GA 25 -4.51 13.87 22.08
C ALA GA 25 -4.60 15.39 22.20
N TYR GA 26 -3.70 16.12 21.55
CA TYR GA 26 -3.82 17.57 21.53
C TYR GA 26 -5.11 17.99 20.87
N THR GA 27 -5.44 17.38 19.74
CA THR GA 27 -6.70 17.72 19.09
C THR GA 27 -7.89 17.39 19.97
N TRP GA 28 -7.85 16.27 20.68
CA TRP GA 28 -8.98 15.92 21.53
C TRP GA 28 -9.16 16.93 22.65
N VAL GA 29 -8.06 17.30 23.30
CA VAL GA 29 -8.14 18.22 24.43
C VAL GA 29 -8.59 19.60 23.95
N THR GA 30 -7.84 20.18 23.02
CA THR GA 30 -8.08 21.57 22.62
C THR GA 30 -9.32 21.74 21.79
N ASN GA 31 -10.13 20.72 21.61
CA ASN GA 31 -11.38 20.83 20.87
C ASN GA 31 -12.50 20.24 21.71
N PRO GA 32 -12.94 20.95 22.76
CA PRO GA 32 -13.96 20.44 23.67
C PRO GA 32 -15.33 20.38 23.03
N VAL HA 30 15.59 7.58 32.49
CA VAL HA 30 16.53 6.75 33.22
C VAL HA 30 15.78 5.62 33.93
N MET HA 31 14.55 5.89 34.33
CA MET HA 31 13.75 4.83 34.93
C MET HA 31 13.56 3.69 33.94
N ALA HA 32 13.35 4.00 32.66
CA ALA HA 32 13.12 2.97 31.66
C ALA HA 32 14.36 2.10 31.47
N VAL HA 33 15.52 2.74 31.24
CA VAL HA 33 16.73 1.98 30.97
C VAL HA 33 17.15 1.19 32.21
N ALA HA 34 16.96 1.77 33.39
CA ALA HA 34 17.29 1.04 34.61
C ALA HA 34 16.40 -0.19 34.76
N SER HA 35 15.10 -0.03 34.49
CA SER HA 35 14.20 -1.18 34.58
C SER HA 35 14.58 -2.25 33.56
N ILE HA 36 14.96 -1.83 32.35
CA ILE HA 36 15.38 -2.80 31.33
C ILE HA 36 16.62 -3.55 31.79
N ALA HA 37 17.56 -2.84 32.41
CA ALA HA 37 18.77 -3.49 32.91
C ALA HA 37 18.44 -4.49 34.01
N ILE HA 38 17.61 -4.10 34.97
CA ILE HA 38 17.20 -5.02 36.04
C ILE HA 38 16.56 -6.26 35.43
N PHE HA 39 15.69 -6.06 34.44
CA PHE HA 39 15.02 -7.19 33.82
C PHE HA 39 16.01 -8.11 33.13
N TRP HA 40 17.01 -7.54 32.45
CA TRP HA 40 17.94 -8.41 31.72
C TRP HA 40 18.86 -9.15 32.69
N TRP HA 41 19.28 -8.49 33.77
CA TRP HA 41 20.04 -9.20 34.80
C TRP HA 41 19.25 -10.36 35.35
N ILE HA 42 17.97 -10.12 35.68
CA ILE HA 42 17.08 -11.19 36.12
C ILE HA 42 17.09 -12.34 35.13
N PHE HA 43 16.84 -12.02 33.85
CA PHE HA 43 16.75 -13.07 32.84
C PHE HA 43 18.03 -13.89 32.79
N TYR HA 44 19.17 -13.20 32.65
CA TYR HA 44 20.44 -13.91 32.54
C TYR HA 44 20.67 -14.83 33.72
N THR HA 45 20.34 -14.34 34.91
CA THR HA 45 20.58 -15.14 36.08
C THR HA 45 19.71 -16.37 36.07
N ILE HA 46 18.40 -16.18 36.00
CA ILE HA 46 17.50 -17.32 36.06
C ILE HA 46 17.54 -18.26 34.90
N THR HA 47 17.81 -17.77 33.70
CA THR HA 47 17.70 -18.65 32.53
C THR HA 47 18.65 -19.79 32.52
N PRO HA 48 18.16 -21.02 32.26
CA PRO HA 48 19.01 -22.20 32.17
C PRO HA 48 19.96 -22.05 30.99
N ALA HA 49 21.17 -22.55 31.11
CA ALA HA 49 22.18 -22.31 30.09
C ALA HA 49 21.92 -22.84 28.70
N PRO HA 50 22.48 -22.16 27.69
CA PRO HA 50 22.29 -22.56 26.29
C PRO HA 50 22.84 -23.95 26.04
N ALA HA 51 22.29 -24.69 25.07
CA ALA HA 51 22.68 -26.08 24.86
C ALA HA 51 23.83 -26.43 23.88
N PRO HA 52 24.81 -27.28 24.29
CA PRO HA 52 25.83 -27.67 23.31
C PRO HA 52 25.27 -28.74 22.39
N PRO HA 53 25.69 -28.76 21.13
CA PRO HA 53 25.14 -29.76 20.21
C PRO HA 53 25.62 -31.15 20.58
N LEU HA 54 24.73 -32.11 20.40
CA LEU HA 54 25.04 -33.49 20.71
C LEU HA 54 26.21 -33.98 19.86
N GLN HA 55 27.27 -34.42 20.53
CA GLN HA 55 28.45 -34.94 19.85
C GLN HA 55 28.47 -36.45 20.02
N ASN HA 56 28.38 -37.13 18.88
CA ASN HA 56 28.40 -38.61 18.83
C ASN HA 56 29.42 -38.96 17.76
N PRO HA 57 30.28 -39.98 17.93
CA PRO HA 57 31.32 -40.26 16.98
C PRO HA 57 30.77 -40.59 15.58
N ILE HA 58 29.62 -41.28 15.50
CA ILE HA 58 29.01 -41.75 14.23
C ILE HA 58 28.06 -40.75 13.58
N TYR HA 59 26.91 -40.49 14.22
CA TYR HA 59 25.82 -39.65 13.67
C TYR HA 59 26.08 -38.17 13.81
N VAL HA 60 25.44 -37.38 12.96
CA VAL HA 60 25.65 -35.93 12.93
C VAL HA 60 24.97 -35.25 14.11
N ASN HA 61 23.72 -35.64 14.39
CA ASN HA 61 22.99 -35.01 15.48
C ASN HA 61 22.10 -35.93 16.32
N TYR HA 62 22.14 -37.24 16.11
CA TYR HA 62 21.30 -38.17 16.85
C TYR HA 62 22.17 -39.18 17.60
N THR HA 63 21.82 -39.46 18.86
CA THR HA 63 22.61 -40.40 19.64
C THR HA 63 21.73 -41.50 20.21
N GLN HA 64 22.35 -42.65 20.46
CA GLN HA 64 21.70 -43.85 20.95
C GLN HA 64 22.08 -44.16 22.40
N GLU HA 65 22.53 -43.15 23.15
CA GLU HA 65 23.32 -43.34 24.37
C GLU HA 65 22.72 -44.29 25.40
N PRO HA 66 21.51 -44.05 25.94
CA PRO HA 66 20.97 -45.01 26.91
C PRO HA 66 20.60 -46.31 26.23
N THR HA 67 21.37 -47.36 26.51
CA THR HA 67 21.11 -48.67 25.95
C THR HA 67 20.30 -49.55 26.89
N ASP HA 68 19.52 -48.94 27.78
CA ASP HA 68 18.59 -49.73 28.58
C ASP HA 68 17.54 -50.38 27.71
N TYR HA 69 17.21 -49.75 26.57
CA TYR HA 69 16.23 -50.34 25.66
C TYR HA 69 16.76 -51.67 25.11
N ILE HA 70 18.06 -51.78 24.91
CA ILE HA 70 18.69 -53.06 24.61
C ILE HA 70 18.82 -53.84 25.90
N SER HA 71 18.14 -54.99 25.98
CA SER HA 71 18.17 -55.78 27.20
C SER HA 71 19.58 -56.26 27.50
N ALA HA 72 19.81 -56.60 28.77
CA ALA HA 72 21.14 -56.93 29.25
C ALA HA 72 21.48 -58.41 29.15
N GLU HA 73 20.50 -59.30 29.36
CA GLU HA 73 20.76 -60.71 29.14
C GLU HA 73 21.09 -60.98 27.68
N SER HA 74 20.46 -60.24 26.76
CA SER HA 74 20.79 -60.39 25.35
C SER HA 74 22.22 -59.93 25.08
N LEU HA 75 22.63 -58.85 25.74
CA LEU HA 75 23.98 -58.34 25.54
C LEU HA 75 25.02 -59.34 26.02
N ALA HA 76 24.73 -60.07 27.10
CA ALA HA 76 25.66 -61.09 27.56
C ALA HA 76 25.81 -62.20 26.54
N ALA HA 77 24.70 -62.68 25.99
CA ALA HA 77 24.77 -63.74 24.99
C ALA HA 77 25.50 -63.29 23.74
N MET HA 78 25.45 -61.99 23.42
CA MET HA 78 26.14 -61.50 22.24
C MET HA 78 27.64 -61.70 22.35
N ASN HA 79 28.22 -61.32 23.50
CA ASN HA 79 29.65 -61.48 23.69
C ASN HA 79 30.10 -62.88 23.33
N ALA HA 80 29.32 -63.89 23.73
CA ALA HA 80 29.69 -65.28 23.47
C ALA HA 80 29.79 -65.57 21.98
N TYR HA 81 28.80 -65.16 21.19
CA TYR HA 81 28.80 -65.43 19.76
C TYR HA 81 29.98 -64.75 19.07
N ILE HA 82 30.32 -63.53 19.50
CA ILE HA 82 31.48 -62.85 18.93
C ILE HA 82 32.75 -63.63 19.24
N GLN HA 83 32.93 -64.01 20.51
CA GLN HA 83 34.19 -64.60 20.91
C GLN HA 83 34.33 -66.03 20.40
N ALA HA 84 33.21 -66.75 20.25
CA ALA HA 84 33.27 -68.17 19.91
C ALA HA 84 33.71 -68.38 18.47
N ASN HA 85 33.05 -67.73 17.52
CA ASN HA 85 33.32 -68.00 16.11
C ASN HA 85 34.07 -66.84 15.46
N PRO HA 86 35.02 -67.12 14.57
CA PRO HA 86 35.76 -66.04 13.92
C PRO HA 86 34.95 -65.25 12.92
N GLN HA 87 34.23 -65.91 12.03
CA GLN HA 87 33.51 -65.29 10.94
C GLN HA 87 32.03 -65.61 11.06
N PRO HA 88 31.15 -64.81 10.45
CA PRO HA 88 29.71 -65.08 10.55
C PRO HA 88 29.29 -66.12 9.53
N GLN HA 89 28.67 -67.19 10.01
CA GLN HA 89 28.17 -68.22 9.12
C GLN HA 89 26.88 -67.77 8.44
N ALA HA 90 26.87 -67.89 7.11
CA ALA HA 90 25.70 -67.56 6.30
C ALA HA 90 25.26 -66.10 6.44
N VAL HA 91 26.11 -65.19 5.98
CA VAL HA 91 25.73 -63.80 5.76
C VAL HA 91 25.47 -63.62 4.26
N GLN HA 92 24.26 -63.17 3.91
CA GLN HA 92 23.96 -62.92 2.51
C GLN HA 92 24.58 -61.61 2.04
N VAL HA 93 24.48 -60.56 2.85
CA VAL HA 93 25.08 -59.27 2.57
C VAL HA 93 25.99 -58.94 3.76
N LEU HA 94 26.74 -57.83 3.68
CA LEU HA 94 27.79 -57.49 4.64
C LEU HA 94 28.95 -58.47 4.52
N LYS HA 95 29.49 -58.62 3.32
CA LYS HA 95 30.36 -59.75 3.00
C LYS HA 95 31.80 -59.59 3.50
N GLY HA 96 32.29 -58.42 3.83
CA GLY HA 96 33.67 -58.33 4.23
C GLY HA 96 33.88 -57.96 5.69
N MET HA 97 33.19 -58.65 6.59
CA MET HA 97 33.25 -58.29 8.00
C MET HA 97 33.50 -59.48 8.96
N THR HA 98 34.02 -59.25 10.17
CA THR HA 98 34.22 -60.32 11.15
C THR HA 98 33.10 -60.34 12.18
N THR HA 99 32.87 -61.46 12.88
CA THR HA 99 31.73 -61.51 13.79
C THR HA 99 31.76 -60.37 14.80
N ALA HA 100 32.94 -59.96 15.24
CA ALA HA 100 33.02 -58.88 16.23
C ALA HA 100 32.60 -57.56 15.61
N GLN HA 101 33.11 -57.27 14.41
CA GLN HA 101 32.68 -56.07 13.70
C GLN HA 101 31.20 -56.09 13.44
N ILE HA 102 30.67 -57.23 13.01
CA ILE HA 102 29.25 -57.35 12.73
C ILE HA 102 28.44 -57.07 13.99
N SER HA 103 28.83 -57.68 15.11
CA SER HA 103 28.08 -57.50 16.34
C SER HA 103 28.09 -56.04 16.77
N ALA HA 104 29.26 -55.40 16.71
CA ALA HA 104 29.34 -54.00 17.10
C ALA HA 104 28.50 -53.13 16.19
N TYR HA 105 28.54 -53.39 14.88
CA TYR HA 105 27.74 -52.61 13.96
C TYR HA 105 26.25 -52.78 14.24
N MET HA 106 25.85 -54.00 14.60
CA MET HA 106 24.44 -54.25 14.86
C MET HA 106 23.97 -53.54 16.10
N VAL HA 107 24.79 -53.57 17.16
CA VAL HA 107 24.36 -52.91 18.38
C VAL HA 107 24.44 -51.40 18.22
N ALA HA 108 25.32 -50.91 17.34
CA ALA HA 108 25.49 -49.46 17.23
C ALA HA 108 24.46 -48.84 16.28
N GLN HA 109 24.13 -49.52 15.20
CA GLN HA 109 23.29 -48.91 14.17
C GLN HA 109 21.99 -49.64 13.93
N VAL HA 110 21.96 -50.97 13.99
CA VAL HA 110 20.73 -51.69 13.73
C VAL HA 110 19.79 -51.58 14.93
N SER HA 111 20.25 -52.01 16.10
CA SER HA 111 19.45 -51.83 17.29
C SER HA 111 19.35 -50.36 17.68
N GLY HA 112 20.31 -49.55 17.25
CA GLY HA 112 20.34 -48.15 17.61
C GLY HA 112 19.42 -47.29 16.78
N GLY HA 113 19.25 -47.64 15.50
CA GLY HA 113 18.34 -46.90 14.66
C GLY HA 113 16.89 -47.15 15.03
N LEU HA 114 16.56 -48.38 15.37
CA LEU HA 114 15.19 -48.77 15.65
C LEU HA 114 14.86 -48.81 17.13
N LYS HA 115 15.88 -48.78 17.99
CA LYS HA 115 15.67 -48.84 19.45
C LYS HA 115 14.87 -50.06 19.84
N VAL HA 116 15.07 -51.17 19.13
CA VAL HA 116 14.35 -52.42 19.38
C VAL HA 116 15.03 -53.23 20.46
N ASP HA 117 14.34 -54.26 20.94
CA ASP HA 117 14.98 -55.33 21.70
C ASP HA 117 16.07 -55.97 20.86
N CYS HA 118 17.09 -56.49 21.53
CA CYS HA 118 18.16 -57.15 20.80
C CYS HA 118 17.67 -58.45 20.17
N SER HA 119 16.70 -59.10 20.82
CA SER HA 119 16.08 -60.31 20.29
C SER HA 119 14.89 -60.00 19.41
N TYR HA 120 14.73 -58.74 18.98
CA TYR HA 120 13.53 -58.35 18.24
C TYR HA 120 13.41 -59.05 16.91
N CYS HA 121 14.53 -59.34 16.24
CA CYS HA 121 14.53 -60.25 15.11
C CYS HA 121 15.80 -61.11 15.15
N HIS HA 122 16.13 -61.63 16.33
CA HIS HA 122 17.23 -62.57 16.44
C HIS HA 122 16.90 -63.61 17.51
N ASN HA 123 17.38 -64.83 17.28
CA ASN HA 123 17.28 -65.93 18.23
C ASN HA 123 18.56 -65.98 19.06
N ILE HA 124 18.52 -66.78 20.13
CA ILE HA 124 19.68 -66.88 21.00
C ILE HA 124 20.82 -67.58 20.29
N ALA HA 125 20.52 -68.55 19.43
CA ALA HA 125 21.54 -69.25 18.67
C ALA HA 125 20.98 -69.62 17.31
N ASN HA 126 21.88 -69.91 16.37
CA ASN HA 126 21.52 -70.22 15.00
C ASN HA 126 20.72 -69.10 14.36
N PHE HA 127 21.01 -67.87 14.74
CA PHE HA 127 20.25 -66.73 14.25
C PHE HA 127 20.55 -66.42 12.79
N ALA HA 128 21.34 -67.26 12.10
CA ALA HA 128 21.55 -67.06 10.67
C ALA HA 128 20.27 -67.32 9.88
N GLN HA 129 19.47 -68.29 10.31
CA GLN HA 129 18.21 -68.60 9.65
C GLN HA 129 17.06 -68.41 10.64
N GLN HA 130 15.85 -68.61 10.14
CA GLN HA 130 14.63 -68.47 10.96
C GLN HA 130 14.05 -69.84 11.25
N ASP HA 131 14.00 -70.21 12.53
CA ASP HA 131 13.46 -71.48 12.97
C ASP HA 131 12.67 -71.26 14.26
N GLY HA 132 11.49 -71.86 14.34
CA GLY HA 132 10.68 -71.72 15.54
C GLY HA 132 10.17 -70.31 15.78
N TYR HA 133 9.90 -69.57 14.71
CA TYR HA 133 9.46 -68.18 14.77
C TYR HA 133 10.34 -67.35 15.71
N PRO HA 134 11.63 -67.23 15.44
CA PRO HA 134 12.41 -66.25 16.23
C PRO HA 134 12.08 -64.84 15.76
N ASN HA 135 10.85 -64.42 16.06
CA ASN HA 135 10.26 -63.20 15.52
C ASN HA 135 10.44 -63.18 14.01
N ALA HA 136 9.96 -64.24 13.38
CA ALA HA 136 10.09 -64.40 11.94
C ALA HA 136 9.40 -63.26 11.20
N ALA HA 137 9.69 -63.18 9.90
CA ALA HA 137 9.12 -62.16 9.02
C ALA HA 137 9.55 -60.75 9.39
N LYS HA 138 10.59 -60.62 10.19
CA LYS HA 138 11.24 -59.35 10.43
C LYS HA 138 12.68 -59.33 9.96
N LYS HA 139 13.40 -60.44 10.12
CA LYS HA 139 14.79 -60.48 9.69
C LYS HA 139 14.90 -60.27 8.18
N VAL HA 140 13.95 -60.80 7.41
CA VAL HA 140 14.04 -60.67 5.96
C VAL HA 140 13.72 -59.24 5.53
N THR HA 141 12.77 -58.60 6.20
CA THR HA 141 12.50 -57.20 5.91
C THR HA 141 13.70 -56.35 6.27
N ALA HA 142 14.40 -56.69 7.35
CA ALA HA 142 15.61 -55.97 7.71
C ALA HA 142 16.68 -56.13 6.65
N ARG HA 143 16.89 -57.35 6.18
CA ARG HA 143 17.87 -57.59 5.13
C ARG HA 143 17.53 -56.78 3.88
N LYS HA 144 16.25 -56.73 3.52
CA LYS HA 144 15.87 -55.97 2.34
C LYS HA 144 16.08 -54.47 2.55
N MET HA 145 15.85 -53.99 3.77
CA MET HA 145 16.15 -52.59 4.07
C MET HA 145 17.63 -52.30 3.90
N MET HA 146 18.47 -53.21 4.37
CA MET HA 146 19.92 -53.04 4.17
C MET HA 146 20.25 -52.92 2.69
N LEU HA 147 19.71 -53.82 1.88
CA LEU HA 147 19.96 -53.75 0.44
C LEU HA 147 19.51 -52.43 -0.15
N MET HA 148 18.31 -51.99 0.22
CA MET HA 148 17.75 -50.77 -0.35
C MET HA 148 18.57 -49.56 0.07
N SER HA 149 19.05 -49.53 1.31
CA SER HA 149 19.89 -48.43 1.73
C SER HA 149 21.19 -48.40 0.96
N ALA HA 150 21.81 -49.56 0.75
CA ALA HA 150 23.02 -49.61 -0.05
C ALA HA 150 22.77 -49.09 -1.46
N ASP HA 151 21.63 -49.48 -2.05
CA ASP HA 151 21.36 -49.07 -3.42
C ASP HA 151 21.15 -47.57 -3.53
N LEU HA 152 20.37 -47.01 -2.61
CA LEU HA 152 20.20 -45.56 -2.59
C LEU HA 152 21.55 -44.88 -2.45
N ASN HA 153 22.35 -45.33 -1.49
CA ASN HA 153 23.65 -44.69 -1.25
C ASN HA 153 24.53 -44.73 -2.49
N GLN HA 154 24.47 -45.82 -3.25
CA GLN HA 154 25.38 -45.94 -4.38
C GLN HA 154 24.87 -45.18 -5.60
N ASN HA 155 23.56 -45.11 -5.79
CA ASN HA 155 23.06 -44.53 -7.02
C ASN HA 155 22.82 -43.03 -6.91
N TYR HA 156 22.43 -42.53 -5.74
CA TYR HA 156 21.97 -41.15 -5.65
C TYR HA 156 22.76 -40.26 -4.70
N THR HA 157 23.31 -40.78 -3.62
CA THR HA 157 23.99 -39.93 -2.66
C THR HA 157 25.42 -39.62 -3.06
N ALA HA 158 25.86 -40.04 -4.24
CA ALA HA 158 27.18 -39.69 -4.74
C ALA HA 158 26.96 -38.72 -5.90
N LYS HA 159 26.80 -37.45 -5.57
CA LYS HA 159 26.58 -36.38 -6.54
C LYS HA 159 27.09 -35.08 -5.95
N LEU HA 160 28.00 -34.43 -6.67
CA LEU HA 160 28.63 -33.20 -6.23
C LEU HA 160 29.20 -33.38 -4.82
N PRO HA 161 30.02 -34.42 -4.60
CA PRO HA 161 30.35 -34.81 -3.22
C PRO HA 161 31.15 -33.76 -2.47
N ALA HA 162 32.20 -33.23 -3.08
CA ALA HA 162 32.96 -32.18 -2.43
C ALA HA 162 32.04 -31.01 -2.10
N SER HA 163 32.37 -30.31 -1.02
CA SER HA 163 31.64 -29.15 -0.50
C SER HA 163 30.24 -29.49 -0.02
N VAL HA 164 29.79 -30.73 -0.15
CA VAL HA 164 28.55 -31.17 0.48
C VAL HA 164 28.81 -32.07 1.68
N GLY HA 165 29.95 -32.74 1.74
CA GLY HA 165 30.23 -33.70 2.78
C GLY HA 165 30.00 -35.13 2.31
N GLY HA 166 30.45 -36.07 3.13
CA GLY HA 166 30.32 -37.45 2.77
C GLY HA 166 29.34 -38.20 3.63
N TYR HA 167 28.36 -37.49 4.17
CA TYR HA 167 27.35 -38.12 5.01
C TYR HA 167 26.58 -39.15 4.21
N GLN HA 168 26.14 -40.21 4.87
CA GLN HA 168 25.51 -41.34 4.19
C GLN HA 168 24.33 -41.86 5.00
N ILE HA 169 23.34 -42.35 4.28
CA ILE HA 169 22.09 -42.78 4.92
C ILE HA 169 22.30 -44.11 5.62
N THR HA 170 21.63 -44.27 6.76
CA THR HA 170 21.79 -45.46 7.59
C THR HA 170 20.47 -45.71 8.32
N CYS HA 171 20.51 -46.60 9.31
CA CYS HA 171 19.30 -47.02 10.01
C CYS HA 171 18.67 -45.87 10.79
N ALA HA 172 19.49 -45.02 11.42
CA ALA HA 172 18.95 -43.92 12.21
C ALA HA 172 18.13 -42.99 11.34
N THR HA 173 18.61 -42.67 10.15
CA THR HA 173 17.78 -41.97 9.19
C THR HA 173 16.58 -42.84 8.86
N CYS HA 174 15.44 -42.18 8.61
CA CYS HA 174 14.15 -42.79 8.29
C CYS HA 174 13.52 -43.53 9.46
N HIS HA 175 14.22 -43.69 10.58
CA HIS HA 175 13.67 -44.43 11.70
C HIS HA 175 13.70 -43.65 13.00
N ASN HA 176 14.73 -42.82 13.22
CA ASN HA 176 14.74 -41.82 14.29
C ASN HA 176 14.44 -42.43 15.65
N GLY HA 177 14.92 -43.65 15.89
CA GLY HA 177 14.71 -44.31 17.15
C GLY HA 177 13.41 -45.09 17.28
N LYS HA 178 12.61 -45.15 16.22
CA LYS HA 178 11.32 -45.81 16.27
C LYS HA 178 11.34 -47.06 15.39
N ALA HA 179 10.87 -48.17 15.95
CA ALA HA 179 10.86 -49.41 15.19
C ALA HA 179 9.91 -49.32 14.00
N ALA HA 180 8.63 -49.11 14.27
CA ALA HA 180 7.64 -49.05 13.20
C ALA HA 180 6.57 -48.04 13.58
N GLY HA 181 5.70 -47.75 12.61
CA GLY HA 181 4.67 -46.76 12.83
C GLY HA 181 5.09 -45.33 12.60
N LEU HA 182 6.27 -45.09 12.03
CA LEU HA 182 6.70 -43.73 11.76
C LEU HA 182 5.75 -43.07 10.78
N GLU HA 183 5.65 -41.75 10.85
CA GLU HA 183 4.75 -41.01 9.99
C GLU HA 183 5.56 -40.06 9.10
N PRO HA 184 5.40 -40.14 7.81
CA PRO HA 184 6.17 -39.26 6.92
C PRO HA 184 5.58 -37.88 6.82
N TYR HA 185 4.31 -37.73 7.20
CA TYR HA 185 3.64 -36.43 7.28
C TYR HA 185 3.00 -36.29 8.65
N PRO HA 186 3.64 -35.63 9.60
CA PRO HA 186 2.99 -35.37 10.88
C PRO HA 186 2.02 -34.21 10.77
N ILE HA 187 1.29 -33.96 11.86
CA ILE HA 187 0.28 -32.92 11.84
C ILE HA 187 0.90 -31.54 12.04
N GLU HA 188 2.06 -31.46 12.70
CA GLU HA 188 2.63 -30.16 13.04
C GLU HA 188 3.07 -29.41 11.78
N ILE HA 189 3.78 -30.08 10.89
CA ILE HA 189 4.02 -29.50 9.58
C ILE HA 189 2.68 -29.52 8.84
N MET HA 190 2.62 -28.83 7.71
CA MET HA 190 1.38 -28.72 6.93
C MET HA 190 0.30 -27.96 7.71
N ASN HA 191 0.72 -26.85 8.32
CA ASN HA 191 -0.27 -25.98 8.94
C ASN HA 191 -1.07 -25.22 7.88
N THR HA 192 -0.39 -24.69 6.87
CA THR HA 192 -1.06 -23.98 5.79
C THR HA 192 -1.49 -24.90 4.66
N LEU HA 193 -0.94 -26.01 4.56
CA LEU HA 193 -1.34 -26.86 3.45
C LEU HA 193 -2.61 -27.62 3.78
N PRO HA 194 -3.33 -28.10 2.77
CA PRO HA 194 -4.47 -28.97 3.03
C PRO HA 194 -4.01 -30.36 3.46
N ASN HA 195 -4.79 -30.99 4.34
CA ASN HA 195 -4.37 -32.25 4.92
C ASN HA 195 -4.39 -33.39 3.92
N ASP HA 196 -5.23 -33.30 2.89
CA ASP HA 196 -5.25 -34.32 1.86
C ASP HA 196 -4.02 -34.26 0.97
N TRP HA 197 -3.27 -33.17 1.01
CA TRP HA 197 -2.19 -32.95 0.06
C TRP HA 197 -1.01 -33.84 0.39
N ARG HA 198 -0.37 -34.36 -0.66
CA ARG HA 198 0.88 -35.08 -0.56
C ARG HA 198 1.81 -34.64 -1.67
N LEU HA 199 3.09 -34.87 -1.49
CA LEU HA 199 4.09 -34.52 -2.49
C LEU HA 199 3.82 -35.33 -3.75
N PRO HA 200 3.64 -34.70 -4.91
CA PRO HA 200 3.30 -35.46 -6.12
C PRO HA 200 4.51 -36.10 -6.77
N LEU HA 201 4.67 -37.41 -6.60
CA LEU HA 201 5.86 -38.10 -7.07
C LEU HA 201 5.67 -38.81 -8.40
N GLU HA 202 4.52 -38.66 -9.03
CA GLU HA 202 4.28 -39.27 -10.33
C GLU HA 202 4.54 -38.28 -11.46
N LEU HA 203 5.76 -37.73 -11.47
CA LEU HA 203 6.17 -36.81 -12.52
C LEU HA 203 7.63 -37.07 -12.83
N ASP HA 204 8.06 -36.66 -14.03
CA ASP HA 204 9.41 -36.95 -14.45
C ASP HA 204 10.45 -36.25 -13.58
N TYR HA 205 10.15 -35.07 -13.08
CA TYR HA 205 11.02 -34.28 -12.21
C TYR HA 205 12.43 -34.01 -12.74
N PRO HA 206 12.62 -33.70 -14.02
CA PRO HA 206 13.87 -33.06 -14.40
C PRO HA 206 13.63 -31.59 -14.58
N GLY HA 207 12.43 -31.14 -14.18
CA GLY HA 207 11.89 -29.89 -14.66
C GLY HA 207 10.43 -29.97 -15.05
N GLY HA 208 9.74 -31.02 -14.60
CA GLY HA 208 8.32 -31.14 -14.87
C GLY HA 208 7.43 -30.18 -14.12
N LEU HA 209 7.88 -29.68 -12.96
CA LEU HA 209 7.08 -28.77 -12.14
C LEU HA 209 7.18 -27.32 -12.58
N VAL HA 210 7.93 -27.00 -13.63
CA VAL HA 210 8.14 -25.61 -14.00
C VAL HA 210 6.84 -24.96 -14.42
N VAL HA 211 6.70 -23.66 -14.13
CA VAL HA 211 5.44 -22.98 -14.36
C VAL HA 211 5.62 -21.61 -15.01
N THR HA 212 6.83 -21.07 -15.00
CA THR HA 212 7.03 -19.67 -15.34
C THR HA 212 6.84 -19.45 -16.84
N GLY HA 213 5.92 -18.56 -17.19
CA GLY HA 213 5.73 -18.14 -18.57
C GLY HA 213 5.24 -19.21 -19.50
N ARG HA 214 4.63 -20.28 -18.99
CA ARG HA 214 4.36 -21.44 -19.82
C ARG HA 214 3.21 -21.21 -20.79
N LYS HA 215 2.22 -20.42 -20.37
CA LYS HA 215 1.06 -20.03 -21.18
C LYS HA 215 0.12 -21.18 -21.48
N ASP HA 216 0.36 -22.39 -20.97
CA ASP HA 216 -0.62 -23.47 -21.02
C ASP HA 216 -1.00 -23.96 -19.63
N VAL HA 217 -0.69 -23.19 -18.60
CA VAL HA 217 -1.03 -23.52 -17.22
C VAL HA 217 -1.65 -22.30 -16.58
N SER HA 218 -2.59 -22.52 -15.68
CA SER HA 218 -3.31 -21.44 -15.01
C SER HA 218 -2.95 -21.41 -13.52
N ASN HA 219 -3.67 -20.60 -12.75
CA ASN HA 219 -3.36 -20.40 -11.33
C ASN HA 219 -3.47 -21.67 -10.51
N HIS HA 220 -4.20 -22.68 -11.00
CA HIS HA 220 -4.33 -23.94 -10.27
C HIS HA 220 -3.00 -24.70 -10.22
N GLU HA 221 -2.30 -24.76 -11.35
CA GLU HA 221 -0.98 -25.38 -11.38
C GLU HA 221 0.01 -24.61 -10.50
N VAL HA 222 -0.04 -23.28 -10.56
CA VAL HA 222 0.84 -22.48 -9.73
C VAL HA 222 0.58 -22.75 -8.26
N GLU HA 223 -0.68 -22.96 -7.89
CA GLU HA 223 -0.97 -23.24 -6.49
C GLU HA 223 -0.37 -24.57 -6.06
N GLN HA 224 -0.50 -25.61 -6.89
CA GLN HA 224 0.15 -26.87 -6.54
C GLN HA 224 1.65 -26.72 -6.41
N ASN HA 225 2.25 -25.94 -7.31
CA ASN HA 225 3.69 -25.70 -7.24
C ASN HA 225 4.07 -25.05 -5.92
N GLN HA 226 3.32 -24.04 -5.49
CA GLN HA 226 3.67 -23.35 -4.25
C GLN HA 226 3.47 -24.23 -3.04
N PHE HA 227 2.50 -25.14 -3.08
CA PHE HA 227 2.38 -26.14 -2.02
C PHE HA 227 3.65 -26.95 -1.89
N ALA HA 228 4.12 -27.52 -3.00
CA ALA HA 228 5.33 -28.33 -2.93
C ALA HA 228 6.53 -27.51 -2.48
N MET HA 229 6.63 -26.26 -2.93
CA MET HA 229 7.76 -25.43 -2.56
C MET HA 229 7.77 -25.11 -1.08
N TYR HA 230 6.61 -24.80 -0.51
CA TYR HA 230 6.58 -24.57 0.93
C TYR HA 230 6.92 -25.82 1.70
N HIS HA 231 6.53 -26.99 1.20
CA HIS HA 231 6.96 -28.21 1.87
C HIS HA 231 8.47 -28.34 1.89
N MET HA 232 9.11 -28.13 0.73
CA MET HA 232 10.56 -28.15 0.71
C MET HA 232 11.14 -27.10 1.65
N ASN HA 233 10.42 -26.01 1.86
CA ASN HA 233 10.89 -24.98 2.77
C ASN HA 233 10.87 -25.44 4.21
N VAL HA 234 9.80 -26.10 4.63
CA VAL HA 234 9.70 -26.53 6.02
C VAL HA 234 10.65 -27.69 6.29
N SER HA 235 10.81 -28.59 5.32
CA SER HA 235 11.74 -29.69 5.48
C SER HA 235 13.15 -29.18 5.76
N MET HA 236 13.68 -28.36 4.87
CA MET HA 236 14.97 -27.73 5.06
C MET HA 236 14.89 -26.72 6.18
N GLY HA 237 15.94 -26.66 7.00
CA GLY HA 237 15.94 -25.69 8.08
C GLY HA 237 15.95 -24.26 7.57
N GLN HA 238 16.69 -23.99 6.51
CA GLN HA 238 16.89 -22.64 6.01
C GLN HA 238 15.61 -22.10 5.38
N GLY HA 239 15.70 -20.88 4.87
CA GLY HA 239 14.56 -20.20 4.30
C GLY HA 239 14.38 -20.49 2.82
N CYS HA 240 13.61 -19.62 2.17
CA CYS HA 240 13.27 -19.82 0.77
C CYS HA 240 14.36 -19.37 -0.19
N THR HA 241 15.23 -18.43 0.22
CA THR HA 241 16.38 -18.04 -0.58
C THR HA 241 17.52 -19.03 -0.47
N PHE HA 242 17.28 -20.20 0.14
CA PHE HA 242 18.31 -21.21 0.24
C PHE HA 242 18.83 -21.59 -1.14
N CYS HA 243 17.92 -21.73 -2.12
CA CYS HA 243 18.32 -22.27 -3.40
C CYS HA 243 17.63 -21.61 -4.60
N HIS HA 244 17.17 -20.37 -4.48
CA HIS HA 244 16.34 -19.87 -5.57
C HIS HA 244 16.73 -18.54 -6.19
N ASN HA 245 17.28 -17.59 -5.44
CA ASN HA 245 17.60 -16.27 -5.99
C ASN HA 245 16.34 -15.61 -6.56
N ALA HA 246 15.47 -15.21 -5.64
CA ALA HA 246 14.08 -14.87 -5.91
C ALA HA 246 13.89 -13.79 -6.97
N ARG HA 247 14.95 -13.14 -7.46
CA ARG HA 247 14.77 -12.24 -8.61
C ARG HA 247 14.29 -13.00 -9.84
N TYR HA 248 14.90 -14.15 -10.13
CA TYR HA 248 14.47 -15.02 -11.21
C TYR HA 248 14.41 -16.45 -10.69
N PHE HA 249 13.23 -17.03 -10.69
CA PHE HA 249 13.07 -18.36 -10.13
C PHE HA 249 13.61 -19.46 -11.03
N PRO HA 250 13.51 -19.35 -12.37
CA PRO HA 250 14.10 -20.40 -13.21
C PRO HA 250 15.61 -20.39 -13.28
N SER HA 251 16.29 -19.51 -12.55
CA SER HA 251 17.74 -19.46 -12.63
C SER HA 251 18.36 -20.55 -11.76
N TYR HA 252 19.52 -21.03 -12.18
CA TYR HA 252 20.23 -22.10 -11.50
C TYR HA 252 21.57 -21.64 -10.92
N GLU HA 253 21.64 -20.41 -10.41
CA GLU HA 253 22.94 -19.89 -10.02
C GLU HA 253 23.35 -20.29 -8.61
N ILE HA 254 22.40 -20.64 -7.75
CA ILE HA 254 22.76 -20.94 -6.36
C ILE HA 254 23.46 -22.30 -6.26
N ALA HA 255 23.12 -23.23 -7.15
CA ALA HA 255 23.67 -24.58 -7.23
C ALA HA 255 23.23 -25.46 -6.08
N GLN HA 256 22.36 -24.98 -5.21
CA GLN HA 256 21.67 -25.86 -4.28
C GLN HA 256 20.42 -26.45 -4.87
N LYS HA 257 20.12 -26.17 -6.14
CA LYS HA 257 18.99 -26.80 -6.81
C LYS HA 257 19.36 -28.15 -7.38
N ASN HA 258 20.53 -28.25 -8.02
CA ASN HA 258 20.98 -29.53 -8.55
C ASN HA 258 20.88 -30.63 -7.49
N HIS HA 259 21.32 -30.32 -6.28
CA HIS HA 259 21.16 -31.26 -5.18
C HIS HA 259 19.71 -31.61 -4.98
N SER HA 260 18.82 -30.63 -5.13
CA SER HA 260 17.40 -30.91 -4.95
C SER HA 260 16.85 -31.73 -6.11
N ILE HA 261 17.37 -31.56 -7.32
CA ILE HA 261 16.94 -32.41 -8.42
C ILE HA 261 17.35 -33.85 -8.16
N ILE HA 262 18.56 -34.06 -7.66
CA ILE HA 262 18.99 -35.42 -7.35
C ILE HA 262 18.14 -36.02 -6.25
N MET HA 263 17.86 -35.25 -5.19
CA MET HA 263 17.02 -35.75 -4.10
C MET HA 263 15.59 -36.04 -4.57
N LEU HA 264 15.09 -35.26 -5.54
CA LEU HA 264 13.74 -35.50 -6.04
C LEU HA 264 13.68 -36.79 -6.84
N GLN HA 265 14.65 -37.00 -7.73
CA GLN HA 265 14.71 -38.27 -8.44
C GLN HA 265 14.89 -39.43 -7.47
N MET HA 266 15.65 -39.21 -6.40
CA MET HA 266 15.86 -40.27 -5.40
C MET HA 266 14.57 -40.63 -4.69
N THR HA 267 13.80 -39.61 -4.29
CA THR HA 267 12.53 -39.89 -3.62
C THR HA 267 11.56 -40.58 -4.55
N LYS HA 268 11.49 -40.15 -5.81
CA LYS HA 268 10.62 -40.83 -6.75
C LYS HA 268 11.05 -42.27 -6.94
N HIS HA 269 12.35 -42.52 -7.02
CA HIS HA 269 12.82 -43.89 -7.18
C HIS HA 269 12.46 -44.75 -5.98
N ILE HA 270 12.63 -44.21 -4.77
CA ILE HA 270 12.24 -44.95 -3.57
C ILE HA 270 10.79 -45.35 -3.65
N GLN HA 271 9.92 -44.37 -3.91
CA GLN HA 271 8.48 -44.66 -3.91
C GLN HA 271 8.11 -45.67 -4.98
N GLU HA 272 8.68 -45.53 -6.17
CA GLU HA 272 8.26 -46.39 -7.27
C GLU HA 272 8.82 -47.79 -7.15
N THR HA 273 10.03 -47.93 -6.61
CA THR HA 273 10.67 -49.24 -6.62
C THR HA 273 10.35 -50.05 -5.37
N TYR HA 274 10.22 -49.41 -4.21
CA TYR HA 274 10.11 -50.13 -2.95
C TYR HA 274 8.78 -49.98 -2.25
N VAL HA 275 8.15 -48.82 -2.30
CA VAL HA 275 6.89 -48.63 -1.60
C VAL HA 275 5.76 -49.35 -2.33
N ALA HA 276 5.67 -49.17 -3.65
CA ALA HA 276 4.58 -49.73 -4.44
C ALA HA 276 5.09 -50.22 -5.78
N PRO HA 277 5.81 -51.32 -5.80
CA PRO HA 277 6.13 -51.95 -7.09
C PRO HA 277 4.92 -52.74 -7.57
N GLY HA 278 4.20 -52.18 -8.53
CA GLY HA 278 2.97 -52.79 -8.99
C GLY HA 278 1.97 -53.02 -7.87
N GLY HA 279 1.57 -51.94 -7.21
CA GLY HA 279 0.61 -52.05 -6.14
C GLY HA 279 1.25 -52.40 -4.81
N ARG HA 280 0.77 -51.73 -3.76
CA ARG HA 280 1.36 -51.91 -2.43
C ARG HA 280 1.25 -53.36 -1.97
N ILE HA 281 0.15 -54.02 -2.31
CA ILE HA 281 -0.10 -55.36 -1.82
C ILE HA 281 0.95 -56.33 -2.34
N ALA HA 282 1.27 -56.24 -3.62
CA ALA HA 282 2.16 -57.20 -4.27
C ALA HA 282 3.60 -56.73 -4.17
N ASP HA 283 4.42 -57.49 -3.45
CA ASP HA 283 5.88 -57.31 -3.42
C ASP HA 283 6.28 -55.95 -2.86
N GLY HA 284 5.43 -55.36 -2.03
CA GLY HA 284 5.75 -54.10 -1.39
C GLY HA 284 6.29 -54.30 0.01
N ILE HA 285 7.26 -53.47 0.37
CA ILE HA 285 7.74 -53.35 1.75
C ILE HA 285 7.34 -51.97 2.22
N MET HA 286 7.71 -51.62 3.45
CA MET HA 286 7.49 -50.30 4.01
C MET HA 286 6.02 -50.01 4.30
N ALA HA 287 5.12 -50.94 4.02
CA ALA HA 287 3.70 -50.81 4.34
C ALA HA 287 3.09 -49.57 3.70
N GLY HA 288 3.47 -49.27 2.46
CA GLY HA 288 2.90 -48.17 1.73
C GLY HA 288 2.98 -46.82 2.41
N LYS HA 289 4.21 -46.35 2.67
CA LYS HA 289 4.45 -45.04 3.26
C LYS HA 289 5.39 -44.26 2.35
N SER HA 290 4.88 -43.18 1.77
CA SER HA 290 5.67 -42.39 0.85
C SER HA 290 6.75 -41.61 1.60
N PRO HA 291 7.90 -41.35 0.96
CA PRO HA 291 9.05 -40.83 1.73
C PRO HA 291 8.86 -39.41 2.25
N SER HA 292 8.19 -38.54 1.50
CA SER HA 292 7.70 -37.27 2.03
C SER HA 292 8.75 -36.21 2.34
N CYS HA 293 10.03 -36.51 2.17
CA CYS HA 293 11.08 -35.49 2.23
C CYS HA 293 11.30 -34.89 3.61
N TRP HA 294 10.45 -35.22 4.58
CA TRP HA 294 10.61 -34.67 5.93
C TRP HA 294 11.06 -35.71 6.93
N LEU HA 295 10.68 -36.97 6.73
CA LEU HA 295 11.11 -38.01 7.67
C LEU HA 295 12.62 -38.20 7.63
N CYS HA 296 13.25 -37.86 6.51
CA CYS HA 296 14.70 -37.90 6.46
C CYS HA 296 15.32 -36.69 7.13
N HIS HA 297 15.06 -35.49 6.60
CA HIS HA 297 15.79 -34.30 7.04
C HIS HA 297 15.36 -33.84 8.43
N GLN HA 298 14.06 -33.90 8.72
CA GLN HA 298 13.54 -33.62 10.06
C GLN HA 298 13.89 -32.20 10.52
N GLY HA 299 13.73 -31.24 9.63
CA GLY HA 299 13.89 -29.84 9.99
C GLY HA 299 15.27 -29.26 9.79
N ALA HA 300 16.15 -29.93 9.07
CA ALA HA 300 17.50 -29.43 8.87
C ALA HA 300 18.13 -30.10 7.66
N ASN HA 301 18.95 -29.35 6.94
CA ASN HA 301 19.76 -29.95 5.88
C ASN HA 301 20.88 -30.76 6.49
N ILE HA 302 21.34 -31.77 5.76
CA ILE HA 302 22.23 -32.78 6.32
C ILE HA 302 21.54 -33.39 7.55
N PRO HA 303 20.58 -34.28 7.34
CA PRO HA 303 19.75 -34.75 8.44
C PRO HA 303 20.57 -35.30 9.58
N PRO HA 304 20.04 -35.30 10.80
CA PRO HA 304 20.83 -35.74 11.95
C PRO HA 304 21.11 -37.23 11.94
N GLY HA 305 20.17 -38.06 11.45
CA GLY HA 305 20.42 -39.47 11.43
C GLY HA 305 21.53 -39.88 10.48
N ALA HA 306 21.85 -39.01 9.52
CA ALA HA 306 22.84 -39.35 8.51
C ALA HA 306 24.21 -39.55 9.14
N ALA HA 307 24.84 -40.66 8.80
CA ALA HA 307 26.11 -41.03 9.40
C ALA HA 307 27.26 -40.21 8.81
N LYS HA 308 28.24 -39.91 9.65
CA LYS HA 308 29.43 -39.19 9.22
C LYS HA 308 30.27 -40.09 8.31
N PRO HA 309 31.10 -39.48 7.46
CA PRO HA 309 31.85 -40.28 6.47
C PRO HA 309 32.88 -41.17 7.14
N GLY HA 310 32.87 -42.45 6.76
CA GLY HA 310 33.76 -43.42 7.35
C GLY HA 310 33.16 -44.25 8.46
N GLN HA 311 31.87 -44.07 8.76
CA GLN HA 311 31.23 -44.77 9.87
C GLN HA 311 30.16 -45.74 9.40
N VAL HA 312 30.26 -46.22 8.17
CA VAL HA 312 29.25 -47.10 7.58
C VAL HA 312 29.98 -48.25 6.92
N PRO HA 313 29.47 -49.49 7.02
CA PRO HA 313 30.13 -50.63 6.36
C PRO HA 313 30.43 -50.37 4.89
N ALA HA 314 31.46 -51.02 4.35
CA ALA HA 314 31.85 -50.78 2.97
C ALA HA 314 30.73 -51.10 2.00
N VAL HA 315 30.05 -52.23 2.21
CA VAL HA 315 28.97 -52.64 1.30
C VAL HA 315 27.85 -51.62 1.34
N LEU HA 316 27.55 -51.06 2.52
CA LEU HA 316 26.44 -50.14 2.62
C LEU HA 316 26.79 -48.76 2.11
N SER HA 317 28.08 -48.43 2.04
CA SER HA 317 28.50 -47.09 1.67
C SER HA 317 28.44 -46.90 0.15
N SER HA 318 28.68 -45.65 -0.27
CA SER HA 318 28.54 -45.32 -1.68
C SER HA 318 29.68 -45.92 -2.49
N THR HA 319 30.92 -45.69 -2.08
CA THR HA 319 32.06 -46.38 -2.65
C THR HA 319 32.27 -47.66 -1.85
N PRO HA 320 32.05 -48.85 -2.44
CA PRO HA 320 32.14 -50.11 -1.69
C PRO HA 320 33.55 -50.68 -1.66
N SER IA 12 22.98 -5.61 -30.95
CA SER IA 12 23.65 -6.17 -29.77
C SER IA 12 23.95 -5.11 -28.71
N PRO IA 13 24.59 -3.99 -29.07
CA PRO IA 13 24.85 -2.98 -28.04
C PRO IA 13 23.60 -2.23 -27.63
N TRP IA 14 22.59 -2.20 -28.47
CA TRP IA 14 21.46 -1.31 -28.29
C TRP IA 14 20.29 -2.01 -27.60
N PRO IA 15 19.50 -1.26 -26.83
CA PRO IA 15 18.26 -1.82 -26.29
C PRO IA 15 17.30 -2.15 -27.43
N VAL IA 16 16.56 -3.25 -27.26
CA VAL IA 16 15.65 -3.67 -28.31
C VAL IA 16 14.55 -2.64 -28.49
N TRP IA 17 13.85 -2.74 -29.61
CA TRP IA 17 12.59 -2.01 -29.73
C TRP IA 17 11.68 -2.45 -28.60
N SER IA 18 10.75 -1.56 -28.24
CA SER IA 18 9.82 -1.67 -27.12
C SER IA 18 10.49 -1.40 -25.79
N GLY IA 19 11.83 -1.42 -25.75
CA GLY IA 19 12.50 -0.78 -24.65
C GLY IA 19 12.21 0.70 -24.65
N TYR IA 20 12.33 1.32 -25.82
CA TYR IA 20 11.98 2.72 -25.99
C TYR IA 20 10.51 2.96 -25.70
N ALA IA 21 9.61 2.27 -26.39
CA ALA IA 21 8.19 2.53 -26.22
C ALA IA 21 7.75 2.34 -24.77
N LEU IA 22 8.18 1.26 -24.12
CA LEU IA 22 7.64 0.92 -22.81
C LEU IA 22 8.32 1.69 -21.68
N CYS IA 23 9.63 1.98 -21.79
CA CYS IA 23 10.32 2.57 -20.66
C CYS IA 23 10.66 4.04 -20.85
N PHE IA 24 10.82 4.53 -22.08
CA PHE IA 24 11.19 5.92 -22.29
C PHE IA 24 10.03 6.81 -22.71
N VAL IA 25 8.82 6.26 -22.83
CA VAL IA 25 7.62 7.08 -22.85
C VAL IA 25 7.34 7.49 -21.41
N PRO IA 26 7.38 6.58 -20.43
CA PRO IA 26 7.30 7.04 -19.05
C PRO IA 26 8.42 8.01 -18.68
N LEU IA 27 9.66 7.61 -18.86
CA LEU IA 27 10.77 8.38 -18.29
C LEU IA 27 10.88 9.77 -18.89
N ALA IA 28 10.44 9.97 -20.12
CA ALA IA 28 10.43 11.30 -20.71
C ALA IA 28 9.13 12.04 -20.45
N ALA IA 29 8.01 11.33 -20.63
CA ALA IA 29 6.70 11.97 -20.55
C ALA IA 29 6.37 12.42 -19.13
N VAL IA 30 6.74 11.62 -18.13
CA VAL IA 30 6.43 11.97 -16.74
C VAL IA 30 7.27 13.16 -16.30
N ILE IA 31 8.55 13.18 -16.66
CA ILE IA 31 9.40 14.31 -16.26
C ILE IA 31 8.95 15.58 -16.97
N LEU IA 32 8.66 15.49 -18.27
CA LEU IA 32 8.15 16.65 -18.99
C LEU IA 32 6.82 17.12 -18.40
N GLY IA 33 5.94 16.20 -18.07
CA GLY IA 33 4.65 16.58 -17.52
C GLY IA 33 4.80 17.29 -16.19
N PHE IA 34 5.66 16.77 -15.32
CA PHE IA 34 5.88 17.44 -14.06
C PHE IA 34 6.43 18.85 -14.27
N ILE IA 35 7.42 18.99 -15.15
CA ILE IA 35 8.07 20.29 -15.28
C ILE IA 35 7.15 21.30 -15.96
N ILE IA 36 6.19 20.86 -16.77
CA ILE IA 36 5.25 21.80 -17.37
C ILE IA 36 4.12 22.14 -16.39
N ALA IA 37 3.56 21.13 -15.76
CA ALA IA 37 2.44 21.36 -14.84
C ALA IA 37 2.86 22.22 -13.67
N ALA IA 38 4.09 22.05 -13.17
CA ALA IA 38 4.55 22.88 -12.07
C ALA IA 38 4.68 24.34 -12.52
N ARG IA 39 5.20 24.56 -13.71
CA ARG IA 39 5.29 25.93 -14.22
C ARG IA 39 3.92 26.58 -14.25
N PHE IA 40 2.93 25.86 -14.78
CA PHE IA 40 1.62 26.50 -14.95
C PHE IA 40 0.91 26.71 -13.61
N THR IA 41 0.99 25.75 -12.70
CA THR IA 41 0.37 25.95 -11.40
C THR IA 41 1.02 27.11 -10.65
N ASP IA 42 2.35 27.17 -10.66
CA ASP IA 42 3.02 28.25 -9.93
C ASP IA 42 2.75 29.60 -10.57
N LYS IA 43 2.66 29.64 -11.91
CA LYS IA 43 2.31 30.89 -12.57
C LYS IA 43 0.96 31.40 -12.08
N GLN IA 44 -0.07 30.57 -12.21
CA GLN IA 44 -1.39 31.04 -11.84
C GLN IA 44 -1.50 31.36 -10.36
N ALA IA 45 -0.71 30.65 -9.53
CA ALA IA 45 -0.78 30.90 -8.09
C ALA IA 45 -0.12 32.23 -7.72
N THR IA 46 1.09 32.48 -8.21
CA THR IA 46 1.78 33.72 -7.94
C THR IA 46 1.28 34.87 -8.78
N SER IA 47 0.25 34.67 -9.59
CA SER IA 47 -0.35 35.78 -10.33
C SER IA 47 -1.10 36.72 -9.42
N ALA IA 48 -1.74 37.74 -9.99
CA ALA IA 48 -2.41 38.80 -9.25
C ALA IA 48 -3.91 38.59 -9.32
N TYR IA 49 -4.55 38.44 -8.16
CA TYR IA 49 -6.00 38.27 -8.08
C TYR IA 49 -6.45 38.63 -6.67
N LEU IA 50 -7.72 38.36 -6.39
CA LEU IA 50 -8.36 38.84 -5.17
C LEU IA 50 -7.77 38.19 -3.93
N ARG IA 51 -7.37 39.01 -2.97
CA ARG IA 51 -6.91 38.53 -1.68
C ARG IA 51 -7.40 39.48 -0.59
N LEU IA 52 -7.30 39.03 0.66
CA LEU IA 52 -7.58 39.89 1.80
C LEU IA 52 -6.27 40.52 2.27
N ASP IA 53 -6.36 41.74 2.78
CA ASP IA 53 -5.17 42.49 3.16
C ASP IA 53 -4.43 41.80 4.30
N PRO IA 54 -3.10 41.79 4.27
CA PRO IA 54 -2.36 41.29 5.43
C PRO IA 54 -2.50 42.17 6.65
N ALA IA 55 -2.62 43.49 6.44
CA ALA IA 55 -2.65 44.43 7.55
C ALA IA 55 -3.96 44.40 8.33
N LYS IA 56 -5.00 43.78 7.78
CA LYS IA 56 -6.29 43.71 8.47
C LYS IA 56 -6.69 42.29 8.86
N ALA IA 57 -6.76 41.37 7.89
CA ALA IA 57 -7.29 40.05 8.17
C ALA IA 57 -6.45 39.34 9.23
N ASN IA 58 -5.13 39.39 9.09
CA ASN IA 58 -4.25 38.84 10.10
C ASN IA 58 -4.10 39.82 11.25
#